data_3GUQ
# 
_entry.id   3GUQ 
# 
_audit_conform.dict_name       mmcif_pdbx.dic 
_audit_conform.dict_version    5.388 
_audit_conform.dict_location   http://mmcif.pdb.org/dictionaries/ascii/mmcif_pdbx.dic 
# 
loop_
_database_2.database_id 
_database_2.database_code 
_database_2.pdbx_database_accession 
_database_2.pdbx_DOI 
PDB   3GUQ         pdb_00003guq 10.2210/pdb3guq/pdb 
RCSB  RCSB052330   ?            ?                   
WWPDB D_1000052330 ?            ?                   
# 
loop_
_pdbx_audit_revision_history.ordinal 
_pdbx_audit_revision_history.data_content_type 
_pdbx_audit_revision_history.major_revision 
_pdbx_audit_revision_history.minor_revision 
_pdbx_audit_revision_history.revision_date 
1 'Structure model' 1 0 2009-09-22 
2 'Structure model' 1 1 2011-07-13 
3 'Structure model' 1 2 2024-03-20 
# 
_pdbx_audit_revision_details.ordinal             1 
_pdbx_audit_revision_details.revision_ordinal    1 
_pdbx_audit_revision_details.data_content_type   'Structure model' 
_pdbx_audit_revision_details.provider            repository 
_pdbx_audit_revision_details.type                'Initial release' 
_pdbx_audit_revision_details.description         ? 
_pdbx_audit_revision_details.details             ? 
# 
loop_
_pdbx_audit_revision_group.ordinal 
_pdbx_audit_revision_group.revision_ordinal 
_pdbx_audit_revision_group.data_content_type 
_pdbx_audit_revision_group.group 
1 2 'Structure model' Advisory                    
2 2 'Structure model' 'Version format compliance' 
3 3 'Structure model' 'Data collection'           
4 3 'Structure model' 'Database references'       
# 
loop_
_pdbx_audit_revision_category.ordinal 
_pdbx_audit_revision_category.revision_ordinal 
_pdbx_audit_revision_category.data_content_type 
_pdbx_audit_revision_category.category 
1 3 'Structure model' chem_comp_atom     
2 3 'Structure model' chem_comp_bond     
3 3 'Structure model' database_2         
4 3 'Structure model' struct_ref_seq_dif 
# 
loop_
_pdbx_audit_revision_item.ordinal 
_pdbx_audit_revision_item.revision_ordinal 
_pdbx_audit_revision_item.data_content_type 
_pdbx_audit_revision_item.item 
1 3 'Structure model' '_database_2.pdbx_DOI'                
2 3 'Structure model' '_database_2.pdbx_database_accession' 
3 3 'Structure model' '_struct_ref_seq_dif.details'         
# 
_pdbx_database_status.status_code                     REL 
_pdbx_database_status.entry_id                        3GUQ 
_pdbx_database_status.recvd_initial_deposition_date   2009-03-30 
_pdbx_database_status.deposit_site                    RCSB 
_pdbx_database_status.process_site                    PDBJ 
_pdbx_database_status.status_code_sf                  REL 
_pdbx_database_status.status_code_mr                  ? 
_pdbx_database_status.SG_entry                        ? 
_pdbx_database_status.pdb_format_compatible           Y 
_pdbx_database_status.status_code_cs                  ? 
_pdbx_database_status.status_code_nmr_data            ? 
_pdbx_database_status.methods_development_category    ? 
# 
loop_
_audit_author.name 
_audit_author.pdbx_ordinal 
'Tsurumura, T.'  1 
'Tsuge, H.'      2 
'Utsunomiya, H.' 3 
'Kise, D.'       4 
'Kuzuhara, T.'   5 
'Fujiki, H.'     6 
'Suganuma, M.'   7 
# 
_citation.id                        primary 
_citation.title                     'Structural basis for the Helicobacter pylori-carcinogenic TNF-alpha-inducing protein.' 
_citation.journal_abbrev            Biochem.Biophys.Res.Commun. 
_citation.journal_volume            388 
_citation.page_first                193 
_citation.page_last                 198 
_citation.year                      2009 
_citation.journal_id_ASTM           BBRCA9 
_citation.country                   US 
_citation.journal_id_ISSN           0006-291X 
_citation.journal_id_CSD            0146 
_citation.book_publisher            ? 
_citation.pdbx_database_id_PubMed   19643085 
_citation.pdbx_database_id_DOI      10.1016/j.bbrc.2009.07.121 
# 
loop_
_citation_author.citation_id 
_citation_author.name 
_citation_author.ordinal 
_citation_author.identifier_ORCID 
primary 'Tsuge, H.'      1 ? 
primary 'Tsurumura, T.'  2 ? 
primary 'Utsunomiya, H.' 3 ? 
primary 'Kise, D.'       4 ? 
primary 'Kuzuhara, T.'   5 ? 
primary 'Watanabe, T.'   6 ? 
primary 'Fujiki, H.'     7 ? 
primary 'Suganuma, M.'   8 ? 
# 
loop_
_entity.id 
_entity.type 
_entity.src_method 
_entity.pdbx_description 
_entity.formula_weight 
_entity.pdbx_number_of_molecules 
_entity.pdbx_ec 
_entity.pdbx_mutation 
_entity.pdbx_fragment 
_entity.details 
1 polymer man 'Putative uncharacterized protein' 19046.838 1  ? ? 'residues 1-166 (UNP residues 21-192)' ? 
2 water   nat water                              18.015    34 ? ? ?                                      ? 
# 
_entity_name_com.entity_id   1 
_entity_name_com.name        'Novel carcinogenic factor, TNF-a inducing factor' 
# 
_entity_poly.entity_id                      1 
_entity_poly.type                           'polypeptide(L)' 
_entity_poly.nstd_linkage                   no 
_entity_poly.nstd_monomer                   no 
_entity_poly.pdbx_seq_one_letter_code       
;MPNTSQRNSFLQDVPYWMLQNRSEYITQGVDSSHIVDGKKTEEIEKIATKRATIRVAQNIVHKLKEAYLSKTNRIKQKIT
NEMFIQMTQPIYDSLMNVDRLGIYINPNNEEVFALVRARGFDKDALSEGLHKMSLDNQAVSILVAKVEEIFKDSVNYGDV
KVPIAM
;
_entity_poly.pdbx_seq_one_letter_code_can   
;MPNTSQRNSFLQDVPYWMLQNRSEYITQGVDSSHIVDGKKTEEIEKIATKRATIRVAQNIVHKLKEAYLSKTNRIKQKIT
NEMFIQMTQPIYDSLMNVDRLGIYINPNNEEVFALVRARGFDKDALSEGLHKMSLDNQAVSILVAKVEEIFKDSVNYGDV
KVPIAM
;
_entity_poly.pdbx_strand_id                 A 
_entity_poly.pdbx_target_identifier         ? 
# 
_pdbx_entity_nonpoly.entity_id   2 
_pdbx_entity_nonpoly.name        water 
_pdbx_entity_nonpoly.comp_id     HOH 
# 
loop_
_entity_poly_seq.entity_id 
_entity_poly_seq.num 
_entity_poly_seq.mon_id 
_entity_poly_seq.hetero 
1 1   MET n 
1 2   PRO n 
1 3   ASN n 
1 4   THR n 
1 5   SER n 
1 6   GLN n 
1 7   ARG n 
1 8   ASN n 
1 9   SER n 
1 10  PHE n 
1 11  LEU n 
1 12  GLN n 
1 13  ASP n 
1 14  VAL n 
1 15  PRO n 
1 16  TYR n 
1 17  TRP n 
1 18  MET n 
1 19  LEU n 
1 20  GLN n 
1 21  ASN n 
1 22  ARG n 
1 23  SER n 
1 24  GLU n 
1 25  TYR n 
1 26  ILE n 
1 27  THR n 
1 28  GLN n 
1 29  GLY n 
1 30  VAL n 
1 31  ASP n 
1 32  SER n 
1 33  SER n 
1 34  HIS n 
1 35  ILE n 
1 36  VAL n 
1 37  ASP n 
1 38  GLY n 
1 39  LYS n 
1 40  LYS n 
1 41  THR n 
1 42  GLU n 
1 43  GLU n 
1 44  ILE n 
1 45  GLU n 
1 46  LYS n 
1 47  ILE n 
1 48  ALA n 
1 49  THR n 
1 50  LYS n 
1 51  ARG n 
1 52  ALA n 
1 53  THR n 
1 54  ILE n 
1 55  ARG n 
1 56  VAL n 
1 57  ALA n 
1 58  GLN n 
1 59  ASN n 
1 60  ILE n 
1 61  VAL n 
1 62  HIS n 
1 63  LYS n 
1 64  LEU n 
1 65  LYS n 
1 66  GLU n 
1 67  ALA n 
1 68  TYR n 
1 69  LEU n 
1 70  SER n 
1 71  LYS n 
1 72  THR n 
1 73  ASN n 
1 74  ARG n 
1 75  ILE n 
1 76  LYS n 
1 77  GLN n 
1 78  LYS n 
1 79  ILE n 
1 80  THR n 
1 81  ASN n 
1 82  GLU n 
1 83  MET n 
1 84  PHE n 
1 85  ILE n 
1 86  GLN n 
1 87  MET n 
1 88  THR n 
1 89  GLN n 
1 90  PRO n 
1 91  ILE n 
1 92  TYR n 
1 93  ASP n 
1 94  SER n 
1 95  LEU n 
1 96  MET n 
1 97  ASN n 
1 98  VAL n 
1 99  ASP n 
1 100 ARG n 
1 101 LEU n 
1 102 GLY n 
1 103 ILE n 
1 104 TYR n 
1 105 ILE n 
1 106 ASN n 
1 107 PRO n 
1 108 ASN n 
1 109 ASN n 
1 110 GLU n 
1 111 GLU n 
1 112 VAL n 
1 113 PHE n 
1 114 ALA n 
1 115 LEU n 
1 116 VAL n 
1 117 ARG n 
1 118 ALA n 
1 119 ARG n 
1 120 GLY n 
1 121 PHE n 
1 122 ASP n 
1 123 LYS n 
1 124 ASP n 
1 125 ALA n 
1 126 LEU n 
1 127 SER n 
1 128 GLU n 
1 129 GLY n 
1 130 LEU n 
1 131 HIS n 
1 132 LYS n 
1 133 MET n 
1 134 SER n 
1 135 LEU n 
1 136 ASP n 
1 137 ASN n 
1 138 GLN n 
1 139 ALA n 
1 140 VAL n 
1 141 SER n 
1 142 ILE n 
1 143 LEU n 
1 144 VAL n 
1 145 ALA n 
1 146 LYS n 
1 147 VAL n 
1 148 GLU n 
1 149 GLU n 
1 150 ILE n 
1 151 PHE n 
1 152 LYS n 
1 153 ASP n 
1 154 SER n 
1 155 VAL n 
1 156 ASN n 
1 157 TYR n 
1 158 GLY n 
1 159 ASP n 
1 160 VAL n 
1 161 LYS n 
1 162 VAL n 
1 163 PRO n 
1 164 ILE n 
1 165 ALA n 
1 166 MET n 
# 
_entity_src_gen.entity_id                          1 
_entity_src_gen.pdbx_src_id                        1 
_entity_src_gen.pdbx_alt_source_flag               sample 
_entity_src_gen.pdbx_seq_type                      ? 
_entity_src_gen.pdbx_beg_seq_num                   ? 
_entity_src_gen.pdbx_end_seq_num                   ? 
_entity_src_gen.gene_src_common_name               'Campylobacter pylori' 
_entity_src_gen.gene_src_genus                     ? 
_entity_src_gen.pdbx_gene_src_gene                 'HP0596, HP_0596' 
_entity_src_gen.gene_src_species                   ? 
_entity_src_gen.gene_src_strain                    ? 
_entity_src_gen.gene_src_tissue                    ? 
_entity_src_gen.gene_src_tissue_fraction           ? 
_entity_src_gen.gene_src_details                   ? 
_entity_src_gen.pdbx_gene_src_fragment             ? 
_entity_src_gen.pdbx_gene_src_scientific_name      'Helicobacter pylori' 
_entity_src_gen.pdbx_gene_src_ncbi_taxonomy_id     210 
_entity_src_gen.pdbx_gene_src_variant              ? 
_entity_src_gen.pdbx_gene_src_cell_line            ? 
_entity_src_gen.pdbx_gene_src_atcc                 ? 
_entity_src_gen.pdbx_gene_src_organ                ? 
_entity_src_gen.pdbx_gene_src_organelle            ? 
_entity_src_gen.pdbx_gene_src_cell                 ? 
_entity_src_gen.pdbx_gene_src_cellular_location    ? 
_entity_src_gen.host_org_common_name               ? 
_entity_src_gen.pdbx_host_org_scientific_name      'Escherichia coli' 
_entity_src_gen.pdbx_host_org_ncbi_taxonomy_id     562 
_entity_src_gen.host_org_genus                     ? 
_entity_src_gen.pdbx_host_org_gene                 ? 
_entity_src_gen.pdbx_host_org_organ                ? 
_entity_src_gen.host_org_species                   ? 
_entity_src_gen.pdbx_host_org_tissue               ? 
_entity_src_gen.pdbx_host_org_tissue_fraction      ? 
_entity_src_gen.pdbx_host_org_strain               'BL21 DE3' 
_entity_src_gen.pdbx_host_org_variant              ? 
_entity_src_gen.pdbx_host_org_cell_line            ? 
_entity_src_gen.pdbx_host_org_atcc                 ? 
_entity_src_gen.pdbx_host_org_culture_collection   ? 
_entity_src_gen.pdbx_host_org_cell                 ? 
_entity_src_gen.pdbx_host_org_organelle            ? 
_entity_src_gen.pdbx_host_org_cellular_location    ? 
_entity_src_gen.pdbx_host_org_vector_type          Plasmid 
_entity_src_gen.pdbx_host_org_vector               ? 
_entity_src_gen.host_org_details                   ? 
_entity_src_gen.expression_system_id               ? 
_entity_src_gen.plasmid_name                       'pET28(a)' 
_entity_src_gen.plasmid_details                    ? 
_entity_src_gen.pdbx_description                   ? 
# 
loop_
_chem_comp.id 
_chem_comp.type 
_chem_comp.mon_nstd_flag 
_chem_comp.name 
_chem_comp.pdbx_synonyms 
_chem_comp.formula 
_chem_comp.formula_weight 
ALA 'L-peptide linking' y ALANINE         ? 'C3 H7 N O2'     89.093  
ARG 'L-peptide linking' y ARGININE        ? 'C6 H15 N4 O2 1' 175.209 
ASN 'L-peptide linking' y ASPARAGINE      ? 'C4 H8 N2 O3'    132.118 
ASP 'L-peptide linking' y 'ASPARTIC ACID' ? 'C4 H7 N O4'     133.103 
CYS 'L-peptide linking' y CYSTEINE        ? 'C3 H7 N O2 S'   121.158 
GLN 'L-peptide linking' y GLUTAMINE       ? 'C5 H10 N2 O3'   146.144 
GLU 'L-peptide linking' y 'GLUTAMIC ACID' ? 'C5 H9 N O4'     147.129 
GLY 'peptide linking'   y GLYCINE         ? 'C2 H5 N O2'     75.067  
HIS 'L-peptide linking' y HISTIDINE       ? 'C6 H10 N3 O2 1' 156.162 
HOH non-polymer         . WATER           ? 'H2 O'           18.015  
ILE 'L-peptide linking' y ISOLEUCINE      ? 'C6 H13 N O2'    131.173 
LEU 'L-peptide linking' y LEUCINE         ? 'C6 H13 N O2'    131.173 
LYS 'L-peptide linking' y LYSINE          ? 'C6 H15 N2 O2 1' 147.195 
MET 'L-peptide linking' y METHIONINE      ? 'C5 H11 N O2 S'  149.211 
PHE 'L-peptide linking' y PHENYLALANINE   ? 'C9 H11 N O2'    165.189 
PRO 'L-peptide linking' y PROLINE         ? 'C5 H9 N O2'     115.130 
SER 'L-peptide linking' y SERINE          ? 'C3 H7 N O3'     105.093 
THR 'L-peptide linking' y THREONINE       ? 'C4 H9 N O3'     119.119 
TRP 'L-peptide linking' y TRYPTOPHAN      ? 'C11 H12 N2 O2'  204.225 
TYR 'L-peptide linking' y TYROSINE        ? 'C9 H11 N O3'    181.189 
VAL 'L-peptide linking' y VALINE          ? 'C5 H11 N O2'    117.146 
# 
loop_
_pdbx_poly_seq_scheme.asym_id 
_pdbx_poly_seq_scheme.entity_id 
_pdbx_poly_seq_scheme.seq_id 
_pdbx_poly_seq_scheme.mon_id 
_pdbx_poly_seq_scheme.ndb_seq_num 
_pdbx_poly_seq_scheme.pdb_seq_num 
_pdbx_poly_seq_scheme.auth_seq_num 
_pdbx_poly_seq_scheme.pdb_mon_id 
_pdbx_poly_seq_scheme.auth_mon_id 
_pdbx_poly_seq_scheme.pdb_strand_id 
_pdbx_poly_seq_scheme.pdb_ins_code 
_pdbx_poly_seq_scheme.hetero 
A 1 1   MET 1   7   ?   ?   ?   A . n 
A 1 2   PRO 2   8   ?   ?   ?   A . n 
A 1 3   ASN 3   9   ?   ?   ?   A . n 
A 1 4   THR 4   10  ?   ?   ?   A . n 
A 1 5   SER 5   11  ?   ?   ?   A . n 
A 1 6   GLN 6   12  ?   ?   ?   A . n 
A 1 7   ARG 7   13  ?   ?   ?   A . n 
A 1 8   ASN 8   14  ?   ?   ?   A . n 
A 1 9   SER 9   15  ?   ?   ?   A . n 
A 1 10  PHE 10  16  ?   ?   ?   A . n 
A 1 11  LEU 11  17  ?   ?   ?   A . n 
A 1 12  GLN 12  18  ?   ?   ?   A . n 
A 1 13  ASP 13  19  19  ASP ASP A . n 
A 1 14  VAL 14  20  20  VAL VAL A . n 
A 1 15  PRO 15  21  21  PRO PRO A . n 
A 1 16  TYR 16  22  22  TYR TYR A . n 
A 1 17  TRP 17  23  23  TRP TRP A . n 
A 1 18  MET 18  24  24  MET MET A . n 
A 1 19  LEU 19  25  25  LEU LEU A . n 
A 1 20  GLN 20  26  26  GLN GLN A . n 
A 1 21  ASN 21  27  27  ASN ASN A . n 
A 1 22  ARG 22  28  28  ARG ARG A . n 
A 1 23  SER 23  29  29  SER SER A . n 
A 1 24  GLU 24  30  30  GLU GLU A . n 
A 1 25  TYR 25  31  31  TYR TYR A . n 
A 1 26  ILE 26  32  32  ILE ILE A . n 
A 1 27  THR 27  33  33  THR THR A . n 
A 1 28  GLN 28  34  34  GLN GLN A . n 
A 1 29  GLY 29  35  35  GLY GLY A . n 
A 1 30  VAL 30  36  36  VAL VAL A . n 
A 1 31  ASP 31  37  37  ASP ASP A . n 
A 1 32  SER 32  38  38  SER SER A . n 
A 1 33  SER 33  39  39  SER SER A . n 
A 1 34  HIS 34  40  40  HIS HIS A . n 
A 1 35  ILE 35  41  41  ILE ILE A . n 
A 1 36  VAL 36  42  42  VAL VAL A . n 
A 1 37  ASP 37  43  43  ASP ASP A . n 
A 1 38  GLY 38  44  44  GLY GLY A . n 
A 1 39  LYS 39  45  45  LYS LYS A . n 
A 1 40  LYS 40  46  46  LYS LYS A . n 
A 1 41  THR 41  47  47  THR THR A . n 
A 1 42  GLU 42  48  48  GLU GLU A . n 
A 1 43  GLU 43  49  49  GLU GLU A . n 
A 1 44  ILE 44  50  50  ILE ILE A . n 
A 1 45  GLU 45  51  51  GLU GLU A . n 
A 1 46  LYS 46  52  52  LYS LYS A . n 
A 1 47  ILE 47  53  53  ILE ILE A . n 
A 1 48  ALA 48  54  54  ALA ALA A . n 
A 1 49  THR 49  55  55  THR THR A . n 
A 1 50  LYS 50  56  56  LYS LYS A . n 
A 1 51  ARG 51  57  57  ARG ARG A . n 
A 1 52  ALA 52  58  58  ALA ALA A . n 
A 1 53  THR 53  59  59  THR THR A . n 
A 1 54  ILE 54  60  60  ILE ILE A . n 
A 1 55  ARG 55  61  61  ARG ARG A . n 
A 1 56  VAL 56  62  62  VAL VAL A . n 
A 1 57  ALA 57  63  63  ALA ALA A . n 
A 1 58  GLN 58  64  64  GLN GLN A . n 
A 1 59  ASN 59  65  65  ASN ASN A . n 
A 1 60  ILE 60  66  66  ILE ILE A . n 
A 1 61  VAL 61  67  67  VAL VAL A . n 
A 1 62  HIS 62  68  68  HIS HIS A . n 
A 1 63  LYS 63  69  69  LYS LYS A . n 
A 1 64  LEU 64  70  70  LEU LEU A . n 
A 1 65  LYS 65  71  71  LYS LYS A . n 
A 1 66  GLU 66  72  72  GLU GLU A . n 
A 1 67  ALA 67  73  73  ALA ALA A . n 
A 1 68  TYR 68  74  74  TYR TYR A . n 
A 1 69  LEU 69  75  75  LEU LEU A . n 
A 1 70  SER 70  76  76  SER SER A . n 
A 1 71  LYS 71  77  77  LYS LYS A . n 
A 1 72  THR 72  78  78  THR THR A . n 
A 1 73  ASN 73  79  79  ASN ASN A . n 
A 1 74  ARG 74  80  80  ARG ARG A . n 
A 1 75  ILE 75  81  81  ILE ILE A . n 
A 1 76  LYS 76  82  82  LYS LYS A . n 
A 1 77  GLN 77  83  83  GLN GLN A . n 
A 1 78  LYS 78  84  84  LYS LYS A . n 
A 1 79  ILE 79  85  85  ILE ILE A . n 
A 1 80  THR 80  86  86  THR THR A . n 
A 1 81  ASN 81  87  87  ASN ASN A . n 
A 1 82  GLU 82  88  88  GLU GLU A . n 
A 1 83  MET 83  89  89  MET MET A . n 
A 1 84  PHE 84  90  90  PHE PHE A . n 
A 1 85  ILE 85  91  91  ILE ILE A . n 
A 1 86  GLN 86  92  92  GLN GLN A . n 
A 1 87  MET 87  93  93  MET MET A . n 
A 1 88  THR 88  94  94  THR THR A . n 
A 1 89  GLN 89  95  95  GLN GLN A . n 
A 1 90  PRO 90  96  96  PRO PRO A . n 
A 1 91  ILE 91  97  97  ILE ILE A . n 
A 1 92  TYR 92  98  98  TYR TYR A . n 
A 1 93  ASP 93  99  99  ASP ASP A . n 
A 1 94  SER 94  100 100 SER SER A . n 
A 1 95  LEU 95  101 101 LEU LEU A . n 
A 1 96  MET 96  102 102 MET MET A . n 
A 1 97  ASN 97  103 103 ASN ASN A . n 
A 1 98  VAL 98  104 104 VAL VAL A . n 
A 1 99  ASP 99  105 105 ASP ASP A . n 
A 1 100 ARG 100 106 106 ARG ARG A . n 
A 1 101 LEU 101 107 107 LEU LEU A . n 
A 1 102 GLY 102 108 108 GLY GLY A . n 
A 1 103 ILE 103 109 109 ILE ILE A . n 
A 1 104 TYR 104 110 110 TYR TYR A . n 
A 1 105 ILE 105 111 111 ILE ILE A . n 
A 1 106 ASN 106 112 112 ASN ASN A . n 
A 1 107 PRO 107 113 113 PRO PRO A . n 
A 1 108 ASN 108 114 114 ASN ASN A . n 
A 1 109 ASN 109 115 115 ASN ASN A . n 
A 1 110 GLU 110 116 116 GLU GLU A . n 
A 1 111 GLU 111 117 117 GLU GLU A . n 
A 1 112 VAL 112 118 118 VAL VAL A . n 
A 1 113 PHE 113 119 119 PHE PHE A . n 
A 1 114 ALA 114 120 120 ALA ALA A . n 
A 1 115 LEU 115 121 121 LEU LEU A . n 
A 1 116 VAL 116 122 122 VAL VAL A . n 
A 1 117 ARG 117 123 123 ARG ARG A . n 
A 1 118 ALA 118 124 124 ALA ALA A . n 
A 1 119 ARG 119 125 125 ARG ARG A . n 
A 1 120 GLY 120 126 126 GLY GLY A . n 
A 1 121 PHE 121 127 127 PHE PHE A . n 
A 1 122 ASP 122 128 128 ASP ASP A . n 
A 1 123 LYS 123 129 129 LYS LYS A . n 
A 1 124 ASP 124 130 130 ASP ASP A . n 
A 1 125 ALA 125 131 131 ALA ALA A . n 
A 1 126 LEU 126 132 132 LEU LEU A . n 
A 1 127 SER 127 133 133 SER SER A . n 
A 1 128 GLU 128 134 134 GLU GLU A . n 
A 1 129 GLY 129 135 135 GLY GLY A . n 
A 1 130 LEU 130 136 136 LEU LEU A . n 
A 1 131 HIS 131 137 137 HIS HIS A . n 
A 1 132 LYS 132 138 138 LYS LYS A . n 
A 1 133 MET 133 139 139 MET MET A . n 
A 1 134 SER 134 140 140 SER SER A . n 
A 1 135 LEU 135 141 141 LEU LEU A . n 
A 1 136 ASP 136 142 142 ASP ASP A . n 
A 1 137 ASN 137 143 143 ASN ASN A . n 
A 1 138 GLN 138 144 144 GLN GLN A . n 
A 1 139 ALA 139 145 145 ALA ALA A . n 
A 1 140 VAL 140 146 146 VAL VAL A . n 
A 1 141 SER 141 147 147 SER SER A . n 
A 1 142 ILE 142 148 148 ILE ILE A . n 
A 1 143 LEU 143 149 149 LEU LEU A . n 
A 1 144 VAL 144 150 150 VAL VAL A . n 
A 1 145 ALA 145 151 151 ALA ALA A . n 
A 1 146 LYS 146 152 152 LYS LYS A . n 
A 1 147 VAL 147 153 153 VAL VAL A . n 
A 1 148 GLU 148 154 154 GLU GLU A . n 
A 1 149 GLU 149 155 155 GLU GLU A . n 
A 1 150 ILE 150 156 156 ILE ILE A . n 
A 1 151 PHE 151 157 157 PHE PHE A . n 
A 1 152 LYS 152 158 158 LYS LYS A . n 
A 1 153 ASP 153 159 159 ASP ASP A . n 
A 1 154 SER 154 160 160 SER SER A . n 
A 1 155 VAL 155 161 ?   ?   ?   A . n 
A 1 156 ASN 156 162 ?   ?   ?   A . n 
A 1 157 TYR 157 163 ?   ?   ?   A . n 
A 1 158 GLY 158 164 ?   ?   ?   A . n 
A 1 159 ASP 159 165 ?   ?   ?   A . n 
A 1 160 VAL 160 166 ?   ?   ?   A . n 
A 1 161 LYS 161 167 ?   ?   ?   A . n 
A 1 162 VAL 162 168 ?   ?   ?   A . n 
A 1 163 PRO 163 169 ?   ?   ?   A . n 
A 1 164 ILE 164 170 ?   ?   ?   A . n 
A 1 165 ALA 165 171 ?   ?   ?   A . n 
A 1 166 MET 166 172 ?   ?   ?   A . n 
# 
loop_
_pdbx_nonpoly_scheme.asym_id 
_pdbx_nonpoly_scheme.entity_id 
_pdbx_nonpoly_scheme.mon_id 
_pdbx_nonpoly_scheme.ndb_seq_num 
_pdbx_nonpoly_scheme.pdb_seq_num 
_pdbx_nonpoly_scheme.auth_seq_num 
_pdbx_nonpoly_scheme.pdb_mon_id 
_pdbx_nonpoly_scheme.auth_mon_id 
_pdbx_nonpoly_scheme.pdb_strand_id 
_pdbx_nonpoly_scheme.pdb_ins_code 
B 2 HOH 1  1   1  HOH HOH A . 
B 2 HOH 2  2   2  HOH HOH A . 
B 2 HOH 3  3   3  HOH HOH A . 
B 2 HOH 4  4   4  HOH HOH A . 
B 2 HOH 5  5   5  HOH HOH A . 
B 2 HOH 6  6   6  HOH HOH A . 
B 2 HOH 7  173 8  HOH HOH A . 
B 2 HOH 8  174 9  HOH HOH A . 
B 2 HOH 9  175 10 HOH HOH A . 
B 2 HOH 10 176 11 HOH HOH A . 
B 2 HOH 11 177 13 HOH HOH A . 
B 2 HOH 12 178 14 HOH HOH A . 
B 2 HOH 13 179 15 HOH HOH A . 
B 2 HOH 14 180 16 HOH HOH A . 
B 2 HOH 15 181 17 HOH HOH A . 
B 2 HOH 16 182 18 HOH HOH A . 
B 2 HOH 17 183 19 HOH HOH A . 
B 2 HOH 18 184 20 HOH HOH A . 
B 2 HOH 19 185 22 HOH HOH A . 
B 2 HOH 20 186 23 HOH HOH A . 
B 2 HOH 21 187 24 HOH HOH A . 
B 2 HOH 22 188 25 HOH HOH A . 
B 2 HOH 23 189 26 HOH HOH A . 
B 2 HOH 24 190 27 HOH HOH A . 
B 2 HOH 25 191 28 HOH HOH A . 
B 2 HOH 26 192 29 HOH HOH A . 
B 2 HOH 27 193 30 HOH HOH A . 
B 2 HOH 28 194 31 HOH HOH A . 
B 2 HOH 29 195 32 HOH HOH A . 
B 2 HOH 30 196 35 HOH HOH A . 
B 2 HOH 31 197 37 HOH HOH A . 
B 2 HOH 32 198 39 HOH HOH A . 
B 2 HOH 33 199 40 HOH HOH A . 
B 2 HOH 34 200 42 HOH HOH A . 
# 
_pdbx_unobs_or_zero_occ_atoms.id               1 
_pdbx_unobs_or_zero_occ_atoms.PDB_model_num    1 
_pdbx_unobs_or_zero_occ_atoms.polymer_flag     Y 
_pdbx_unobs_or_zero_occ_atoms.occupancy_flag   1 
_pdbx_unobs_or_zero_occ_atoms.auth_asym_id     A 
_pdbx_unobs_or_zero_occ_atoms.auth_comp_id     SER 
_pdbx_unobs_or_zero_occ_atoms.auth_seq_id      160 
_pdbx_unobs_or_zero_occ_atoms.PDB_ins_code     ? 
_pdbx_unobs_or_zero_occ_atoms.auth_atom_id     O 
_pdbx_unobs_or_zero_occ_atoms.label_alt_id     ? 
_pdbx_unobs_or_zero_occ_atoms.label_asym_id    A 
_pdbx_unobs_or_zero_occ_atoms.label_comp_id    SER 
_pdbx_unobs_or_zero_occ_atoms.label_seq_id     154 
_pdbx_unobs_or_zero_occ_atoms.label_atom_id    O 
# 
loop_
_software.name 
_software.classification 
_software.version 
_software.citation_id 
_software.pdbx_ordinal 
HKL-2000 'data collection' .      ? 1 
SOLVE    phasing           .      ? 2 
REFMAC   refinement        5.1.24 ? 3 
HKL-2000 'data reduction'  .      ? 4 
HKL-2000 'data scaling'    .      ? 5 
# 
_cell.entry_id           3GUQ 
_cell.length_a           69.518 
_cell.length_b           69.518 
_cell.length_c           69.161 
_cell.angle_alpha        90.00 
_cell.angle_beta         90.00 
_cell.angle_gamma        120.00 
_cell.Z_PDB              6 
_cell.pdbx_unique_axis   ? 
# 
_symmetry.entry_id                         3GUQ 
_symmetry.space_group_name_H-M             'P 32 2 1' 
_symmetry.pdbx_full_space_group_name_H-M   ? 
_symmetry.cell_setting                     ? 
_symmetry.Int_Tables_number                154 
# 
_exptl.entry_id          3GUQ 
_exptl.method            'X-RAY DIFFRACTION' 
_exptl.crystals_number   1 
# 
_exptl_crystal.id                    1 
_exptl_crystal.density_meas          ? 
_exptl_crystal.density_Matthews      2.53 
_exptl_crystal.density_percent_sol   51.44 
_exptl_crystal.description           ? 
_exptl_crystal.F_000                 ? 
_exptl_crystal.preparation           ? 
# 
_exptl_crystal_grow.crystal_id      1 
_exptl_crystal_grow.method          'VAPOR DIFFUSION, HANGING DROP' 
_exptl_crystal_grow.temp            277 
_exptl_crystal_grow.temp_details    ? 
_exptl_crystal_grow.pH              7.5 
_exptl_crystal_grow.pdbx_details    '10% PEG 6000, 5% MPD, 0.1M HEPES (pH 7.5), VAPOR DIFFUSION, HANGING DROP, temperature 277K' 
_exptl_crystal_grow.pdbx_pH_range   . 
# 
_diffrn.id                     1 
_diffrn.ambient_temp           100 
_diffrn.ambient_temp_details   ? 
_diffrn.crystal_id             1 
# 
_diffrn_detector.diffrn_id              1 
_diffrn_detector.detector               CCD 
_diffrn_detector.type                   'ADSC QUANTUM 315' 
_diffrn_detector.pdbx_collection_date   2004-10-22 
_diffrn_detector.details                ? 
# 
_diffrn_radiation.diffrn_id                        1 
_diffrn_radiation.wavelength_id                    1 
_diffrn_radiation.pdbx_monochromatic_or_laue_m_l   M 
_diffrn_radiation.monochromator                    ? 
_diffrn_radiation.pdbx_diffrn_protocol             'SINGLE WAVELENGTH' 
_diffrn_radiation.pdbx_scattering_type             x-ray 
# 
_diffrn_radiation_wavelength.id           1 
_diffrn_radiation_wavelength.wavelength   . 
_diffrn_radiation_wavelength.wt           1.0 
# 
_diffrn_source.diffrn_id                   1 
_diffrn_source.source                      SYNCHROTRON 
_diffrn_source.type                        'PHOTON FACTORY BEAMLINE BL-5A' 
_diffrn_source.pdbx_synchrotron_site       'Photon Factory' 
_diffrn_source.pdbx_synchrotron_beamline   BL-5A 
_diffrn_source.pdbx_wavelength             ? 
_diffrn_source.pdbx_wavelength_list        ? 
# 
_reflns.entry_id                     3GUQ 
_reflns.observed_criterion_sigma_I   1.0 
_reflns.observed_criterion_sigma_F   ? 
_reflns.d_resolution_low             50.0 
_reflns.d_resolution_high            2.47 
_reflns.number_obs                   7038 
_reflns.number_all                   7160 
_reflns.percent_possible_obs         98.3 
_reflns.pdbx_Rmerge_I_obs            ? 
_reflns.pdbx_Rsym_value              0.061 
_reflns.pdbx_netI_over_sigmaI        21.3 
_reflns.B_iso_Wilson_estimate        70.382 
_reflns.pdbx_redundancy              7.0 
_reflns.R_free_details               ? 
_reflns.limit_h_max                  ? 
_reflns.limit_h_min                  ? 
_reflns.limit_k_max                  ? 
_reflns.limit_k_min                  ? 
_reflns.limit_l_max                  ? 
_reflns.limit_l_min                  ? 
_reflns.observed_criterion_F_max     ? 
_reflns.observed_criterion_F_min     ? 
_reflns.pdbx_chi_squared             ? 
_reflns.pdbx_scaling_rejects         ? 
_reflns.pdbx_ordinal                 1 
_reflns.pdbx_diffrn_id               1 
# 
_reflns_shell.d_res_high             2.47 
_reflns_shell.d_res_low              2.60 
_reflns_shell.percent_possible_all   100 
_reflns_shell.Rmerge_I_obs           ? 
_reflns_shell.pdbx_Rsym_value        0.133 
_reflns_shell.meanI_over_sigI_obs    ? 
_reflns_shell.pdbx_redundancy        7.3 
_reflns_shell.percent_possible_obs   ? 
_reflns_shell.number_unique_all      1006 
_reflns_shell.number_measured_all    ? 
_reflns_shell.number_measured_obs    ? 
_reflns_shell.number_unique_obs      ? 
_reflns_shell.pdbx_chi_squared       ? 
_reflns_shell.pdbx_ordinal           1 
_reflns_shell.pdbx_diffrn_id         1 
# 
_refine.entry_id                                 3GUQ 
_refine.ls_number_reflns_obs                     6779 
_refine.ls_number_reflns_all                     ? 
_refine.pdbx_ls_sigma_I                          ? 
_refine.pdbx_ls_sigma_F                          ? 
_refine.pdbx_data_cutoff_high_absF               ? 
_refine.pdbx_data_cutoff_low_absF                ? 
_refine.pdbx_data_cutoff_high_rms_absF           ? 
_refine.ls_d_res_low                             45.64 
_refine.ls_d_res_high                            2.47 
_refine.ls_percent_reflns_obs                    98.12 
_refine.ls_R_factor_obs                          0.22897 
_refine.ls_R_factor_all                          ? 
_refine.ls_R_factor_R_work                       0.22641 
_refine.ls_R_factor_R_free                       0.28090 
_refine.ls_R_factor_R_free_error                 ? 
_refine.ls_R_factor_R_free_error_details         ? 
_refine.ls_percent_reflns_R_free                 4.5 
_refine.ls_number_reflns_R_free                  322 
_refine.ls_number_parameters                     ? 
_refine.ls_number_restraints                     ? 
_refine.occupancy_min                            ? 
_refine.occupancy_max                            ? 
_refine.correlation_coeff_Fo_to_Fc               0.933 
_refine.correlation_coeff_Fo_to_Fc_free          0.901 
_refine.B_iso_mean                               39.455 
_refine.aniso_B[1][1]                            2.28 
_refine.aniso_B[2][2]                            2.28 
_refine.aniso_B[3][3]                            -3.41 
_refine.aniso_B[1][2]                            1.14 
_refine.aniso_B[1][3]                            0.00 
_refine.aniso_B[2][3]                            0.00 
_refine.solvent_model_details                    'BABINET MODEL WITH MASK' 
_refine.solvent_model_param_ksol                 ? 
_refine.solvent_model_param_bsol                 ? 
_refine.pdbx_solvent_vdw_probe_radii             1.40 
_refine.pdbx_solvent_ion_probe_radii             0.80 
_refine.pdbx_solvent_shrinkage_radii             0.80 
_refine.pdbx_ls_cross_valid_method               THROUGHOUT 
_refine.details                                  'HYDROGENS HAVE BEEN ADDED IN THE RIDING POSITIONS' 
_refine.pdbx_starting_model                      ? 
_refine.pdbx_method_to_determine_struct          MIR 
_refine.pdbx_isotropic_thermal_model             ? 
_refine.pdbx_stereochemistry_target_values       'MAXIMUM LIKELIHOOD' 
_refine.pdbx_stereochem_target_val_spec_case     ? 
_refine.pdbx_R_Free_selection_details            RANDOM 
_refine.pdbx_overall_ESU_R                       0.432 
_refine.pdbx_overall_ESU_R_Free                  0.296 
_refine.overall_SU_ML                            0.204 
_refine.overall_SU_B                             8.670 
_refine.ls_redundancy_reflns_obs                 ? 
_refine.B_iso_min                                ? 
_refine.B_iso_max                                ? 
_refine.overall_SU_R_Cruickshank_DPI             ? 
_refine.overall_SU_R_free                        ? 
_refine.ls_wR_factor_R_free                      ? 
_refine.ls_wR_factor_R_work                      ? 
_refine.overall_FOM_free_R_set                   ? 
_refine.overall_FOM_work_R_set                   ? 
_refine.pdbx_refine_id                           'X-RAY DIFFRACTION' 
_refine.pdbx_overall_phase_error                 ? 
_refine.pdbx_TLS_residual_ADP_flag               'LIKELY RESIDUAL' 
_refine.pdbx_diffrn_id                           1 
_refine.pdbx_overall_SU_R_free_Cruickshank_DPI   ? 
_refine.pdbx_overall_SU_R_Blow_DPI               ? 
_refine.pdbx_overall_SU_R_free_Blow_DPI          ? 
# 
_refine_hist.pdbx_refine_id                   'X-RAY DIFFRACTION' 
_refine_hist.cycle_id                         LAST 
_refine_hist.pdbx_number_atoms_protein        1145 
_refine_hist.pdbx_number_atoms_nucleic_acid   0 
_refine_hist.pdbx_number_atoms_ligand         0 
_refine_hist.number_atoms_solvent             34 
_refine_hist.number_atoms_total               1179 
_refine_hist.d_res_high                       2.47 
_refine_hist.d_res_low                        45.64 
# 
loop_
_refine_ls_restr.type 
_refine_ls_restr.dev_ideal 
_refine_ls_restr.dev_ideal_target 
_refine_ls_restr.weight 
_refine_ls_restr.number 
_refine_ls_restr.pdbx_refine_id 
_refine_ls_restr.pdbx_restraint_function 
r_bond_refined_d             0.019 0.022 ? 1161 'X-RAY DIFFRACTION' ? 
r_bond_other_d               0.002 0.020 ? 1071 'X-RAY DIFFRACTION' ? 
r_angle_refined_deg          1.844 1.951 ? 1563 'X-RAY DIFFRACTION' ? 
r_angle_other_deg            0.986 3.000 ? 2504 'X-RAY DIFFRACTION' ? 
r_dihedral_angle_1_deg       9.353 5.000 ? 141  'X-RAY DIFFRACTION' ? 
r_dihedral_angle_2_deg       ?     ?     ? ?    'X-RAY DIFFRACTION' ? 
r_dihedral_angle_3_deg       ?     ?     ? ?    'X-RAY DIFFRACTION' ? 
r_dihedral_angle_4_deg       ?     ?     ? ?    'X-RAY DIFFRACTION' ? 
r_chiral_restr               0.125 0.200 ? 179  'X-RAY DIFFRACTION' ? 
r_gen_planes_refined         0.006 0.020 ? 1265 'X-RAY DIFFRACTION' ? 
r_gen_planes_other           0.002 0.020 ? 217  'X-RAY DIFFRACTION' ? 
r_nbd_refined                0.233 0.200 ? 302  'X-RAY DIFFRACTION' ? 
r_nbd_other                  0.238 0.200 ? 1270 'X-RAY DIFFRACTION' ? 
r_nbtor_refined              ?     ?     ? ?    'X-RAY DIFFRACTION' ? 
r_nbtor_other                0.095 0.200 ? 738  'X-RAY DIFFRACTION' ? 
r_xyhbond_nbd_refined        0.222 0.200 ? 29   'X-RAY DIFFRACTION' ? 
r_xyhbond_nbd_other          ?     ?     ? ?    'X-RAY DIFFRACTION' ? 
r_metal_ion_refined          ?     ?     ? ?    'X-RAY DIFFRACTION' ? 
r_metal_ion_other            ?     ?     ? ?    'X-RAY DIFFRACTION' ? 
r_symmetry_vdw_refined       0.253 0.200 ? 15   'X-RAY DIFFRACTION' ? 
r_symmetry_vdw_other         0.237 0.200 ? 48   'X-RAY DIFFRACTION' ? 
r_symmetry_hbond_refined     0.319 0.200 ? 9    'X-RAY DIFFRACTION' ? 
r_symmetry_hbond_other       ?     ?     ? ?    'X-RAY DIFFRACTION' ? 
r_symmetry_metal_ion_refined ?     ?     ? ?    'X-RAY DIFFRACTION' ? 
r_symmetry_metal_ion_other   ?     ?     ? ?    'X-RAY DIFFRACTION' ? 
r_mcbond_it                  0.725 1.500 ? 706  'X-RAY DIFFRACTION' ? 
r_mcbond_other               ?     ?     ? ?    'X-RAY DIFFRACTION' ? 
r_mcangle_it                 1.342 2.000 ? 1149 'X-RAY DIFFRACTION' ? 
r_scbond_it                  2.196 3.000 ? 455  'X-RAY DIFFRACTION' ? 
r_scangle_it                 3.653 4.500 ? 414  'X-RAY DIFFRACTION' ? 
r_rigid_bond_restr           ?     ?     ? ?    'X-RAY DIFFRACTION' ? 
r_sphericity_free            ?     ?     ? ?    'X-RAY DIFFRACTION' ? 
r_sphericity_bonded          ?     ?     ? ?    'X-RAY DIFFRACTION' ? 
# 
_refine_ls_shell.pdbx_refine_id                   'X-RAY DIFFRACTION' 
_refine_ls_shell.pdbx_total_number_of_bins_used   20 
_refine_ls_shell.d_res_high                       2.470 
_refine_ls_shell.d_res_low                        2.534 
_refine_ls_shell.number_reflns_R_work             494 
_refine_ls_shell.R_factor_R_work                  0.211 
_refine_ls_shell.percent_reflns_obs               ? 
_refine_ls_shell.R_factor_R_free                  0.264 
_refine_ls_shell.R_factor_R_free_error            ? 
_refine_ls_shell.percent_reflns_R_free            ? 
_refine_ls_shell.number_reflns_R_free             24 
_refine_ls_shell.number_reflns_all                ? 
_refine_ls_shell.R_factor_all                     ? 
# 
_struct.entry_id                  3GUQ 
_struct.title                     'Crystal structure of novel carcinogenic factor of H. pylori' 
_struct.pdbx_model_details        ? 
_struct.pdbx_CASP_flag            ? 
_struct.pdbx_model_type_details   ? 
# 
_struct_keywords.entry_id        3GUQ 
_struct_keywords.pdbx_keywords   TOXIN 
_struct_keywords.text            'TNFa inducing factor, long alpha helix, Novel carcinogenic factor, TOXIN' 
# 
loop_
_struct_asym.id 
_struct_asym.pdbx_blank_PDB_chainid_flag 
_struct_asym.pdbx_modified 
_struct_asym.entity_id 
_struct_asym.details 
A N N 1 ? 
B N N 2 ? 
# 
_struct_ref.id                         1 
_struct_ref.db_name                    UNP 
_struct_ref.db_code                    O25318_HELPY 
_struct_ref.pdbx_db_accession          O25318 
_struct_ref.entity_id                  1 
_struct_ref.pdbx_seq_one_letter_code   
;MLQACTCPNTSQRNSFLQDVPYWMLQNRSEYITQGVDSSHIVDGKKTEEIEKIATKRATIRVAQNIVHKLKEAYLSKTNR
IKQKITNEMFIQMTQPIYDSLMNVDRLGIYINPNNEEVFALVRARGFDKDALSEGLHKMSLDNQAVSILVAKVEEIFKDS
VNYGDVKVPIAM
;
_struct_ref.pdbx_align_begin           21 
_struct_ref.pdbx_db_isoform            ? 
# 
_struct_ref_seq.align_id                      1 
_struct_ref_seq.ref_id                        1 
_struct_ref_seq.pdbx_PDB_id_code              3GUQ 
_struct_ref_seq.pdbx_strand_id                A 
_struct_ref_seq.seq_align_beg                 1 
_struct_ref_seq.pdbx_seq_align_beg_ins_code   ? 
_struct_ref_seq.seq_align_end                 166 
_struct_ref_seq.pdbx_seq_align_end_ins_code   ? 
_struct_ref_seq.pdbx_db_accession             O25318 
_struct_ref_seq.db_align_beg                  21 
_struct_ref_seq.pdbx_db_align_beg_ins_code    ? 
_struct_ref_seq.db_align_end                  192 
_struct_ref_seq.pdbx_db_align_end_ins_code    ? 
_struct_ref_seq.pdbx_auth_seq_align_beg       7 
_struct_ref_seq.pdbx_auth_seq_align_end       172 
# 
loop_
_struct_ref_seq_dif.align_id 
_struct_ref_seq_dif.pdbx_pdb_id_code 
_struct_ref_seq_dif.mon_id 
_struct_ref_seq_dif.pdbx_pdb_strand_id 
_struct_ref_seq_dif.seq_num 
_struct_ref_seq_dif.pdbx_pdb_ins_code 
_struct_ref_seq_dif.pdbx_seq_db_name 
_struct_ref_seq_dif.pdbx_seq_db_accession_code 
_struct_ref_seq_dif.db_mon_id 
_struct_ref_seq_dif.pdbx_seq_db_seq_num 
_struct_ref_seq_dif.details 
_struct_ref_seq_dif.pdbx_auth_seq_num 
_struct_ref_seq_dif.pdbx_ordinal 
1 3GUQ ? A ? ? UNP O25318 LEU 22 deletion ? 1 
1 3GUQ ? A ? ? UNP O25318 GLN 23 deletion ? 2 
1 3GUQ ? A ? ? UNP O25318 ALA 24 deletion ? 3 
1 3GUQ ? A ? ? UNP O25318 CYS 25 deletion ? 4 
1 3GUQ ? A ? ? UNP O25318 THR 26 deletion ? 5 
1 3GUQ ? A ? ? UNP O25318 CYS 27 deletion ? 6 
# 
_pdbx_struct_assembly.id                   1 
_pdbx_struct_assembly.details              author_and_software_defined_assembly 
_pdbx_struct_assembly.method_details       PISA 
_pdbx_struct_assembly.oligomeric_details   dimeric 
_pdbx_struct_assembly.oligomeric_count     2 
# 
loop_
_pdbx_struct_assembly_prop.biol_id 
_pdbx_struct_assembly_prop.type 
_pdbx_struct_assembly_prop.value 
_pdbx_struct_assembly_prop.details 
1 'ABSA (A^2)' 2300  ? 
1 MORE         -8    ? 
1 'SSA (A^2)'  15550 ? 
# 
_pdbx_struct_assembly_gen.assembly_id       1 
_pdbx_struct_assembly_gen.oper_expression   1,2 
_pdbx_struct_assembly_gen.asym_id_list      A,B 
# 
loop_
_pdbx_struct_oper_list.id 
_pdbx_struct_oper_list.type 
_pdbx_struct_oper_list.name 
_pdbx_struct_oper_list.symmetry_operation 
_pdbx_struct_oper_list.matrix[1][1] 
_pdbx_struct_oper_list.matrix[1][2] 
_pdbx_struct_oper_list.matrix[1][3] 
_pdbx_struct_oper_list.vector[1] 
_pdbx_struct_oper_list.matrix[2][1] 
_pdbx_struct_oper_list.matrix[2][2] 
_pdbx_struct_oper_list.matrix[2][3] 
_pdbx_struct_oper_list.vector[2] 
_pdbx_struct_oper_list.matrix[3][1] 
_pdbx_struct_oper_list.matrix[3][2] 
_pdbx_struct_oper_list.matrix[3][3] 
_pdbx_struct_oper_list.vector[3] 
1 'identity operation'         1_555 x,y,z  1.0000000000  0.0000000000 0.0000000000  0.0000000000   0.0000000000 1.0000000000 0.0000000000  0.0000000000 0.0000000000  0.0000000000  1.0000000000  0.0000000000   
2 'crystal symmetry operation' 4_555 y,x,-z -0.9840313252 0.1779731694 -0.0028110542 -18.9466915776 0.1779731694 0.9835364798 -0.0313296018 1.4893236516 -0.0028110542 -0.0313296018 -0.9995051546 -13.3380232078 
# 
_struct_biol.id        1 
_struct_biol.details   ? 
# 
loop_
_struct_conf.conf_type_id 
_struct_conf.id 
_struct_conf.pdbx_PDB_helix_id 
_struct_conf.beg_label_comp_id 
_struct_conf.beg_label_asym_id 
_struct_conf.beg_label_seq_id 
_struct_conf.pdbx_beg_PDB_ins_code 
_struct_conf.end_label_comp_id 
_struct_conf.end_label_asym_id 
_struct_conf.end_label_seq_id 
_struct_conf.pdbx_end_PDB_ins_code 
_struct_conf.beg_auth_comp_id 
_struct_conf.beg_auth_asym_id 
_struct_conf.beg_auth_seq_id 
_struct_conf.end_auth_comp_id 
_struct_conf.end_auth_asym_id 
_struct_conf.end_auth_seq_id 
_struct_conf.pdbx_PDB_helix_class 
_struct_conf.details 
_struct_conf.pdbx_PDB_helix_length 
HELX_P HELX_P1 1 PRO A 15  ? LEU A 19  ? PRO A 21  LEU A 25  5 ? 5  
HELX_P HELX_P2 2 LYS A 40  ? SER A 70  ? LYS A 46  SER A 76  1 ? 31 
HELX_P HELX_P3 3 THR A 80  ? MET A 87  ? THR A 86  MET A 93  1 ? 8  
HELX_P HELX_P4 4 MET A 87  ? SER A 94  ? MET A 93  SER A 100 1 ? 8  
HELX_P HELX_P5 5 ASP A 122 ? MET A 133 ? ASP A 128 MET A 139 1 ? 12 
HELX_P HELX_P6 6 ASP A 136 ? ASP A 153 ? ASP A 142 ASP A 159 1 ? 18 
# 
_struct_conf_type.id          HELX_P 
_struct_conf_type.criteria    ? 
_struct_conf_type.reference   ? 
# 
_struct_sheet.id               A 
_struct_sheet.type             ? 
_struct_sheet.number_strands   3 
_struct_sheet.details          ? 
# 
loop_
_struct_sheet_order.sheet_id 
_struct_sheet_order.range_id_1 
_struct_sheet_order.range_id_2 
_struct_sheet_order.offset 
_struct_sheet_order.sense 
A 1 2 ? anti-parallel 
A 2 3 ? anti-parallel 
# 
loop_
_struct_sheet_range.sheet_id 
_struct_sheet_range.id 
_struct_sheet_range.beg_label_comp_id 
_struct_sheet_range.beg_label_asym_id 
_struct_sheet_range.beg_label_seq_id 
_struct_sheet_range.pdbx_beg_PDB_ins_code 
_struct_sheet_range.end_label_comp_id 
_struct_sheet_range.end_label_asym_id 
_struct_sheet_range.end_label_seq_id 
_struct_sheet_range.pdbx_end_PDB_ins_code 
_struct_sheet_range.beg_auth_comp_id 
_struct_sheet_range.beg_auth_asym_id 
_struct_sheet_range.beg_auth_seq_id 
_struct_sheet_range.end_auth_comp_id 
_struct_sheet_range.end_auth_asym_id 
_struct_sheet_range.end_auth_seq_id 
A 1 GLN A 28  ? HIS A 34  ? GLN A 34  HIS A 40  
A 2 GLU A 111 ? PHE A 121 ? GLU A 117 PHE A 127 
A 3 LEU A 95  ? ASN A 106 ? LEU A 101 ASN A 112 
# 
loop_
_pdbx_struct_sheet_hbond.sheet_id 
_pdbx_struct_sheet_hbond.range_id_1 
_pdbx_struct_sheet_hbond.range_id_2 
_pdbx_struct_sheet_hbond.range_1_label_atom_id 
_pdbx_struct_sheet_hbond.range_1_label_comp_id 
_pdbx_struct_sheet_hbond.range_1_label_asym_id 
_pdbx_struct_sheet_hbond.range_1_label_seq_id 
_pdbx_struct_sheet_hbond.range_1_PDB_ins_code 
_pdbx_struct_sheet_hbond.range_1_auth_atom_id 
_pdbx_struct_sheet_hbond.range_1_auth_comp_id 
_pdbx_struct_sheet_hbond.range_1_auth_asym_id 
_pdbx_struct_sheet_hbond.range_1_auth_seq_id 
_pdbx_struct_sheet_hbond.range_2_label_atom_id 
_pdbx_struct_sheet_hbond.range_2_label_comp_id 
_pdbx_struct_sheet_hbond.range_2_label_asym_id 
_pdbx_struct_sheet_hbond.range_2_label_seq_id 
_pdbx_struct_sheet_hbond.range_2_PDB_ins_code 
_pdbx_struct_sheet_hbond.range_2_auth_atom_id 
_pdbx_struct_sheet_hbond.range_2_auth_comp_id 
_pdbx_struct_sheet_hbond.range_2_auth_asym_id 
_pdbx_struct_sheet_hbond.range_2_auth_seq_id 
A 1 2 N SER A 33  ? N SER A 39  O VAL A 112 ? O VAL A 118 
A 2 3 O GLU A 111 ? O GLU A 117 N ASN A 106 ? N ASN A 112 
# 
_pdbx_validate_close_contact.id               1 
_pdbx_validate_close_contact.PDB_model_num    1 
_pdbx_validate_close_contact.auth_atom_id_1   NZ 
_pdbx_validate_close_contact.auth_asym_id_1   A 
_pdbx_validate_close_contact.auth_comp_id_1   LYS 
_pdbx_validate_close_contact.auth_seq_id_1    152 
_pdbx_validate_close_contact.PDB_ins_code_1   ? 
_pdbx_validate_close_contact.label_alt_id_1   ? 
_pdbx_validate_close_contact.auth_atom_id_2   O 
_pdbx_validate_close_contact.auth_asym_id_2   A 
_pdbx_validate_close_contact.auth_comp_id_2   HOH 
_pdbx_validate_close_contact.auth_seq_id_2    199 
_pdbx_validate_close_contact.PDB_ins_code_2   ? 
_pdbx_validate_close_contact.label_alt_id_2   ? 
_pdbx_validate_close_contact.dist             2.18 
# 
loop_
_pdbx_validate_rmsd_angle.id 
_pdbx_validate_rmsd_angle.PDB_model_num 
_pdbx_validate_rmsd_angle.auth_atom_id_1 
_pdbx_validate_rmsd_angle.auth_asym_id_1 
_pdbx_validate_rmsd_angle.auth_comp_id_1 
_pdbx_validate_rmsd_angle.auth_seq_id_1 
_pdbx_validate_rmsd_angle.PDB_ins_code_1 
_pdbx_validate_rmsd_angle.label_alt_id_1 
_pdbx_validate_rmsd_angle.auth_atom_id_2 
_pdbx_validate_rmsd_angle.auth_asym_id_2 
_pdbx_validate_rmsd_angle.auth_comp_id_2 
_pdbx_validate_rmsd_angle.auth_seq_id_2 
_pdbx_validate_rmsd_angle.PDB_ins_code_2 
_pdbx_validate_rmsd_angle.label_alt_id_2 
_pdbx_validate_rmsd_angle.auth_atom_id_3 
_pdbx_validate_rmsd_angle.auth_asym_id_3 
_pdbx_validate_rmsd_angle.auth_comp_id_3 
_pdbx_validate_rmsd_angle.auth_seq_id_3 
_pdbx_validate_rmsd_angle.PDB_ins_code_3 
_pdbx_validate_rmsd_angle.label_alt_id_3 
_pdbx_validate_rmsd_angle.angle_value 
_pdbx_validate_rmsd_angle.angle_target_value 
_pdbx_validate_rmsd_angle.angle_deviation 
_pdbx_validate_rmsd_angle.angle_standard_deviation 
_pdbx_validate_rmsd_angle.linker_flag 
1 1 CB A ASP 19  ? ? CG A ASP 19  ? ? OD2 A ASP 19  ? ? 124.29 118.30 5.99   0.90 N 
2 1 CB A ASP 43  ? ? CG A ASP 43  ? ? OD2 A ASP 43  ? ? 123.88 118.30 5.58   0.90 N 
3 1 CB A ASP 105 ? ? CG A ASP 105 ? ? OD2 A ASP 105 ? ? 124.49 118.30 6.19   0.90 N 
4 1 CB A ASP 142 ? ? CA A ASP 142 ? ? C   A ASP 142 ? ? 95.20  110.40 -15.20 2.00 N 
# 
loop_
_pdbx_validate_torsion.id 
_pdbx_validate_torsion.PDB_model_num 
_pdbx_validate_torsion.auth_comp_id 
_pdbx_validate_torsion.auth_asym_id 
_pdbx_validate_torsion.auth_seq_id 
_pdbx_validate_torsion.PDB_ins_code 
_pdbx_validate_torsion.label_alt_id 
_pdbx_validate_torsion.phi 
_pdbx_validate_torsion.psi 
1 1 VAL A 20  ? ? 48.90  -158.88 
2 1 ARG A 28  ? ? 72.40  -23.71  
3 1 GLU A 30  ? ? -54.46 -90.77  
4 1 TYR A 31  ? ? 44.31  97.63   
5 1 ASN A 79  ? ? -36.22 130.38  
6 1 SER A 140 ? ? 83.98  29.20   
7 1 ASP A 142 ? ? -23.40 152.46  
# 
loop_
_pdbx_validate_peptide_omega.id 
_pdbx_validate_peptide_omega.PDB_model_num 
_pdbx_validate_peptide_omega.auth_comp_id_1 
_pdbx_validate_peptide_omega.auth_asym_id_1 
_pdbx_validate_peptide_omega.auth_seq_id_1 
_pdbx_validate_peptide_omega.PDB_ins_code_1 
_pdbx_validate_peptide_omega.label_alt_id_1 
_pdbx_validate_peptide_omega.auth_comp_id_2 
_pdbx_validate_peptide_omega.auth_asym_id_2 
_pdbx_validate_peptide_omega.auth_seq_id_2 
_pdbx_validate_peptide_omega.PDB_ins_code_2 
_pdbx_validate_peptide_omega.label_alt_id_2 
_pdbx_validate_peptide_omega.omega 
1 1 VAL A 20 ? ? PRO A 21 ? ? -36.16  
2 1 GLU A 30 ? ? TYR A 31 ? ? -147.88 
3 1 GLY A 44 ? ? LYS A 45 ? ? -144.03 
# 
loop_
_pdbx_refine_tls.pdbx_refine_id 
_pdbx_refine_tls.id 
_pdbx_refine_tls.details 
_pdbx_refine_tls.method 
_pdbx_refine_tls.origin_x 
_pdbx_refine_tls.origin_y 
_pdbx_refine_tls.origin_z 
_pdbx_refine_tls.T[1][1] 
_pdbx_refine_tls.T[2][2] 
_pdbx_refine_tls.T[3][3] 
_pdbx_refine_tls.T[1][2] 
_pdbx_refine_tls.T[1][3] 
_pdbx_refine_tls.T[2][3] 
_pdbx_refine_tls.L[1][1] 
_pdbx_refine_tls.L[2][2] 
_pdbx_refine_tls.L[3][3] 
_pdbx_refine_tls.L[1][2] 
_pdbx_refine_tls.L[1][3] 
_pdbx_refine_tls.L[2][3] 
_pdbx_refine_tls.S[1][1] 
_pdbx_refine_tls.S[1][2] 
_pdbx_refine_tls.S[1][3] 
_pdbx_refine_tls.S[2][1] 
_pdbx_refine_tls.S[2][2] 
_pdbx_refine_tls.S[2][3] 
_pdbx_refine_tls.S[3][1] 
_pdbx_refine_tls.S[3][2] 
_pdbx_refine_tls.S[3][3] 
'X-RAY DIFFRACTION' 1  ? refined -3.1726 13.4387  -9.1265 0.3361 0.3177 0.2639 0.0132  0.1689  0.0200  7.9838  17.6363 9.0288  -2.0217  1.4997  -0.6321 0.3551  1.0160  0.4767  -1.3692 -0.0407 -0.2768 0.6026  0.6787  -0.3144 
'X-RAY DIFFRACTION' 2  ? refined -3.1237 12.9348  7.6821  0.2065 0.2897 0.3449 -0.1938 0.1465  -0.0894 5.3859  5.3289  11.7639 -5.3650  -8.2010 5.8365  0.5998  -0.1465 0.7126  0.1169  0.1604  -0.4377 -0.3703 -0.0220 -0.7602 
'X-RAY DIFFRACTION' 3  ? refined -0.1208 10.0036  8.8518  0.2850 0.1896 0.2963 -0.1139 0.0510  -0.1384 4.4205  28.9144 27.3678 -7.2687  -5.3843 25.5965 -0.2378 0.0288  -0.1490 1.8920  0.0971  -0.1064 1.1146  0.1470  0.1407  
'X-RAY DIFFRACTION' 4  ? refined -2.9708 -1.2263  -1.3860 0.2352 0.2660 0.2781 0.0276  -0.0222 -0.0045 -0.6061 18.0596 9.5446  3.9202   -9.4651 6.2960  0.3427  0.2791  0.3487  -0.0198 -0.1295 0.6846  -0.1707 -0.0495 -0.2132 
'X-RAY DIFFRACTION' 5  ? refined -4.4829 -16.3187 -8.3740 0.3004 0.2516 0.2202 0.0689  0.0455  -0.0160 4.9400  -0.1433 10.3253 -0.1038  1.3600  3.2215  -0.1105 0.0491  -0.2705 -0.3957 0.1852  0.0928  0.6963  0.3904  -0.0747 
'X-RAY DIFFRACTION' 6  ? refined 0.3728  -5.0542  3.2151  0.2469 0.3484 0.1760 0.0606  -0.0541 -0.0165 6.7463  7.6113  1.4600  4.9796   -0.8605 1.1600  0.1021  -0.6841 -0.0207 0.5454  -0.0160 -0.2696 0.2261  0.1784  -0.0861 
'X-RAY DIFFRACTION' 7  ? refined -5.3897 20.0026  2.9071  0.4361 0.1469 0.1812 -0.0387 0.0305  -0.1450 34.9130 16.9720 18.4536 -15.0708 -3.9417 4.3523  -0.8368 -1.0303 1.6617  0.6600  0.6420  -0.9060 -1.6268 -1.0881 0.1947  
'X-RAY DIFFRACTION' 8  ? refined -0.9856 12.2686  0.5266  0.1763 0.1815 0.3137 -0.0917 0.1110  -0.0638 15.6534 18.4310 7.0842  -11.1403 1.7607  -1.1955 0.3886  0.3009  0.6515  -0.1482 -0.5919 -0.8962 -0.5394 0.1055  0.2033  
'X-RAY DIFFRACTION' 9  ? refined 7.8033  -10.0861 2.8938  0.1960 0.3586 0.2364 0.1291  -0.1475 -0.0032 5.7766  14.9763 6.9359  4.6899   -5.2810 -2.7937 -0.2428 -0.5467 -0.2142 0.3542  0.1298  -1.4422 0.5674  0.3552  0.1130  
'X-RAY DIFFRACTION' 10 ? refined 5.3281  -11.9872 -5.7682 0.2604 0.3437 0.2204 0.1262  -0.0089 -0.0061 2.5765  14.4902 1.2672  1.7568   -2.4430 0.1607  0.0242  -0.0497 -0.1116 -0.4681 0.1851  -0.7941 0.3529  0.4183  -0.2092  
# 
loop_
_pdbx_refine_tls_group.pdbx_refine_id 
_pdbx_refine_tls_group.id 
_pdbx_refine_tls_group.refine_tls_id 
_pdbx_refine_tls_group.beg_auth_asym_id 
_pdbx_refine_tls_group.beg_auth_seq_id 
_pdbx_refine_tls_group.beg_label_asym_id 
_pdbx_refine_tls_group.beg_label_seq_id 
_pdbx_refine_tls_group.end_auth_asym_id 
_pdbx_refine_tls_group.end_auth_seq_id 
_pdbx_refine_tls_group.end_label_asym_id 
_pdbx_refine_tls_group.end_label_seq_id 
_pdbx_refine_tls_group.selection 
_pdbx_refine_tls_group.selection_details 
'X-RAY DIFFRACTION' 1  1  A 19  ? ? A 31  ? ? ? ? 
'X-RAY DIFFRACTION' 2  2  A 32  ? ? A 48  ? ? ? ? 
'X-RAY DIFFRACTION' 3  3  A 49  ? ? A 59  ? ? ? ? 
'X-RAY DIFFRACTION' 4  4  A 60  ? ? A 68  ? ? ? ? 
'X-RAY DIFFRACTION' 5  5  A 69  ? ? A 84  ? ? ? ? 
'X-RAY DIFFRACTION' 6  6  A 85  ? ? A 106 ? ? ? ? 
'X-RAY DIFFRACTION' 7  7  A 107 ? ? A 116 ? ? ? ? 
'X-RAY DIFFRACTION' 8  8  A 117 ? ? A 123 ? ? ? ? 
'X-RAY DIFFRACTION' 9  9  A 124 ? ? A 140 ? ? ? ? 
'X-RAY DIFFRACTION' 10 10 A 141 ? ? A 160 ? ? ? ? 
# 
_pdbx_entry_details.sequence_details         'STRUCTURE WAS DETERMINED DELTIPA, WHICH IS N-TERMINAL DELETION MUTANT(2-LQACTC-7).' 
_pdbx_entry_details.entry_id                 3GUQ 
_pdbx_entry_details.compound_details         ? 
_pdbx_entry_details.source_details           ? 
_pdbx_entry_details.nonpolymer_details       ? 
_pdbx_entry_details.has_ligand_of_interest   ? 
# 
loop_
_pdbx_unobs_or_zero_occ_residues.id 
_pdbx_unobs_or_zero_occ_residues.PDB_model_num 
_pdbx_unobs_or_zero_occ_residues.polymer_flag 
_pdbx_unobs_or_zero_occ_residues.occupancy_flag 
_pdbx_unobs_or_zero_occ_residues.auth_asym_id 
_pdbx_unobs_or_zero_occ_residues.auth_comp_id 
_pdbx_unobs_or_zero_occ_residues.auth_seq_id 
_pdbx_unobs_or_zero_occ_residues.PDB_ins_code 
_pdbx_unobs_or_zero_occ_residues.label_asym_id 
_pdbx_unobs_or_zero_occ_residues.label_comp_id 
_pdbx_unobs_or_zero_occ_residues.label_seq_id 
1  1 Y 1 A MET 7   ? A MET 1   
2  1 Y 1 A PRO 8   ? A PRO 2   
3  1 Y 1 A ASN 9   ? A ASN 3   
4  1 Y 1 A THR 10  ? A THR 4   
5  1 Y 1 A SER 11  ? A SER 5   
6  1 Y 1 A GLN 12  ? A GLN 6   
7  1 Y 1 A ARG 13  ? A ARG 7   
8  1 Y 1 A ASN 14  ? A ASN 8   
9  1 Y 1 A SER 15  ? A SER 9   
10 1 Y 1 A PHE 16  ? A PHE 10  
11 1 Y 1 A LEU 17  ? A LEU 11  
12 1 Y 1 A GLN 18  ? A GLN 12  
13 1 Y 1 A VAL 161 ? A VAL 155 
14 1 Y 1 A ASN 162 ? A ASN 156 
15 1 Y 1 A TYR 163 ? A TYR 157 
16 1 Y 1 A GLY 164 ? A GLY 158 
17 1 Y 1 A ASP 165 ? A ASP 159 
18 1 Y 1 A VAL 166 ? A VAL 160 
19 1 Y 1 A LYS 167 ? A LYS 161 
20 1 Y 1 A VAL 168 ? A VAL 162 
21 1 Y 1 A PRO 169 ? A PRO 163 
22 1 Y 1 A ILE 170 ? A ILE 164 
23 1 Y 1 A ALA 171 ? A ALA 165 
24 1 Y 1 A MET 172 ? A MET 166 
# 
loop_
_chem_comp_atom.comp_id 
_chem_comp_atom.atom_id 
_chem_comp_atom.type_symbol 
_chem_comp_atom.pdbx_aromatic_flag 
_chem_comp_atom.pdbx_stereo_config 
_chem_comp_atom.pdbx_ordinal 
ALA N    N N N 1   
ALA CA   C N S 2   
ALA C    C N N 3   
ALA O    O N N 4   
ALA CB   C N N 5   
ALA OXT  O N N 6   
ALA H    H N N 7   
ALA H2   H N N 8   
ALA HA   H N N 9   
ALA HB1  H N N 10  
ALA HB2  H N N 11  
ALA HB3  H N N 12  
ALA HXT  H N N 13  
ARG N    N N N 14  
ARG CA   C N S 15  
ARG C    C N N 16  
ARG O    O N N 17  
ARG CB   C N N 18  
ARG CG   C N N 19  
ARG CD   C N N 20  
ARG NE   N N N 21  
ARG CZ   C N N 22  
ARG NH1  N N N 23  
ARG NH2  N N N 24  
ARG OXT  O N N 25  
ARG H    H N N 26  
ARG H2   H N N 27  
ARG HA   H N N 28  
ARG HB2  H N N 29  
ARG HB3  H N N 30  
ARG HG2  H N N 31  
ARG HG3  H N N 32  
ARG HD2  H N N 33  
ARG HD3  H N N 34  
ARG HE   H N N 35  
ARG HH11 H N N 36  
ARG HH12 H N N 37  
ARG HH21 H N N 38  
ARG HH22 H N N 39  
ARG HXT  H N N 40  
ASN N    N N N 41  
ASN CA   C N S 42  
ASN C    C N N 43  
ASN O    O N N 44  
ASN CB   C N N 45  
ASN CG   C N N 46  
ASN OD1  O N N 47  
ASN ND2  N N N 48  
ASN OXT  O N N 49  
ASN H    H N N 50  
ASN H2   H N N 51  
ASN HA   H N N 52  
ASN HB2  H N N 53  
ASN HB3  H N N 54  
ASN HD21 H N N 55  
ASN HD22 H N N 56  
ASN HXT  H N N 57  
ASP N    N N N 58  
ASP CA   C N S 59  
ASP C    C N N 60  
ASP O    O N N 61  
ASP CB   C N N 62  
ASP CG   C N N 63  
ASP OD1  O N N 64  
ASP OD2  O N N 65  
ASP OXT  O N N 66  
ASP H    H N N 67  
ASP H2   H N N 68  
ASP HA   H N N 69  
ASP HB2  H N N 70  
ASP HB3  H N N 71  
ASP HD2  H N N 72  
ASP HXT  H N N 73  
CYS N    N N N 74  
CYS CA   C N R 75  
CYS C    C N N 76  
CYS O    O N N 77  
CYS CB   C N N 78  
CYS SG   S N N 79  
CYS OXT  O N N 80  
CYS H    H N N 81  
CYS H2   H N N 82  
CYS HA   H N N 83  
CYS HB2  H N N 84  
CYS HB3  H N N 85  
CYS HG   H N N 86  
CYS HXT  H N N 87  
GLN N    N N N 88  
GLN CA   C N S 89  
GLN C    C N N 90  
GLN O    O N N 91  
GLN CB   C N N 92  
GLN CG   C N N 93  
GLN CD   C N N 94  
GLN OE1  O N N 95  
GLN NE2  N N N 96  
GLN OXT  O N N 97  
GLN H    H N N 98  
GLN H2   H N N 99  
GLN HA   H N N 100 
GLN HB2  H N N 101 
GLN HB3  H N N 102 
GLN HG2  H N N 103 
GLN HG3  H N N 104 
GLN HE21 H N N 105 
GLN HE22 H N N 106 
GLN HXT  H N N 107 
GLU N    N N N 108 
GLU CA   C N S 109 
GLU C    C N N 110 
GLU O    O N N 111 
GLU CB   C N N 112 
GLU CG   C N N 113 
GLU CD   C N N 114 
GLU OE1  O N N 115 
GLU OE2  O N N 116 
GLU OXT  O N N 117 
GLU H    H N N 118 
GLU H2   H N N 119 
GLU HA   H N N 120 
GLU HB2  H N N 121 
GLU HB3  H N N 122 
GLU HG2  H N N 123 
GLU HG3  H N N 124 
GLU HE2  H N N 125 
GLU HXT  H N N 126 
GLY N    N N N 127 
GLY CA   C N N 128 
GLY C    C N N 129 
GLY O    O N N 130 
GLY OXT  O N N 131 
GLY H    H N N 132 
GLY H2   H N N 133 
GLY HA2  H N N 134 
GLY HA3  H N N 135 
GLY HXT  H N N 136 
HIS N    N N N 137 
HIS CA   C N S 138 
HIS C    C N N 139 
HIS O    O N N 140 
HIS CB   C N N 141 
HIS CG   C Y N 142 
HIS ND1  N Y N 143 
HIS CD2  C Y N 144 
HIS CE1  C Y N 145 
HIS NE2  N Y N 146 
HIS OXT  O N N 147 
HIS H    H N N 148 
HIS H2   H N N 149 
HIS HA   H N N 150 
HIS HB2  H N N 151 
HIS HB3  H N N 152 
HIS HD1  H N N 153 
HIS HD2  H N N 154 
HIS HE1  H N N 155 
HIS HE2  H N N 156 
HIS HXT  H N N 157 
HOH O    O N N 158 
HOH H1   H N N 159 
HOH H2   H N N 160 
ILE N    N N N 161 
ILE CA   C N S 162 
ILE C    C N N 163 
ILE O    O N N 164 
ILE CB   C N S 165 
ILE CG1  C N N 166 
ILE CG2  C N N 167 
ILE CD1  C N N 168 
ILE OXT  O N N 169 
ILE H    H N N 170 
ILE H2   H N N 171 
ILE HA   H N N 172 
ILE HB   H N N 173 
ILE HG12 H N N 174 
ILE HG13 H N N 175 
ILE HG21 H N N 176 
ILE HG22 H N N 177 
ILE HG23 H N N 178 
ILE HD11 H N N 179 
ILE HD12 H N N 180 
ILE HD13 H N N 181 
ILE HXT  H N N 182 
LEU N    N N N 183 
LEU CA   C N S 184 
LEU C    C N N 185 
LEU O    O N N 186 
LEU CB   C N N 187 
LEU CG   C N N 188 
LEU CD1  C N N 189 
LEU CD2  C N N 190 
LEU OXT  O N N 191 
LEU H    H N N 192 
LEU H2   H N N 193 
LEU HA   H N N 194 
LEU HB2  H N N 195 
LEU HB3  H N N 196 
LEU HG   H N N 197 
LEU HD11 H N N 198 
LEU HD12 H N N 199 
LEU HD13 H N N 200 
LEU HD21 H N N 201 
LEU HD22 H N N 202 
LEU HD23 H N N 203 
LEU HXT  H N N 204 
LYS N    N N N 205 
LYS CA   C N S 206 
LYS C    C N N 207 
LYS O    O N N 208 
LYS CB   C N N 209 
LYS CG   C N N 210 
LYS CD   C N N 211 
LYS CE   C N N 212 
LYS NZ   N N N 213 
LYS OXT  O N N 214 
LYS H    H N N 215 
LYS H2   H N N 216 
LYS HA   H N N 217 
LYS HB2  H N N 218 
LYS HB3  H N N 219 
LYS HG2  H N N 220 
LYS HG3  H N N 221 
LYS HD2  H N N 222 
LYS HD3  H N N 223 
LYS HE2  H N N 224 
LYS HE3  H N N 225 
LYS HZ1  H N N 226 
LYS HZ2  H N N 227 
LYS HZ3  H N N 228 
LYS HXT  H N N 229 
MET N    N N N 230 
MET CA   C N S 231 
MET C    C N N 232 
MET O    O N N 233 
MET CB   C N N 234 
MET CG   C N N 235 
MET SD   S N N 236 
MET CE   C N N 237 
MET OXT  O N N 238 
MET H    H N N 239 
MET H2   H N N 240 
MET HA   H N N 241 
MET HB2  H N N 242 
MET HB3  H N N 243 
MET HG2  H N N 244 
MET HG3  H N N 245 
MET HE1  H N N 246 
MET HE2  H N N 247 
MET HE3  H N N 248 
MET HXT  H N N 249 
PHE N    N N N 250 
PHE CA   C N S 251 
PHE C    C N N 252 
PHE O    O N N 253 
PHE CB   C N N 254 
PHE CG   C Y N 255 
PHE CD1  C Y N 256 
PHE CD2  C Y N 257 
PHE CE1  C Y N 258 
PHE CE2  C Y N 259 
PHE CZ   C Y N 260 
PHE OXT  O N N 261 
PHE H    H N N 262 
PHE H2   H N N 263 
PHE HA   H N N 264 
PHE HB2  H N N 265 
PHE HB3  H N N 266 
PHE HD1  H N N 267 
PHE HD2  H N N 268 
PHE HE1  H N N 269 
PHE HE2  H N N 270 
PHE HZ   H N N 271 
PHE HXT  H N N 272 
PRO N    N N N 273 
PRO CA   C N S 274 
PRO C    C N N 275 
PRO O    O N N 276 
PRO CB   C N N 277 
PRO CG   C N N 278 
PRO CD   C N N 279 
PRO OXT  O N N 280 
PRO H    H N N 281 
PRO HA   H N N 282 
PRO HB2  H N N 283 
PRO HB3  H N N 284 
PRO HG2  H N N 285 
PRO HG3  H N N 286 
PRO HD2  H N N 287 
PRO HD3  H N N 288 
PRO HXT  H N N 289 
SER N    N N N 290 
SER CA   C N S 291 
SER C    C N N 292 
SER O    O N N 293 
SER CB   C N N 294 
SER OG   O N N 295 
SER OXT  O N N 296 
SER H    H N N 297 
SER H2   H N N 298 
SER HA   H N N 299 
SER HB2  H N N 300 
SER HB3  H N N 301 
SER HG   H N N 302 
SER HXT  H N N 303 
THR N    N N N 304 
THR CA   C N S 305 
THR C    C N N 306 
THR O    O N N 307 
THR CB   C N R 308 
THR OG1  O N N 309 
THR CG2  C N N 310 
THR OXT  O N N 311 
THR H    H N N 312 
THR H2   H N N 313 
THR HA   H N N 314 
THR HB   H N N 315 
THR HG1  H N N 316 
THR HG21 H N N 317 
THR HG22 H N N 318 
THR HG23 H N N 319 
THR HXT  H N N 320 
TRP N    N N N 321 
TRP CA   C N S 322 
TRP C    C N N 323 
TRP O    O N N 324 
TRP CB   C N N 325 
TRP CG   C Y N 326 
TRP CD1  C Y N 327 
TRP CD2  C Y N 328 
TRP NE1  N Y N 329 
TRP CE2  C Y N 330 
TRP CE3  C Y N 331 
TRP CZ2  C Y N 332 
TRP CZ3  C Y N 333 
TRP CH2  C Y N 334 
TRP OXT  O N N 335 
TRP H    H N N 336 
TRP H2   H N N 337 
TRP HA   H N N 338 
TRP HB2  H N N 339 
TRP HB3  H N N 340 
TRP HD1  H N N 341 
TRP HE1  H N N 342 
TRP HE3  H N N 343 
TRP HZ2  H N N 344 
TRP HZ3  H N N 345 
TRP HH2  H N N 346 
TRP HXT  H N N 347 
TYR N    N N N 348 
TYR CA   C N S 349 
TYR C    C N N 350 
TYR O    O N N 351 
TYR CB   C N N 352 
TYR CG   C Y N 353 
TYR CD1  C Y N 354 
TYR CD2  C Y N 355 
TYR CE1  C Y N 356 
TYR CE2  C Y N 357 
TYR CZ   C Y N 358 
TYR OH   O N N 359 
TYR OXT  O N N 360 
TYR H    H N N 361 
TYR H2   H N N 362 
TYR HA   H N N 363 
TYR HB2  H N N 364 
TYR HB3  H N N 365 
TYR HD1  H N N 366 
TYR HD2  H N N 367 
TYR HE1  H N N 368 
TYR HE2  H N N 369 
TYR HH   H N N 370 
TYR HXT  H N N 371 
VAL N    N N N 372 
VAL CA   C N S 373 
VAL C    C N N 374 
VAL O    O N N 375 
VAL CB   C N N 376 
VAL CG1  C N N 377 
VAL CG2  C N N 378 
VAL OXT  O N N 379 
VAL H    H N N 380 
VAL H2   H N N 381 
VAL HA   H N N 382 
VAL HB   H N N 383 
VAL HG11 H N N 384 
VAL HG12 H N N 385 
VAL HG13 H N N 386 
VAL HG21 H N N 387 
VAL HG22 H N N 388 
VAL HG23 H N N 389 
VAL HXT  H N N 390 
# 
loop_
_chem_comp_bond.comp_id 
_chem_comp_bond.atom_id_1 
_chem_comp_bond.atom_id_2 
_chem_comp_bond.value_order 
_chem_comp_bond.pdbx_aromatic_flag 
_chem_comp_bond.pdbx_stereo_config 
_chem_comp_bond.pdbx_ordinal 
ALA N   CA   sing N N 1   
ALA N   H    sing N N 2   
ALA N   H2   sing N N 3   
ALA CA  C    sing N N 4   
ALA CA  CB   sing N N 5   
ALA CA  HA   sing N N 6   
ALA C   O    doub N N 7   
ALA C   OXT  sing N N 8   
ALA CB  HB1  sing N N 9   
ALA CB  HB2  sing N N 10  
ALA CB  HB3  sing N N 11  
ALA OXT HXT  sing N N 12  
ARG N   CA   sing N N 13  
ARG N   H    sing N N 14  
ARG N   H2   sing N N 15  
ARG CA  C    sing N N 16  
ARG CA  CB   sing N N 17  
ARG CA  HA   sing N N 18  
ARG C   O    doub N N 19  
ARG C   OXT  sing N N 20  
ARG CB  CG   sing N N 21  
ARG CB  HB2  sing N N 22  
ARG CB  HB3  sing N N 23  
ARG CG  CD   sing N N 24  
ARG CG  HG2  sing N N 25  
ARG CG  HG3  sing N N 26  
ARG CD  NE   sing N N 27  
ARG CD  HD2  sing N N 28  
ARG CD  HD3  sing N N 29  
ARG NE  CZ   sing N N 30  
ARG NE  HE   sing N N 31  
ARG CZ  NH1  sing N N 32  
ARG CZ  NH2  doub N N 33  
ARG NH1 HH11 sing N N 34  
ARG NH1 HH12 sing N N 35  
ARG NH2 HH21 sing N N 36  
ARG NH2 HH22 sing N N 37  
ARG OXT HXT  sing N N 38  
ASN N   CA   sing N N 39  
ASN N   H    sing N N 40  
ASN N   H2   sing N N 41  
ASN CA  C    sing N N 42  
ASN CA  CB   sing N N 43  
ASN CA  HA   sing N N 44  
ASN C   O    doub N N 45  
ASN C   OXT  sing N N 46  
ASN CB  CG   sing N N 47  
ASN CB  HB2  sing N N 48  
ASN CB  HB3  sing N N 49  
ASN CG  OD1  doub N N 50  
ASN CG  ND2  sing N N 51  
ASN ND2 HD21 sing N N 52  
ASN ND2 HD22 sing N N 53  
ASN OXT HXT  sing N N 54  
ASP N   CA   sing N N 55  
ASP N   H    sing N N 56  
ASP N   H2   sing N N 57  
ASP CA  C    sing N N 58  
ASP CA  CB   sing N N 59  
ASP CA  HA   sing N N 60  
ASP C   O    doub N N 61  
ASP C   OXT  sing N N 62  
ASP CB  CG   sing N N 63  
ASP CB  HB2  sing N N 64  
ASP CB  HB3  sing N N 65  
ASP CG  OD1  doub N N 66  
ASP CG  OD2  sing N N 67  
ASP OD2 HD2  sing N N 68  
ASP OXT HXT  sing N N 69  
CYS N   CA   sing N N 70  
CYS N   H    sing N N 71  
CYS N   H2   sing N N 72  
CYS CA  C    sing N N 73  
CYS CA  CB   sing N N 74  
CYS CA  HA   sing N N 75  
CYS C   O    doub N N 76  
CYS C   OXT  sing N N 77  
CYS CB  SG   sing N N 78  
CYS CB  HB2  sing N N 79  
CYS CB  HB3  sing N N 80  
CYS SG  HG   sing N N 81  
CYS OXT HXT  sing N N 82  
GLN N   CA   sing N N 83  
GLN N   H    sing N N 84  
GLN N   H2   sing N N 85  
GLN CA  C    sing N N 86  
GLN CA  CB   sing N N 87  
GLN CA  HA   sing N N 88  
GLN C   O    doub N N 89  
GLN C   OXT  sing N N 90  
GLN CB  CG   sing N N 91  
GLN CB  HB2  sing N N 92  
GLN CB  HB3  sing N N 93  
GLN CG  CD   sing N N 94  
GLN CG  HG2  sing N N 95  
GLN CG  HG3  sing N N 96  
GLN CD  OE1  doub N N 97  
GLN CD  NE2  sing N N 98  
GLN NE2 HE21 sing N N 99  
GLN NE2 HE22 sing N N 100 
GLN OXT HXT  sing N N 101 
GLU N   CA   sing N N 102 
GLU N   H    sing N N 103 
GLU N   H2   sing N N 104 
GLU CA  C    sing N N 105 
GLU CA  CB   sing N N 106 
GLU CA  HA   sing N N 107 
GLU C   O    doub N N 108 
GLU C   OXT  sing N N 109 
GLU CB  CG   sing N N 110 
GLU CB  HB2  sing N N 111 
GLU CB  HB3  sing N N 112 
GLU CG  CD   sing N N 113 
GLU CG  HG2  sing N N 114 
GLU CG  HG3  sing N N 115 
GLU CD  OE1  doub N N 116 
GLU CD  OE2  sing N N 117 
GLU OE2 HE2  sing N N 118 
GLU OXT HXT  sing N N 119 
GLY N   CA   sing N N 120 
GLY N   H    sing N N 121 
GLY N   H2   sing N N 122 
GLY CA  C    sing N N 123 
GLY CA  HA2  sing N N 124 
GLY CA  HA3  sing N N 125 
GLY C   O    doub N N 126 
GLY C   OXT  sing N N 127 
GLY OXT HXT  sing N N 128 
HIS N   CA   sing N N 129 
HIS N   H    sing N N 130 
HIS N   H2   sing N N 131 
HIS CA  C    sing N N 132 
HIS CA  CB   sing N N 133 
HIS CA  HA   sing N N 134 
HIS C   O    doub N N 135 
HIS C   OXT  sing N N 136 
HIS CB  CG   sing N N 137 
HIS CB  HB2  sing N N 138 
HIS CB  HB3  sing N N 139 
HIS CG  ND1  sing Y N 140 
HIS CG  CD2  doub Y N 141 
HIS ND1 CE1  doub Y N 142 
HIS ND1 HD1  sing N N 143 
HIS CD2 NE2  sing Y N 144 
HIS CD2 HD2  sing N N 145 
HIS CE1 NE2  sing Y N 146 
HIS CE1 HE1  sing N N 147 
HIS NE2 HE2  sing N N 148 
HIS OXT HXT  sing N N 149 
HOH O   H1   sing N N 150 
HOH O   H2   sing N N 151 
ILE N   CA   sing N N 152 
ILE N   H    sing N N 153 
ILE N   H2   sing N N 154 
ILE CA  C    sing N N 155 
ILE CA  CB   sing N N 156 
ILE CA  HA   sing N N 157 
ILE C   O    doub N N 158 
ILE C   OXT  sing N N 159 
ILE CB  CG1  sing N N 160 
ILE CB  CG2  sing N N 161 
ILE CB  HB   sing N N 162 
ILE CG1 CD1  sing N N 163 
ILE CG1 HG12 sing N N 164 
ILE CG1 HG13 sing N N 165 
ILE CG2 HG21 sing N N 166 
ILE CG2 HG22 sing N N 167 
ILE CG2 HG23 sing N N 168 
ILE CD1 HD11 sing N N 169 
ILE CD1 HD12 sing N N 170 
ILE CD1 HD13 sing N N 171 
ILE OXT HXT  sing N N 172 
LEU N   CA   sing N N 173 
LEU N   H    sing N N 174 
LEU N   H2   sing N N 175 
LEU CA  C    sing N N 176 
LEU CA  CB   sing N N 177 
LEU CA  HA   sing N N 178 
LEU C   O    doub N N 179 
LEU C   OXT  sing N N 180 
LEU CB  CG   sing N N 181 
LEU CB  HB2  sing N N 182 
LEU CB  HB3  sing N N 183 
LEU CG  CD1  sing N N 184 
LEU CG  CD2  sing N N 185 
LEU CG  HG   sing N N 186 
LEU CD1 HD11 sing N N 187 
LEU CD1 HD12 sing N N 188 
LEU CD1 HD13 sing N N 189 
LEU CD2 HD21 sing N N 190 
LEU CD2 HD22 sing N N 191 
LEU CD2 HD23 sing N N 192 
LEU OXT HXT  sing N N 193 
LYS N   CA   sing N N 194 
LYS N   H    sing N N 195 
LYS N   H2   sing N N 196 
LYS CA  C    sing N N 197 
LYS CA  CB   sing N N 198 
LYS CA  HA   sing N N 199 
LYS C   O    doub N N 200 
LYS C   OXT  sing N N 201 
LYS CB  CG   sing N N 202 
LYS CB  HB2  sing N N 203 
LYS CB  HB3  sing N N 204 
LYS CG  CD   sing N N 205 
LYS CG  HG2  sing N N 206 
LYS CG  HG3  sing N N 207 
LYS CD  CE   sing N N 208 
LYS CD  HD2  sing N N 209 
LYS CD  HD3  sing N N 210 
LYS CE  NZ   sing N N 211 
LYS CE  HE2  sing N N 212 
LYS CE  HE3  sing N N 213 
LYS NZ  HZ1  sing N N 214 
LYS NZ  HZ2  sing N N 215 
LYS NZ  HZ3  sing N N 216 
LYS OXT HXT  sing N N 217 
MET N   CA   sing N N 218 
MET N   H    sing N N 219 
MET N   H2   sing N N 220 
MET CA  C    sing N N 221 
MET CA  CB   sing N N 222 
MET CA  HA   sing N N 223 
MET C   O    doub N N 224 
MET C   OXT  sing N N 225 
MET CB  CG   sing N N 226 
MET CB  HB2  sing N N 227 
MET CB  HB3  sing N N 228 
MET CG  SD   sing N N 229 
MET CG  HG2  sing N N 230 
MET CG  HG3  sing N N 231 
MET SD  CE   sing N N 232 
MET CE  HE1  sing N N 233 
MET CE  HE2  sing N N 234 
MET CE  HE3  sing N N 235 
MET OXT HXT  sing N N 236 
PHE N   CA   sing N N 237 
PHE N   H    sing N N 238 
PHE N   H2   sing N N 239 
PHE CA  C    sing N N 240 
PHE CA  CB   sing N N 241 
PHE CA  HA   sing N N 242 
PHE C   O    doub N N 243 
PHE C   OXT  sing N N 244 
PHE CB  CG   sing N N 245 
PHE CB  HB2  sing N N 246 
PHE CB  HB3  sing N N 247 
PHE CG  CD1  doub Y N 248 
PHE CG  CD2  sing Y N 249 
PHE CD1 CE1  sing Y N 250 
PHE CD1 HD1  sing N N 251 
PHE CD2 CE2  doub Y N 252 
PHE CD2 HD2  sing N N 253 
PHE CE1 CZ   doub Y N 254 
PHE CE1 HE1  sing N N 255 
PHE CE2 CZ   sing Y N 256 
PHE CE2 HE2  sing N N 257 
PHE CZ  HZ   sing N N 258 
PHE OXT HXT  sing N N 259 
PRO N   CA   sing N N 260 
PRO N   CD   sing N N 261 
PRO N   H    sing N N 262 
PRO CA  C    sing N N 263 
PRO CA  CB   sing N N 264 
PRO CA  HA   sing N N 265 
PRO C   O    doub N N 266 
PRO C   OXT  sing N N 267 
PRO CB  CG   sing N N 268 
PRO CB  HB2  sing N N 269 
PRO CB  HB3  sing N N 270 
PRO CG  CD   sing N N 271 
PRO CG  HG2  sing N N 272 
PRO CG  HG3  sing N N 273 
PRO CD  HD2  sing N N 274 
PRO CD  HD3  sing N N 275 
PRO OXT HXT  sing N N 276 
SER N   CA   sing N N 277 
SER N   H    sing N N 278 
SER N   H2   sing N N 279 
SER CA  C    sing N N 280 
SER CA  CB   sing N N 281 
SER CA  HA   sing N N 282 
SER C   O    doub N N 283 
SER C   OXT  sing N N 284 
SER CB  OG   sing N N 285 
SER CB  HB2  sing N N 286 
SER CB  HB3  sing N N 287 
SER OG  HG   sing N N 288 
SER OXT HXT  sing N N 289 
THR N   CA   sing N N 290 
THR N   H    sing N N 291 
THR N   H2   sing N N 292 
THR CA  C    sing N N 293 
THR CA  CB   sing N N 294 
THR CA  HA   sing N N 295 
THR C   O    doub N N 296 
THR C   OXT  sing N N 297 
THR CB  OG1  sing N N 298 
THR CB  CG2  sing N N 299 
THR CB  HB   sing N N 300 
THR OG1 HG1  sing N N 301 
THR CG2 HG21 sing N N 302 
THR CG2 HG22 sing N N 303 
THR CG2 HG23 sing N N 304 
THR OXT HXT  sing N N 305 
TRP N   CA   sing N N 306 
TRP N   H    sing N N 307 
TRP N   H2   sing N N 308 
TRP CA  C    sing N N 309 
TRP CA  CB   sing N N 310 
TRP CA  HA   sing N N 311 
TRP C   O    doub N N 312 
TRP C   OXT  sing N N 313 
TRP CB  CG   sing N N 314 
TRP CB  HB2  sing N N 315 
TRP CB  HB3  sing N N 316 
TRP CG  CD1  doub Y N 317 
TRP CG  CD2  sing Y N 318 
TRP CD1 NE1  sing Y N 319 
TRP CD1 HD1  sing N N 320 
TRP CD2 CE2  doub Y N 321 
TRP CD2 CE3  sing Y N 322 
TRP NE1 CE2  sing Y N 323 
TRP NE1 HE1  sing N N 324 
TRP CE2 CZ2  sing Y N 325 
TRP CE3 CZ3  doub Y N 326 
TRP CE3 HE3  sing N N 327 
TRP CZ2 CH2  doub Y N 328 
TRP CZ2 HZ2  sing N N 329 
TRP CZ3 CH2  sing Y N 330 
TRP CZ3 HZ3  sing N N 331 
TRP CH2 HH2  sing N N 332 
TRP OXT HXT  sing N N 333 
TYR N   CA   sing N N 334 
TYR N   H    sing N N 335 
TYR N   H2   sing N N 336 
TYR CA  C    sing N N 337 
TYR CA  CB   sing N N 338 
TYR CA  HA   sing N N 339 
TYR C   O    doub N N 340 
TYR C   OXT  sing N N 341 
TYR CB  CG   sing N N 342 
TYR CB  HB2  sing N N 343 
TYR CB  HB3  sing N N 344 
TYR CG  CD1  doub Y N 345 
TYR CG  CD2  sing Y N 346 
TYR CD1 CE1  sing Y N 347 
TYR CD1 HD1  sing N N 348 
TYR CD2 CE2  doub Y N 349 
TYR CD2 HD2  sing N N 350 
TYR CE1 CZ   doub Y N 351 
TYR CE1 HE1  sing N N 352 
TYR CE2 CZ   sing Y N 353 
TYR CE2 HE2  sing N N 354 
TYR CZ  OH   sing N N 355 
TYR OH  HH   sing N N 356 
TYR OXT HXT  sing N N 357 
VAL N   CA   sing N N 358 
VAL N   H    sing N N 359 
VAL N   H2   sing N N 360 
VAL CA  C    sing N N 361 
VAL CA  CB   sing N N 362 
VAL CA  HA   sing N N 363 
VAL C   O    doub N N 364 
VAL C   OXT  sing N N 365 
VAL CB  CG1  sing N N 366 
VAL CB  CG2  sing N N 367 
VAL CB  HB   sing N N 368 
VAL CG1 HG11 sing N N 369 
VAL CG1 HG12 sing N N 370 
VAL CG1 HG13 sing N N 371 
VAL CG2 HG21 sing N N 372 
VAL CG2 HG22 sing N N 373 
VAL CG2 HG23 sing N N 374 
VAL OXT HXT  sing N N 375 
# 
_atom_sites.entry_id                    3GUQ 
_atom_sites.fract_transf_matrix[1][1]   0.00023060 
_atom_sites.fract_transf_matrix[1][2]   -0.01433256 
_atom_sites.fract_transf_matrix[1][3]   0.00839201 
_atom_sites.fract_transf_matrix[2][1]   -0.00280126 
_atom_sites.fract_transf_matrix[2][2]   -0.01431831 
_atom_sites.fract_transf_matrix[2][3]   -0.00793921 
_atom_sites.fract_transf_matrix[3][1]   0.01415726 
_atom_sites.fract_transf_matrix[3][2]   -0.00131179 
_atom_sites.fract_transf_matrix[3][3]   -0.00262941 
_atom_sites.fract_transf_vector[1]      0.458074 
_atom_sites.fract_transf_vector[2]      0.320425 
_atom_sites.fract_transf_vector[3]      0.117558 
# 
loop_
_atom_type.symbol 
C 
N 
O 
S 
# 
loop_
_atom_site.group_PDB 
_atom_site.id 
_atom_site.type_symbol 
_atom_site.label_atom_id 
_atom_site.label_alt_id 
_atom_site.label_comp_id 
_atom_site.label_asym_id 
_atom_site.label_entity_id 
_atom_site.label_seq_id 
_atom_site.pdbx_PDB_ins_code 
_atom_site.Cartn_x 
_atom_site.Cartn_y 
_atom_site.Cartn_z 
_atom_site.occupancy 
_atom_site.B_iso_or_equiv 
_atom_site.pdbx_formal_charge 
_atom_site.auth_seq_id 
_atom_site.auth_comp_id 
_atom_site.auth_asym_id 
_atom_site.auth_atom_id 
_atom_site.pdbx_PDB_model_num 
ATOM   1    N N   . ASP A 1 13  ? -5.767  26.193  -3.913  1.00 54.49 ? 19  ASP A N   1 
ATOM   2    C CA  . ASP A 1 13  ? -4.512  26.366  -4.695  1.00 55.05 ? 19  ASP A CA  1 
ATOM   3    C C   . ASP A 1 13  ? -3.625  25.115  -4.726  1.00 55.27 ? 19  ASP A C   1 
ATOM   4    O O   . ASP A 1 13  ? -3.341  24.513  -3.699  1.00 54.92 ? 19  ASP A O   1 
ATOM   5    C CB  . ASP A 1 13  ? -3.680  27.508  -4.128  1.00 55.14 ? 19  ASP A CB  1 
ATOM   6    C CG  . ASP A 1 13  ? -3.454  28.637  -5.127  1.00 56.13 ? 19  ASP A CG  1 
ATOM   7    O OD1 . ASP A 1 13  ? -2.564  29.476  -4.853  1.00 53.98 ? 19  ASP A OD1 1 
ATOM   8    O OD2 . ASP A 1 13  ? -4.108  28.783  -6.195  1.00 57.58 ? 19  ASP A OD2 1 
ATOM   9    N N   . VAL A 1 14  ? -3.138  24.817  -5.936  1.00 55.61 ? 20  VAL A N   1 
ATOM   10   C CA  . VAL A 1 14  ? -2.262  23.672  -6.276  1.00 54.96 ? 20  VAL A CA  1 
ATOM   11   C C   . VAL A 1 14  ? -2.909  22.414  -5.657  1.00 53.96 ? 20  VAL A C   1 
ATOM   12   O O   . VAL A 1 14  ? -4.129  22.404  -5.504  1.00 53.85 ? 20  VAL A O   1 
ATOM   13   C CB  . VAL A 1 14  ? -0.667  23.990  -6.004  1.00 55.22 ? 20  VAL A CB  1 
ATOM   14   C CG1 . VAL A 1 14  ? 0.022   24.581  -7.283  1.00 54.16 ? 20  VAL A CG1 1 
ATOM   15   C CG2 . VAL A 1 14  ? -0.404  24.921  -4.785  1.00 54.72 ? 20  VAL A CG2 1 
ATOM   16   N N   . PRO A 1 15  ? -2.185  21.327  -5.425  1.00 52.98 ? 21  PRO A N   1 
ATOM   17   C CA  . PRO A 1 15  ? -1.091  20.833  -6.267  1.00 52.59 ? 21  PRO A CA  1 
ATOM   18   C C   . PRO A 1 15  ? -1.611  19.826  -7.273  1.00 52.13 ? 21  PRO A C   1 
ATOM   19   O O   . PRO A 1 15  ? -2.688  19.274  -7.034  1.00 51.26 ? 21  PRO A O   1 
ATOM   20   C CB  . PRO A 1 15  ? -0.189  20.131  -5.258  1.00 52.56 ? 21  PRO A CB  1 
ATOM   21   C CG  . PRO A 1 15  ? -1.147  19.534  -4.293  1.00 53.06 ? 21  PRO A CG  1 
ATOM   22   C CD  . PRO A 1 15  ? -2.319  20.526  -4.202  1.00 53.28 ? 21  PRO A CD  1 
ATOM   23   N N   . TYR A 1 16  ? -0.878  19.566  -8.357  1.00 52.11 ? 22  TYR A N   1 
ATOM   24   C CA  . TYR A 1 16  ? -1.392  18.643  -9.373  1.00 52.62 ? 22  TYR A CA  1 
ATOM   25   C C   . TYR A 1 16  ? -1.704  17.254  -8.827  1.00 52.50 ? 22  TYR A C   1 
ATOM   26   O O   . TYR A 1 16  ? -2.694  16.648  -9.219  1.00 53.66 ? 22  TYR A O   1 
ATOM   27   C CB  . TYR A 1 16  ? -0.435  18.488  -10.548 1.00 52.92 ? 22  TYR A CB  1 
ATOM   28   C CG  . TYR A 1 16  ? -0.772  17.311  -11.478 1.00 54.12 ? 22  TYR A CG  1 
ATOM   29   C CD1 . TYR A 1 16  ? 0.042   16.173  -11.527 1.00 55.06 ? 22  TYR A CD1 1 
ATOM   30   C CD2 . TYR A 1 16  ? -1.902  17.336  -12.301 1.00 54.69 ? 22  TYR A CD2 1 
ATOM   31   C CE1 . TYR A 1 16  ? -0.250  15.106  -12.378 1.00 54.48 ? 22  TYR A CE1 1 
ATOM   32   C CE2 . TYR A 1 16  ? -2.205  16.266  -13.146 1.00 54.32 ? 22  TYR A CE2 1 
ATOM   33   C CZ  . TYR A 1 16  ? -1.372  15.161  -13.179 1.00 54.30 ? 22  TYR A CZ  1 
ATOM   34   O OH  . TYR A 1 16  ? -1.640  14.115  -14.029 1.00 55.20 ? 22  TYR A OH  1 
ATOM   35   N N   . TRP A 1 17  ? -0.864  16.757  -7.923  1.00 52.03 ? 23  TRP A N   1 
ATOM   36   C CA  . TRP A 1 17  ? -0.945  15.366  -7.468  1.00 51.18 ? 23  TRP A CA  1 
ATOM   37   C C   . TRP A 1 17  ? -2.240  15.048  -6.723  1.00 51.01 ? 23  TRP A C   1 
ATOM   38   O O   . TRP A 1 17  ? -2.529  13.895  -6.464  1.00 51.59 ? 23  TRP A O   1 
ATOM   39   C CB  . TRP A 1 17  ? 0.281   14.993  -6.600  1.00 50.53 ? 23  TRP A CB  1 
ATOM   40   C CG  . TRP A 1 17  ? 0.525   15.862  -5.372  1.00 50.04 ? 23  TRP A CG  1 
ATOM   41   C CD1 . TRP A 1 17  ? 1.398   16.911  -5.264  1.00 49.98 ? 23  TRP A CD1 1 
ATOM   42   C CD2 . TRP A 1 17  ? -0.072  15.715  -4.075  1.00 48.98 ? 23  TRP A CD2 1 
ATOM   43   N NE1 . TRP A 1 17  ? 1.353   17.443  -3.999  1.00 48.70 ? 23  TRP A NE1 1 
ATOM   44   C CE2 . TRP A 1 17  ? 0.467   16.726  -3.244  1.00 47.29 ? 23  TRP A CE2 1 
ATOM   45   C CE3 . TRP A 1 17  ? -1.022  14.835  -3.531  1.00 49.81 ? 23  TRP A CE3 1 
ATOM   46   C CZ2 . TRP A 1 17  ? 0.103   16.885  -1.910  1.00 47.63 ? 23  TRP A CZ2 1 
ATOM   47   C CZ3 . TRP A 1 17  ? -1.410  15.015  -2.174  1.00 50.31 ? 23  TRP A CZ3 1 
ATOM   48   C CH2 . TRP A 1 17  ? -0.834  16.031  -1.390  1.00 49.13 ? 23  TRP A CH2 1 
ATOM   49   N N   . MET A 1 18  ? -2.991  16.080  -6.380  1.00 51.08 ? 24  MET A N   1 
ATOM   50   C CA  . MET A 1 18  ? -4.193  15.985  -5.546  1.00 50.88 ? 24  MET A CA  1 
ATOM   51   C C   . MET A 1 18  ? -5.412  15.923  -6.424  1.00 51.17 ? 24  MET A C   1 
ATOM   52   O O   . MET A 1 18  ? -6.528  15.731  -5.947  1.00 50.02 ? 24  MET A O   1 
ATOM   53   C CB  . MET A 1 18  ? -4.334  17.222  -4.661  1.00 50.75 ? 24  MET A CB  1 
ATOM   54   C CG  . MET A 1 18  ? -3.741  17.111  -3.270  1.00 49.92 ? 24  MET A CG  1 
ATOM   55   S SD  . MET A 1 18  ? -4.496  15.870  -2.302  1.00 48.88 ? 24  MET A SD  1 
ATOM   56   C CE  . MET A 1 18  ? -6.224  16.327  -2.511  1.00 48.67 ? 24  MET A CE  1 
ATOM   57   N N   . LEU A 1 19  ? -5.199  16.080  -7.719  1.00 51.66 ? 25  LEU A N   1 
ATOM   58   C CA  . LEU A 1 19  ? -6.269  15.836  -8.657  1.00 53.28 ? 25  LEU A CA  1 
ATOM   59   C C   . LEU A 1 19  ? -6.575  14.333  -8.813  1.00 54.10 ? 25  LEU A C   1 
ATOM   60   O O   . LEU A 1 19  ? -5.681  13.493  -8.862  1.00 54.97 ? 25  LEU A O   1 
ATOM   61   C CB  . LEU A 1 19  ? -5.896  16.448  -10.003 1.00 53.57 ? 25  LEU A CB  1 
ATOM   62   C CG  . LEU A 1 19  ? -5.693  17.965  -10.010 1.00 53.92 ? 25  LEU A CG  1 
ATOM   63   C CD1 . LEU A 1 19  ? -5.759  18.462  -11.484 1.00 54.42 ? 25  LEU A CD1 1 
ATOM   64   C CD2 . LEU A 1 19  ? -6.723  18.705  -9.134  1.00 52.95 ? 25  LEU A CD2 1 
ATOM   65   N N   . GLN A 1 20  ? -7.844  13.995  -8.905  1.00 55.26 ? 26  GLN A N   1 
ATOM   66   C CA  . GLN A 1 20  ? -8.224  12.671  -9.358  1.00 56.20 ? 26  GLN A CA  1 
ATOM   67   C C   . GLN A 1 20  ? -7.411  12.439  -10.619 1.00 57.29 ? 26  GLN A C   1 
ATOM   68   O O   . GLN A 1 20  ? -7.461  13.268  -11.545 1.00 57.50 ? 26  GLN A O   1 
ATOM   69   C CB  . GLN A 1 20  ? -9.716  12.615  -9.665  1.00 56.23 ? 26  GLN A CB  1 
ATOM   70   C CG  . GLN A 1 20  ? -10.614 13.032  -8.494  1.00 57.09 ? 26  GLN A CG  1 
ATOM   71   C CD  . GLN A 1 20  ? -11.217 11.877  -7.687  1.00 56.06 ? 26  GLN A CD  1 
ATOM   72   O OE1 . GLN A 1 20  ? -11.057 10.712  -8.016  1.00 54.94 ? 26  GLN A OE1 1 
ATOM   73   N NE2 . GLN A 1 20  ? -11.922 12.228  -6.627  1.00 56.58 ? 26  GLN A NE2 1 
ATOM   74   N N   . ASN A 1 21  ? -6.615  11.362  -10.630 1.00 58.33 ? 27  ASN A N   1 
ATOM   75   C CA  . ASN A 1 21  ? -5.683  11.091  -11.730 1.00 58.90 ? 27  ASN A CA  1 
ATOM   76   C C   . ASN A 1 21  ? -5.846  9.657   -12.263 1.00 59.36 ? 27  ASN A C   1 
ATOM   77   O O   . ASN A 1 21  ? -5.661  9.438   -13.465 1.00 59.48 ? 27  ASN A O   1 
ATOM   78   C CB  . ASN A 1 21  ? -4.220  11.469  -11.362 1.00 59.28 ? 27  ASN A CB  1 
ATOM   79   C CG  . ASN A 1 21  ? -3.948  13.048  -11.367 1.00 60.47 ? 27  ASN A CG  1 
ATOM   80   O OD1 . ASN A 1 21  ? -4.445  13.796  -12.238 1.00 61.13 ? 27  ASN A OD1 1 
ATOM   81   N ND2 . ASN A 1 21  ? -3.157  13.526  -10.388 1.00 57.31 ? 27  ASN A ND2 1 
ATOM   82   N N   . ARG A 1 22  ? -6.209  8.691   -11.407 1.00 59.39 ? 28  ARG A N   1 
ATOM   83   C CA  . ARG A 1 22  ? -6.948  7.478   -11.859 1.00 59.82 ? 28  ARG A CA  1 
ATOM   84   C C   . ARG A 1 22  ? -6.210  6.387   -12.682 1.00 59.59 ? 28  ARG A C   1 
ATOM   85   O O   . ARG A 1 22  ? -6.661  5.231   -12.742 1.00 59.44 ? 28  ARG A O   1 
ATOM   86   C CB  . ARG A 1 22  ? -8.219  7.909   -12.625 1.00 60.27 ? 28  ARG A CB  1 
ATOM   87   C CG  . ARG A 1 22  ? -9.170  6.774   -13.000 1.00 60.84 ? 28  ARG A CG  1 
ATOM   88   C CD  . ARG A 1 22  ? -9.013  6.211   -14.409 1.00 63.38 ? 28  ARG A CD  1 
ATOM   89   N NE  . ARG A 1 22  ? -8.001  6.876   -15.229 1.00 65.02 ? 28  ARG A NE  1 
ATOM   90   C CZ  . ARG A 1 22  ? -7.929  6.813   -16.553 1.00 65.20 ? 28  ARG A CZ  1 
ATOM   91   N NH1 . ARG A 1 22  ? -8.808  6.111   -17.265 1.00 65.60 ? 28  ARG A NH1 1 
ATOM   92   N NH2 . ARG A 1 22  ? -6.959  7.468   -17.170 1.00 64.98 ? 28  ARG A NH2 1 
ATOM   93   N N   . SER A 1 23  ? -5.126  6.756   -13.361 1.00 59.14 ? 29  SER A N   1 
ATOM   94   C CA  . SER A 1 23  ? -4.166  5.777   -13.849 1.00 58.84 ? 29  SER A CA  1 
ATOM   95   C C   . SER A 1 23  ? -3.313  5.421   -12.635 1.00 58.43 ? 29  SER A C   1 
ATOM   96   O O   . SER A 1 23  ? -3.030  6.300   -11.818 1.00 58.35 ? 29  SER A O   1 
ATOM   97   C CB  . SER A 1 23  ? -3.325  6.347   -15.006 1.00 59.01 ? 29  SER A CB  1 
ATOM   98   O OG  . SER A 1 23  ? -2.395  7.331   -14.572 1.00 58.90 ? 29  SER A OG  1 
ATOM   99   N N   . GLU A 1 24  ? -2.948  4.141   -12.502 1.00 57.71 ? 30  GLU A N   1 
ATOM   100  C CA  . GLU A 1 24  ? -2.368  3.586   -11.259 1.00 57.28 ? 30  GLU A CA  1 
ATOM   101  C C   . GLU A 1 24  ? -1.106  4.283   -10.656 1.00 56.30 ? 30  GLU A C   1 
ATOM   102  O O   . GLU A 1 24  ? -1.196  5.230   -9.876  1.00 56.73 ? 30  GLU A O   1 
ATOM   103  C CB  . GLU A 1 24  ? -2.035  2.092   -11.466 1.00 57.58 ? 30  GLU A CB  1 
ATOM   104  C CG  . GLU A 1 24  ? -3.227  1.152   -11.568 1.00 59.12 ? 30  GLU A CG  1 
ATOM   105  C CD  . GLU A 1 24  ? -3.073  0.114   -12.676 1.00 61.32 ? 30  GLU A CD  1 
ATOM   106  O OE1 . GLU A 1 24  ? -2.285  -0.875  -12.536 1.00 61.83 ? 30  GLU A OE1 1 
ATOM   107  O OE2 . GLU A 1 24  ? -3.758  0.294   -13.711 1.00 64.38 ? 30  GLU A OE2 1 
ATOM   108  N N   . TYR A 1 25  ? 0.062   3.812   -11.072 1.00 55.35 ? 31  TYR A N   1 
ATOM   109  C CA  . TYR A 1 25  ? 1.282   3.775   -10.254 1.00 54.03 ? 31  TYR A CA  1 
ATOM   110  C C   . TYR A 1 25  ? 0.925   3.271   -8.858  1.00 51.86 ? 31  TYR A C   1 
ATOM   111  O O   . TYR A 1 25  ? 0.450   3.998   -8.003  1.00 51.26 ? 31  TYR A O   1 
ATOM   112  C CB  . TYR A 1 25  ? 2.138   5.074   -10.321 1.00 54.39 ? 31  TYR A CB  1 
ATOM   113  C CG  . TYR A 1 25  ? 3.274   4.991   -11.387 1.00 56.13 ? 31  TYR A CG  1 
ATOM   114  C CD1 . TYR A 1 25  ? 3.829   3.747   -11.766 1.00 56.10 ? 31  TYR A CD1 1 
ATOM   115  C CD2 . TYR A 1 25  ? 3.773   6.145   -12.036 1.00 57.00 ? 31  TYR A CD2 1 
ATOM   116  C CE1 . TYR A 1 25  ? 4.833   3.654   -12.718 1.00 56.01 ? 31  TYR A CE1 1 
ATOM   117  C CE2 . TYR A 1 25  ? 4.800   6.045   -13.017 1.00 55.72 ? 31  TYR A CE2 1 
ATOM   118  C CZ  . TYR A 1 25  ? 5.321   4.787   -13.346 1.00 56.32 ? 31  TYR A CZ  1 
ATOM   119  O OH  . TYR A 1 25  ? 6.332   4.608   -14.300 1.00 55.85 ? 31  TYR A OH  1 
ATOM   120  N N   . ILE A 1 26  ? 1.165   1.975   -8.698  1.00 49.64 ? 32  ILE A N   1 
ATOM   121  C CA  . ILE A 1 26  ? 0.668   1.149   -7.609  1.00 47.75 ? 32  ILE A CA  1 
ATOM   122  C C   . ILE A 1 26  ? 1.449   1.401   -6.339  1.00 46.40 ? 32  ILE A C   1 
ATOM   123  O O   . ILE A 1 26  ? 0.948   1.246   -5.240  1.00 46.22 ? 32  ILE A O   1 
ATOM   124  C CB  . ILE A 1 26  ? 0.794   -0.333  -8.029  1.00 47.22 ? 32  ILE A CB  1 
ATOM   125  C CG1 . ILE A 1 26  ? -0.062  -0.597  -9.257  1.00 46.15 ? 32  ILE A CG1 1 
ATOM   126  C CG2 . ILE A 1 26  ? 0.438   -1.274  -6.874  1.00 47.95 ? 32  ILE A CG2 1 
ATOM   127  C CD1 . ILE A 1 26  ? 0.553   -1.630  -10.188 1.00 47.75 ? 32  ILE A CD1 1 
ATOM   128  N N   . THR A 1 27  ? 2.683   1.824   -6.509  1.00 45.83 ? 33  THR A N   1 
ATOM   129  C CA  . THR A 1 27  ? 3.568   2.111   -5.392  1.00 45.46 ? 33  THR A CA  1 
ATOM   130  C C   . THR A 1 27  ? 3.406   3.544   -4.832  1.00 44.23 ? 33  THR A C   1 
ATOM   131  O O   . THR A 1 27  ? 4.141   3.924   -3.937  1.00 44.34 ? 33  THR A O   1 
ATOM   132  C CB  . THR A 1 27  ? 5.020   1.873   -5.856  1.00 45.50 ? 33  THR A CB  1 
ATOM   133  O OG1 . THR A 1 27  ? 5.278   2.680   -7.009  1.00 46.16 ? 33  THR A OG1 1 
ATOM   134  C CG2 . THR A 1 27  ? 5.218   0.463   -6.368  1.00 45.93 ? 33  THR A CG2 1 
ATOM   135  N N   . GLN A 1 28  ? 2.506   4.341   -5.398  1.00 43.29 ? 34  GLN A N   1 
ATOM   136  C CA  . GLN A 1 28  ? 2.167   5.672   -4.872  1.00 43.41 ? 34  GLN A CA  1 
ATOM   137  C C   . GLN A 1 28  ? 0.796   5.665   -4.223  1.00 42.55 ? 34  GLN A C   1 
ATOM   138  O O   . GLN A 1 28  ? -0.113  5.068   -4.731  1.00 42.25 ? 34  GLN A O   1 
ATOM   139  C CB  . GLN A 1 28  ? 2.126   6.706   -5.985  1.00 43.05 ? 34  GLN A CB  1 
ATOM   140  C CG  . GLN A 1 28  ? 3.404   7.434   -6.137  1.00 46.45 ? 34  GLN A CG  1 
ATOM   141  C CD  . GLN A 1 28  ? 3.386   8.384   -7.303  1.00 48.25 ? 34  GLN A CD  1 
ATOM   142  O OE1 . GLN A 1 28  ? 2.808   9.478   -7.204  1.00 49.42 ? 34  GLN A OE1 1 
ATOM   143  N NE2 . GLN A 1 28  ? 3.972   7.964   -8.419  1.00 45.35 ? 34  GLN A NE2 1 
ATOM   144  N N   . GLY A 1 29  ? 0.662   6.348   -3.100  1.00 42.79 ? 35  GLY A N   1 
ATOM   145  C CA  . GLY A 1 29  ? -0.610  6.468   -2.409  1.00 42.16 ? 35  GLY A CA  1 
ATOM   146  C C   . GLY A 1 29  ? -0.916  7.884   -1.968  1.00 41.24 ? 35  GLY A C   1 
ATOM   147  O O   . GLY A 1 29  ? -0.004  8.636   -1.600  1.00 40.95 ? 35  GLY A O   1 
ATOM   148  N N   . VAL A 1 30  ? -2.196  8.247   -2.060  1.00 40.30 ? 36  VAL A N   1 
ATOM   149  C CA  . VAL A 1 30  ? -2.713  9.403   -1.383  1.00 40.25 ? 36  VAL A CA  1 
ATOM   150  C C   . VAL A 1 30  ? -3.848  9.019   -0.462  1.00 40.43 ? 36  VAL A C   1 
ATOM   151  O O   . VAL A 1 30  ? -4.771  8.273   -0.816  1.00 40.17 ? 36  VAL A O   1 
ATOM   152  C CB  . VAL A 1 30  ? -3.113  10.617  -2.296  1.00 40.28 ? 36  VAL A CB  1 
ATOM   153  C CG1 . VAL A 1 30  ? -2.469  10.569  -3.648  1.00 38.75 ? 36  VAL A CG1 1 
ATOM   154  C CG2 . VAL A 1 30  ? -4.583  10.748  -2.437  1.00 42.97 ? 36  VAL A CG2 1 
ATOM   155  N N   . ASP A 1 31  ? -3.756  9.564   0.736   1.00 40.74 ? 37  ASP A N   1 
ATOM   156  C CA  . ASP A 1 31  ? -4.756  9.395   1.736   1.00 41.48 ? 37  ASP A CA  1 
ATOM   157  C C   . ASP A 1 31  ? -4.674  10.497  2.777   1.00 41.72 ? 37  ASP A C   1 
ATOM   158  O O   . ASP A 1 31  ? -3.679  11.229  2.880   1.00 41.67 ? 37  ASP A O   1 
ATOM   159  C CB  . ASP A 1 31  ? -4.593  8.027   2.403   1.00 42.00 ? 37  ASP A CB  1 
ATOM   160  C CG  . ASP A 1 31  ? -5.913  7.459   2.895   1.00 43.11 ? 37  ASP A CG  1 
ATOM   161  O OD1 . ASP A 1 31  ? -6.922  8.212   2.907   1.00 43.19 ? 37  ASP A OD1 1 
ATOM   162  O OD2 . ASP A 1 31  ? -6.027  6.268   3.259   1.00 46.49 ? 37  ASP A OD2 1 
ATOM   163  N N   . SER A 1 32  ? -5.727  10.598  3.584   1.00 42.24 ? 38  SER A N   1 
ATOM   164  C CA  . SER A 1 32  ? -5.847  11.713  4.497   1.00 41.74 ? 38  SER A CA  1 
ATOM   165  C C   . SER A 1 32  ? -6.298  11.346  5.912   1.00 42.14 ? 38  SER A C   1 
ATOM   166  O O   . SER A 1 32  ? -6.891  10.285  6.188   1.00 40.89 ? 38  SER A O   1 
ATOM   167  C CB  . SER A 1 32  ? -6.809  12.737  3.895   1.00 42.12 ? 38  SER A CB  1 
ATOM   168  O OG  . SER A 1 32  ? -8.119  12.192  3.750   1.00 40.80 ? 38  SER A OG  1 
ATOM   169  N N   . SER A 1 33  ? -5.966  12.274  6.799   1.00 42.42 ? 39  SER A N   1 
ATOM   170  C CA  . SER A 1 33  ? -6.493  12.333  8.131   1.00 42.92 ? 39  SER A CA  1 
ATOM   171  C C   . SER A 1 33  ? -7.050  13.759  8.311   1.00 43.68 ? 39  SER A C   1 
ATOM   172  O O   . SER A 1 33  ? -6.916  14.624  7.429   1.00 44.74 ? 39  SER A O   1 
ATOM   173  C CB  . SER A 1 33  ? -5.381  12.004  9.126   1.00 42.72 ? 39  SER A CB  1 
ATOM   174  O OG  . SER A 1 33  ? -5.907  11.780  10.414  1.00 42.94 ? 39  SER A OG  1 
ATOM   175  N N   . HIS A 1 34  ? -7.692  14.014  9.431   1.00 44.05 ? 40  HIS A N   1 
ATOM   176  C CA  . HIS A 1 34  ? -8.403  15.273  9.604   1.00 44.95 ? 40  HIS A CA  1 
ATOM   177  C C   . HIS A 1 34  ? -7.847  15.973  10.813  1.00 45.06 ? 40  HIS A C   1 
ATOM   178  O O   . HIS A 1 34  ? -7.383  15.307  11.730  1.00 45.53 ? 40  HIS A O   1 
ATOM   179  C CB  . HIS A 1 34  ? -9.903  14.988  9.760   1.00 44.74 ? 40  HIS A CB  1 
ATOM   180  C CG  . HIS A 1 34  ? -10.584 14.687  8.459   1.00 44.30 ? 40  HIS A CG  1 
ATOM   181  N ND1 . HIS A 1 34  ? -10.720 13.406  7.968   1.00 45.53 ? 40  HIS A ND1 1 
ATOM   182  C CD2 . HIS A 1 34  ? -11.125 15.507  7.522   1.00 44.44 ? 40  HIS A CD2 1 
ATOM   183  C CE1 . HIS A 1 34  ? -11.349 13.445  6.802   1.00 45.11 ? 40  HIS A CE1 1 
ATOM   184  N NE2 . HIS A 1 34  ? -11.604 14.709  6.509   1.00 44.91 ? 40  HIS A NE2 1 
ATOM   185  N N   . ILE A 1 35  ? -7.888  17.296  10.839  1.00 45.07 ? 41  ILE A N   1 
ATOM   186  C CA  . ILE A 1 35  ? -7.556  17.998  12.086  1.00 45.49 ? 41  ILE A CA  1 
ATOM   187  C C   . ILE A 1 35  ? -8.521  17.620  13.202  1.00 45.49 ? 41  ILE A C   1 
ATOM   188  O O   . ILE A 1 35  ? -9.741  17.433  13.014  1.00 45.01 ? 41  ILE A O   1 
ATOM   189  C CB  . ILE A 1 35  ? -7.423  19.548  11.917  1.00 46.11 ? 41  ILE A CB  1 
ATOM   190  C CG1 . ILE A 1 35  ? -6.033  19.884  11.358  1.00 47.46 ? 41  ILE A CG1 1 
ATOM   191  C CG2 . ILE A 1 35  ? -7.628  20.314  13.257  1.00 45.74 ? 41  ILE A CG2 1 
ATOM   192  C CD1 . ILE A 1 35  ? -6.010  20.889  10.180  1.00 50.96 ? 41  ILE A CD1 1 
ATOM   193  N N   . VAL A 1 36  ? -7.918  17.527  14.377  1.00 45.96 ? 42  VAL A N   1 
ATOM   194  C CA  . VAL A 1 36  ? -8.533  16.939  15.534  1.00 46.68 ? 42  VAL A CA  1 
ATOM   195  C C   . VAL A 1 36  ? -8.087  17.698  16.802  1.00 46.60 ? 42  VAL A C   1 
ATOM   196  O O   . VAL A 1 36  ? -6.939  18.136  16.881  1.00 46.47 ? 42  VAL A O   1 
ATOM   197  C CB  . VAL A 1 36  ? -8.169  15.405  15.519  1.00 46.62 ? 42  VAL A CB  1 
ATOM   198  C CG1 . VAL A 1 36  ? -7.840  14.854  16.906  1.00 46.54 ? 42  VAL A CG1 1 
ATOM   199  C CG2 . VAL A 1 36  ? -9.297  14.623  14.849  1.00 45.92 ? 42  VAL A CG2 1 
ATOM   200  N N   . ASP A 1 37  ? -8.989  17.805  17.791  1.00 46.71 ? 43  ASP A N   1 
ATOM   201  C CA  . ASP A 1 37  ? -8.788  18.641  18.976  1.00 46.70 ? 43  ASP A CA  1 
ATOM   202  C C   . ASP A 1 37  ? -7.427  18.427  19.637  1.00 47.47 ? 43  ASP A C   1 
ATOM   203  O O   . ASP A 1 37  ? -6.638  19.388  19.802  1.00 46.71 ? 43  ASP A O   1 
ATOM   204  C CB  . ASP A 1 37  ? -9.921  18.458  19.996  1.00 46.41 ? 43  ASP A CB  1 
ATOM   205  C CG  . ASP A 1 37  ? -11.145 19.354  19.703  1.00 45.98 ? 43  ASP A CG  1 
ATOM   206  O OD1 . ASP A 1 37  ? -12.260 19.034  20.215  1.00 45.41 ? 43  ASP A OD1 1 
ATOM   207  O OD2 . ASP A 1 37  ? -11.102 20.390  18.991  1.00 41.95 ? 43  ASP A OD2 1 
ATOM   208  N N   . GLY A 1 38  ? -7.096  17.191  19.973  1.00 48.11 ? 44  GLY A N   1 
ATOM   209  C CA  . GLY A 1 38  ? -5.851  16.998  20.711  1.00 49.58 ? 44  GLY A CA  1 
ATOM   210  C C   . GLY A 1 38  ? -4.502  17.490  20.115  1.00 50.28 ? 44  GLY A C   1 
ATOM   211  O O   . GLY A 1 38  ? -3.487  17.394  20.805  1.00 50.73 ? 44  GLY A O   1 
ATOM   212  N N   . LYS A 1 39  ? -4.440  18.003  18.876  1.00 50.94 ? 45  LYS A N   1 
ATOM   213  C CA  . LYS A 1 39  ? -3.248  17.724  18.055  1.00 51.39 ? 45  LYS A CA  1 
ATOM   214  C C   . LYS A 1 39  ? -2.608  18.788  17.158  1.00 52.12 ? 45  LYS A C   1 
ATOM   215  O O   . LYS A 1 39  ? -3.252  19.495  16.410  1.00 52.28 ? 45  LYS A O   1 
ATOM   216  C CB  . LYS A 1 39  ? -3.523  16.480  17.182  1.00 51.41 ? 45  LYS A CB  1 
ATOM   217  C CG  . LYS A 1 39  ? -3.622  15.169  17.975  1.00 50.82 ? 45  LYS A CG  1 
ATOM   218  C CD  . LYS A 1 39  ? -3.672  13.921  17.082  1.00 49.48 ? 45  LYS A CD  1 
ATOM   219  C CE  . LYS A 1 39  ? -3.779  12.656  17.950  1.00 49.13 ? 45  LYS A CE  1 
ATOM   220  N NZ  . LYS A 1 39  ? -4.379  11.495  17.229  1.00 46.42 ? 45  LYS A NZ  1 
ATOM   221  N N   . LYS A 1 40  ? -1.287  18.828  17.247  1.00 53.27 ? 46  LYS A N   1 
ATOM   222  C CA  . LYS A 1 40  ? -0.419  19.573  16.350  1.00 54.55 ? 46  LYS A CA  1 
ATOM   223  C C   . LYS A 1 40  ? -0.519  19.039  14.931  1.00 55.01 ? 46  LYS A C   1 
ATOM   224  O O   . LYS A 1 40  ? -0.579  17.830  14.742  1.00 55.10 ? 46  LYS A O   1 
ATOM   225  C CB  . LYS A 1 40  ? 1.026   19.420  16.836  1.00 55.16 ? 46  LYS A CB  1 
ATOM   226  C CG  . LYS A 1 40  ? 1.395   17.973  17.318  1.00 56.89 ? 46  LYS A CG  1 
ATOM   227  C CD  . LYS A 1 40  ? 1.219   17.772  18.861  1.00 59.59 ? 46  LYS A CD  1 
ATOM   228  C CE  . LYS A 1 40  ? 2.537   17.976  19.684  1.00 60.76 ? 46  LYS A CE  1 
ATOM   229  N NZ  . LYS A 1 40  ? 3.280   16.690  19.947  1.00 61.80 ? 46  LYS A NZ  1 
ATOM   230  N N   . THR A 1 41  ? -0.494  19.919  13.927  1.00 55.79 ? 47  THR A N   1 
ATOM   231  C CA  . THR A 1 41  ? -0.549  19.483  12.513  1.00 56.36 ? 47  THR A CA  1 
ATOM   232  C C   . THR A 1 41  ? 0.585   18.531  12.103  1.00 56.41 ? 47  THR A C   1 
ATOM   233  O O   . THR A 1 41  ? 0.433   17.808  11.139  1.00 56.48 ? 47  THR A O   1 
ATOM   234  C CB  . THR A 1 41  ? -0.573  20.704  11.534  1.00 56.60 ? 47  THR A CB  1 
ATOM   235  O OG1 . THR A 1 41  ? -1.809  21.410  11.676  1.00 56.99 ? 47  THR A OG1 1 
ATOM   236  C CG2 . THR A 1 41  ? -0.591  20.248  10.051  1.00 56.32 ? 47  THR A CG2 1 
ATOM   237  N N   . GLU A 1 42  ? 1.712   18.552  12.810  1.00 56.62 ? 48  GLU A N   1 
ATOM   238  C CA  . GLU A 1 42  ? 2.825   17.640  12.518  1.00 57.24 ? 48  GLU A CA  1 
ATOM   239  C C   . GLU A 1 42  ? 2.432   16.200  12.833  1.00 56.95 ? 48  GLU A C   1 
ATOM   240  O O   . GLU A 1 42  ? 2.824   15.269  12.112  1.00 57.61 ? 48  GLU A O   1 
ATOM   241  C CB  . GLU A 1 42  ? 4.139   18.060  13.253  1.00 57.62 ? 48  GLU A CB  1 
ATOM   242  C CG  . GLU A 1 42  ? 4.575   17.210  14.457  1.00 58.92 ? 48  GLU A CG  1 
ATOM   243  C CD  . GLU A 1 42  ? 5.690   17.859  15.296  1.00 61.41 ? 48  GLU A CD  1 
ATOM   244  O OE1 . GLU A 1 42  ? 6.880   17.467  15.118  1.00 62.88 ? 48  GLU A OE1 1 
ATOM   245  O OE2 . GLU A 1 42  ? 5.384   18.749  16.140  1.00 59.82 ? 48  GLU A OE2 1 
ATOM   246  N N   . GLU A 1 43  ? 1.658   16.028  13.903  1.00 56.32 ? 49  GLU A N   1 
ATOM   247  C CA  . GLU A 1 43  ? 1.080   14.733  14.251  1.00 55.81 ? 49  GLU A CA  1 
ATOM   248  C C   . GLU A 1 43  ? 0.081   14.294  13.185  1.00 54.83 ? 49  GLU A C   1 
ATOM   249  O O   . GLU A 1 43  ? -0.004  13.108  12.875  1.00 54.63 ? 49  GLU A O   1 
ATOM   250  C CB  . GLU A 1 43  ? 0.407   14.779  15.636  1.00 56.22 ? 49  GLU A CB  1 
ATOM   251  C CG  . GLU A 1 43  ? 0.553   13.520  16.497  1.00 57.91 ? 49  GLU A CG  1 
ATOM   252  C CD  . GLU A 1 43  ? 0.686   13.838  17.989  1.00 59.24 ? 49  GLU A CD  1 
ATOM   253  O OE1 . GLU A 1 43  ? 1.302   13.019  18.707  1.00 61.55 ? 49  GLU A OE1 1 
ATOM   254  O OE2 . GLU A 1 43  ? 0.186   14.895  18.450  1.00 57.89 ? 49  GLU A OE2 1 
ATOM   255  N N   . ILE A 1 44  ? -0.653  15.245  12.613  1.00 53.51 ? 50  ILE A N   1 
ATOM   256  C CA  . ILE A 1 44  ? -1.710  14.914  11.657  1.00 52.96 ? 50  ILE A CA  1 
ATOM   257  C C   . ILE A 1 44  ? -1.220  14.638  10.230  1.00 52.23 ? 50  ILE A C   1 
ATOM   258  O O   . ILE A 1 44  ? -1.886  13.953  9.475   1.00 52.30 ? 50  ILE A O   1 
ATOM   259  C CB  . ILE A 1 44  ? -2.803  15.991  11.670  1.00 52.73 ? 50  ILE A CB  1 
ATOM   260  C CG1 . ILE A 1 44  ? -3.519  15.940  13.028  1.00 53.03 ? 50  ILE A CG1 1 
ATOM   261  C CG2 . ILE A 1 44  ? -3.783  15.787  10.485  1.00 52.77 ? 50  ILE A CG2 1 
ATOM   262  C CD1 . ILE A 1 44  ? -4.223  17.192  13.405  1.00 54.43 ? 50  ILE A CD1 1 
ATOM   263  N N   . GLU A 1 45  ? -0.060  15.169  9.877   1.00 51.05 ? 51  GLU A N   1 
ATOM   264  C CA  . GLU A 1 45  ? 0.555   14.841  8.619   1.00 50.03 ? 51  GLU A CA  1 
ATOM   265  C C   . GLU A 1 45  ? 1.175   13.461  8.720   1.00 49.08 ? 51  GLU A C   1 
ATOM   266  O O   . GLU A 1 45  ? 1.330   12.773  7.722   1.00 49.25 ? 51  GLU A O   1 
ATOM   267  C CB  . GLU A 1 45  ? 1.647   15.841  8.337   1.00 50.01 ? 51  GLU A CB  1 
ATOM   268  C CG  . GLU A 1 45  ? 1.141   17.256  8.151   1.00 50.17 ? 51  GLU A CG  1 
ATOM   269  C CD  . GLU A 1 45  ? 2.280   18.251  8.119   1.00 50.47 ? 51  GLU A CD  1 
ATOM   270  O OE1 . GLU A 1 45  ? 3.333   17.994  8.755   1.00 50.26 ? 51  GLU A OE1 1 
ATOM   271  O OE2 . GLU A 1 45  ? 2.121   19.288  7.454   1.00 51.48 ? 51  GLU A OE2 1 
ATOM   272  N N   . LYS A 1 46  ? 1.569   13.091  9.932   1.00 48.04 ? 52  LYS A N   1 
ATOM   273  C CA  . LYS A 1 46  ? 2.193   11.803  10.210  1.00 47.10 ? 52  LYS A CA  1 
ATOM   274  C C   . LYS A 1 46  ? 1.132   10.759  10.040  1.00 46.30 ? 52  LYS A C   1 
ATOM   275  O O   . LYS A 1 46  ? 1.378   9.781   9.344   1.00 46.34 ? 52  LYS A O   1 
ATOM   276  C CB  . LYS A 1 46  ? 2.751   11.780  11.636  1.00 47.26 ? 52  LYS A CB  1 
ATOM   277  C CG  . LYS A 1 46  ? 3.420   10.496  12.117  1.00 48.14 ? 52  LYS A CG  1 
ATOM   278  C CD  . LYS A 1 46  ? 4.326   10.794  13.349  1.00 49.45 ? 52  LYS A CD  1 
ATOM   279  C CE  . LYS A 1 46  ? 5.065   9.573   13.922  1.00 50.42 ? 52  LYS A CE  1 
ATOM   280  N NZ  . LYS A 1 46  ? 6.251   9.169   13.096  1.00 52.03 ? 52  LYS A NZ  1 
ATOM   281  N N   . ILE A 1 47  ? -0.036  10.994  10.649  1.00 45.64 ? 53  ILE A N   1 
ATOM   282  C CA  . ILE A 1 47  ? -1.181  10.105  10.544  1.00 45.81 ? 53  ILE A CA  1 
ATOM   283  C C   . ILE A 1 47  ? -1.496  9.908   9.039   1.00 45.90 ? 53  ILE A C   1 
ATOM   284  O O   . ILE A 1 47  ? -1.736  8.798   8.606   1.00 45.32 ? 53  ILE A O   1 
ATOM   285  C CB  . ILE A 1 47  ? -2.491  10.604  11.274  1.00 45.46 ? 53  ILE A CB  1 
ATOM   286  C CG1 . ILE A 1 47  ? -2.319  11.030  12.768  1.00 47.11 ? 53  ILE A CG1 1 
ATOM   287  C CG2 . ILE A 1 47  ? -3.585  9.538   11.152  1.00 45.26 ? 53  ILE A CG2 1 
ATOM   288  C CD1 . ILE A 1 47  ? -1.445  10.149  13.662  1.00 48.27 ? 53  ILE A CD1 1 
ATOM   289  N N   . ALA A 1 48  ? -1.469  10.996  8.264   1.00 46.09 ? 54  ALA A N   1 
ATOM   290  C CA  . ALA A 1 48  ? -1.853  10.966  6.866   1.00 45.46 ? 54  ALA A CA  1 
ATOM   291  C C   . ALA A 1 48  ? -0.817  10.255  6.060   1.00 45.76 ? 54  ALA A C   1 
ATOM   292  O O   . ALA A 1 48  ? -1.159  9.475   5.183   1.00 47.77 ? 54  ALA A O   1 
ATOM   293  C CB  . ALA A 1 48  ? -2.060  12.336  6.346   1.00 44.83 ? 54  ALA A CB  1 
ATOM   294  N N   . THR A 1 49  ? 0.457   10.530  6.331   1.00 45.50 ? 55  THR A N   1 
ATOM   295  C CA  . THR A 1 49  ? 1.546   9.866   5.642   1.00 44.40 ? 55  THR A CA  1 
ATOM   296  C C   . THR A 1 49  ? 1.455   8.377   5.857   1.00 44.57 ? 55  THR A C   1 
ATOM   297  O O   . THR A 1 49  ? 1.810   7.609   4.987   1.00 46.11 ? 55  THR A O   1 
ATOM   298  C CB  . THR A 1 49  ? 2.876   10.326  6.224   1.00 44.40 ? 55  THR A CB  1 
ATOM   299  O OG1 . THR A 1 49  ? 2.977   11.749  6.161   1.00 44.11 ? 55  THR A OG1 1 
ATOM   300  C CG2 . THR A 1 49  ? 4.047   9.812   5.403   1.00 42.24 ? 55  THR A CG2 1 
ATOM   301  N N   . LYS A 1 50  ? 1.014   7.977   7.042   1.00 44.00 ? 56  LYS A N   1 
ATOM   302  C CA  . LYS A 1 50  ? 1.024   6.588   7.463   1.00 43.55 ? 56  LYS A CA  1 
ATOM   303  C C   . LYS A 1 50  ? -0.112  5.850   6.804   1.00 43.79 ? 56  LYS A C   1 
ATOM   304  O O   . LYS A 1 50  ? 0.076   4.708   6.386   1.00 43.30 ? 56  LYS A O   1 
ATOM   305  C CB  . LYS A 1 50  ? 0.886   6.467   8.965   1.00 43.18 ? 56  LYS A CB  1 
ATOM   306  C CG  . LYS A 1 50  ? 0.950   5.038   9.500   1.00 43.67 ? 56  LYS A CG  1 
ATOM   307  C CD  . LYS A 1 50  ? -0.321  4.623   10.212  1.00 44.97 ? 56  LYS A CD  1 
ATOM   308  C CE  . LYS A 1 50  ? -0.098  3.404   11.130  1.00 46.25 ? 56  LYS A CE  1 
ATOM   309  N NZ  . LYS A 1 50  ? 0.665   2.339   10.405  1.00 47.21 ? 56  LYS A NZ  1 
ATOM   310  N N   . ARG A 1 51  ? -1.269  6.505   6.703   1.00 43.93 ? 57  ARG A N   1 
ATOM   311  C CA  . ARG A 1 51  ? -2.433  5.946   5.978   1.00 44.88 ? 57  ARG A CA  1 
ATOM   312  C C   . ARG A 1 51  ? -2.198  5.825   4.444   1.00 43.02 ? 57  ARG A C   1 
ATOM   313  O O   . ARG A 1 51  ? -2.752  4.962   3.793   1.00 42.34 ? 57  ARG A O   1 
ATOM   314  C CB  . ARG A 1 51  ? -3.666  6.804   6.216   1.00 45.42 ? 57  ARG A CB  1 
ATOM   315  C CG  . ARG A 1 51  ? -4.295  6.588   7.553   1.00 50.63 ? 57  ARG A CG  1 
ATOM   316  C CD  . ARG A 1 51  ? -5.201  5.324   7.649   1.00 54.64 ? 57  ARG A CD  1 
ATOM   317  N NE  . ARG A 1 51  ? -5.614  4.971   9.036   1.00 59.22 ? 57  ARG A NE  1 
ATOM   318  C CZ  . ARG A 1 51  ? -6.093  5.816   9.989   1.00 60.27 ? 57  ARG A CZ  1 
ATOM   319  N NH1 . ARG A 1 51  ? -6.239  7.128   9.787   1.00 61.56 ? 57  ARG A NH1 1 
ATOM   320  N NH2 . ARG A 1 51  ? -6.413  5.329   11.182  1.00 60.79 ? 57  ARG A NH2 1 
ATOM   321  N N   . ALA A 1 52  ? -1.393  6.747   3.918   1.00 42.18 ? 58  ALA A N   1 
ATOM   322  C CA  . ALA A 1 52  ? -0.977  6.799   2.506   1.00 40.81 ? 58  ALA A CA  1 
ATOM   323  C C   . ALA A 1 52  ? -0.066  5.639   2.224   1.00 39.08 ? 58  ALA A C   1 
ATOM   324  O O   . ALA A 1 52  ? -0.288  4.955   1.250   1.00 38.24 ? 58  ALA A O   1 
ATOM   325  C CB  . ALA A 1 52  ? -0.255  8.145   2.166   1.00 40.85 ? 58  ALA A CB  1 
ATOM   326  N N   . THR A 1 53  ? 0.937   5.412   3.081   1.00 37.23 ? 59  THR A N   1 
ATOM   327  C CA  . THR A 1 53  ? 1.740   4.182   2.976   1.00 36.45 ? 59  THR A CA  1 
ATOM   328  C C   . THR A 1 53  ? 0.881   2.886   3.016   1.00 34.80 ? 59  THR A C   1 
ATOM   329  O O   . THR A 1 53  ? 1.150   1.921   2.249   1.00 35.54 ? 59  THR A O   1 
ATOM   330  C CB  . THR A 1 53  ? 2.861   4.175   4.036   1.00 36.35 ? 59  THR A CB  1 
ATOM   331  O OG1 . THR A 1 53  ? 3.554   5.428   4.029   1.00 37.54 ? 59  THR A OG1 1 
ATOM   332  C CG2 . THR A 1 53  ? 3.936   3.187   3.682   1.00 36.43 ? 59  THR A CG2 1 
ATOM   333  N N   . ILE A 1 54  ? -0.172  2.887   3.836   1.00 33.41 ? 60  ILE A N   1 
ATOM   334  C CA  . ILE A 1 54  ? -1.071  1.725   3.976   1.00 32.82 ? 60  ILE A CA  1 
ATOM   335  C C   . ILE A 1 54  ? -1.875  1.568   2.716   1.00 32.36 ? 60  ILE A C   1 
ATOM   336  O O   . ILE A 1 54  ? -2.235  0.464   2.325   1.00 33.23 ? 60  ILE A O   1 
ATOM   337  C CB  . ILE A 1 54  ? -2.005  1.833   5.225   1.00 32.72 ? 60  ILE A CB  1 
ATOM   338  C CG1 . ILE A 1 54  ? -1.213  1.580   6.503   1.00 32.29 ? 60  ILE A CG1 1 
ATOM   339  C CG2 . ILE A 1 54  ? -3.117  0.776   5.196   1.00 32.10 ? 60  ILE A CG2 1 
ATOM   340  C CD1 . ILE A 1 54  ? -1.838  2.183   7.736   1.00 32.99 ? 60  ILE A CD1 1 
ATOM   341  N N   . ARG A 1 55  ? -2.147  2.686   2.081   1.00 31.13 ? 61  ARG A N   1 
ATOM   342  C CA  . ARG A 1 55  ? -2.826  2.690   0.817   1.00 31.15 ? 61  ARG A CA  1 
ATOM   343  C C   . ARG A 1 55  ? -2.008  2.056   -0.287  1.00 30.57 ? 61  ARG A C   1 
ATOM   344  O O   . ARG A 1 55  ? -2.567  1.350   -1.142  1.00 30.82 ? 61  ARG A O   1 
ATOM   345  C CB  . ARG A 1 55  ? -3.171  4.123   0.447   1.00 31.18 ? 61  ARG A CB  1 
ATOM   346  C CG  . ARG A 1 55  ? -3.836  4.283   -0.876  1.00 33.55 ? 61  ARG A CG  1 
ATOM   347  C CD  . ARG A 1 55  ? -5.100  3.597   -1.014  1.00 33.72 ? 61  ARG A CD  1 
ATOM   348  N NE  . ARG A 1 55  ? -5.943  3.935   0.124   1.00 39.41 ? 61  ARG A NE  1 
ATOM   349  C CZ  . ARG A 1 55  ? -7.119  3.387   0.315   1.00 40.40 ? 61  ARG A CZ  1 
ATOM   350  N NH1 . ARG A 1 55  ? -7.581  2.504   -0.597  1.00 42.47 ? 61  ARG A NH1 1 
ATOM   351  N NH2 . ARG A 1 55  ? -7.816  3.691   1.402   1.00 37.28 ? 61  ARG A NH2 1 
ATOM   352  N N   . VAL A 1 56  ? -0.700  2.290   -0.295  1.00 30.57 ? 62  VAL A N   1 
ATOM   353  C CA  . VAL A 1 56  ? 0.187   1.619   -1.254  1.00 30.67 ? 62  VAL A CA  1 
ATOM   354  C C   . VAL A 1 56  ? 0.008   0.107   -1.094  1.00 30.80 ? 62  VAL A C   1 
ATOM   355  O O   . VAL A 1 56  ? -0.212  -0.598  -2.084  1.00 30.82 ? 62  VAL A O   1 
ATOM   356  C CB  . VAL A 1 56  ? 1.654   1.988   -1.058  1.00 31.88 ? 62  VAL A CB  1 
ATOM   357  C CG1 . VAL A 1 56  ? 2.587   1.163   -1.960  1.00 31.93 ? 62  VAL A CG1 1 
ATOM   358  C CG2 . VAL A 1 56  ? 1.897   3.532   -1.298  1.00 32.60 ? 62  VAL A CG2 1 
ATOM   359  N N   . ALA A 1 57  ? -0.001  -0.371  0.150   1.00 30.22 ? 63  ALA A N   1 
ATOM   360  C CA  . ALA A 1 57  ? -0.033  -1.809  0.403   1.00 30.30 ? 63  ALA A CA  1 
ATOM   361  C C   . ALA A 1 57  ? -1.396  -2.377  -0.014  1.00 30.43 ? 63  ALA A C   1 
ATOM   362  O O   . ALA A 1 57  ? -1.461  -3.474  -0.534  1.00 30.06 ? 63  ALA A O   1 
ATOM   363  C CB  . ALA A 1 57  ? 0.239   -2.121  1.888   1.00 29.39 ? 63  ALA A CB  1 
ATOM   364  N N   . GLN A 1 58  ? -2.458  -1.610  0.248   1.00 29.30 ? 64  GLN A N   1 
ATOM   365  C CA  . GLN A 1 58  ? -3.790  -1.955  -0.198  1.00 28.69 ? 64  GLN A CA  1 
ATOM   366  C C   . GLN A 1 58  ? -3.832  -2.042  -1.717  1.00 27.76 ? 64  GLN A C   1 
ATOM   367  O O   . GLN A 1 58  ? -4.509  -2.890  -2.262  1.00 28.07 ? 64  GLN A O   1 
ATOM   368  C CB  . GLN A 1 58  ? -4.828  -0.945  0.311   1.00 27.69 ? 64  GLN A CB  1 
ATOM   369  C CG  . GLN A 1 58  ? -5.123  -1.102  1.766   1.00 28.92 ? 64  GLN A CG  1 
ATOM   370  C CD  . GLN A 1 58  ? -5.991  0.045   2.387   1.00 31.70 ? 64  GLN A CD  1 
ATOM   371  O OE1 . GLN A 1 58  ? -5.999  1.202   1.954   1.00 31.21 ? 64  GLN A OE1 1 
ATOM   372  N NE2 . GLN A 1 58  ? -6.742  -0.326  3.362   1.00 31.02 ? 64  GLN A NE2 1 
ATOM   373  N N   . ASN A 1 59  ? -3.107  -1.159  -2.381  1.00 27.28 ? 65  ASN A N   1 
ATOM   374  C CA  . ASN A 1 59  ? -3.031  -1.157  -3.844  1.00 26.75 ? 65  ASN A CA  1 
ATOM   375  C C   . ASN A 1 59  ? -2.350  -2.454  -4.291  1.00 27.06 ? 65  ASN A C   1 
ATOM   376  O O   . ASN A 1 59  ? -2.767  -3.138  -5.226  1.00 26.19 ? 65  ASN A O   1 
ATOM   377  C CB  . ASN A 1 59  ? -2.160  -0.006  -4.319  1.00 27.55 ? 65  ASN A CB  1 
ATOM   378  C CG  . ASN A 1 59  ? -2.810  1.351   -4.235  1.00 25.52 ? 65  ASN A CG  1 
ATOM   379  O OD1 . ASN A 1 59  ? -4.004  1.507   -3.977  1.00 22.35 ? 65  ASN A OD1 1 
ATOM   380  N ND2 . ASN A 1 59  ? -1.992  2.367   -4.501  1.00 26.32 ? 65  ASN A ND2 1 
ATOM   381  N N   . ILE A 1 60  ? -1.330  -2.833  -3.552  1.00 27.34 ? 66  ILE A N   1 
ATOM   382  C CA  . ILE A 1 60  ? -0.617  -4.066  -3.883  1.00 27.81 ? 66  ILE A CA  1 
ATOM   383  C C   . ILE A 1 60  ? -1.515  -5.249  -3.640  1.00 27.46 ? 66  ILE A C   1 
ATOM   384  O O   . ILE A 1 60  ? -1.725  -6.032  -4.550  1.00 27.66 ? 66  ILE A O   1 
ATOM   385  C CB  . ILE A 1 60  ? 0.689   -4.159  -3.154  1.00 26.27 ? 66  ILE A CB  1 
ATOM   386  C CG1 . ILE A 1 60  ? 1.587   -3.040  -3.631  1.00 26.06 ? 66  ILE A CG1 1 
ATOM   387  C CG2 . ILE A 1 60  ? 1.342   -5.440  -3.477  1.00 30.40 ? 66  ILE A CG2 1 
ATOM   388  C CD1 . ILE A 1 60  ? 2.745   -2.762  -2.729  1.00 29.30 ? 66  ILE A CD1 1 
ATOM   389  N N   . VAL A 1 61  ? -2.176  -5.315  -2.497  1.00 28.39 ? 67  VAL A N   1 
ATOM   390  C CA  . VAL A 1 61  ? -3.055  -6.460  -2.302  1.00 29.07 ? 67  VAL A CA  1 
ATOM   391  C C   . VAL A 1 61  ? -4.122  -6.583  -3.407  1.00 29.48 ? 67  VAL A C   1 
ATOM   392  O O   . VAL A 1 61  ? -4.307  -7.656  -3.923  1.00 30.33 ? 67  VAL A O   1 
ATOM   393  C CB  . VAL A 1 61  ? -3.598  -6.680  -0.828  1.00 30.01 ? 67  VAL A CB  1 
ATOM   394  C CG1 . VAL A 1 61  ? -2.768  -5.992  0.272   1.00 30.22 ? 67  VAL A CG1 1 
ATOM   395  C CG2 . VAL A 1 61  ? -5.082  -6.531  -0.684  1.00 28.53 ? 67  VAL A CG2 1 
ATOM   396  N N   . HIS A 1 62  ? -4.784  -5.493  -3.785  1.00 29.56 ? 68  HIS A N   1 
ATOM   397  C CA  . HIS A 1 62  ? -5.748  -5.510  -4.888  1.00 30.61 ? 68  HIS A CA  1 
ATOM   398  C C   . HIS A 1 62  ? -5.135  -6.128  -6.148  1.00 29.30 ? 68  HIS A C   1 
ATOM   399  O O   . HIS A 1 62  ? -5.733  -6.998  -6.762  1.00 28.69 ? 68  HIS A O   1 
ATOM   400  C CB  . HIS A 1 62  ? -6.200  -4.076  -5.114  1.00 31.81 ? 68  HIS A CB  1 
ATOM   401  C CG  . HIS A 1 62  ? -6.974  -3.826  -6.368  1.00 36.44 ? 68  HIS A CG  1 
ATOM   402  N ND1 . HIS A 1 62  ? -8.228  -4.360  -6.606  1.00 44.24 ? 68  HIS A ND1 1 
ATOM   403  C CD2 . HIS A 1 62  ? -6.727  -2.980  -7.404  1.00 40.91 ? 68  HIS A CD2 1 
ATOM   404  C CE1 . HIS A 1 62  ? -8.699  -3.879  -7.752  1.00 42.71 ? 68  HIS A CE1 1 
ATOM   405  N NE2 . HIS A 1 62  ? -7.817  -3.028  -8.246  1.00 41.30 ? 68  HIS A NE2 1 
ATOM   406  N N   . LYS A 1 63  ? -3.924  -5.726  -6.508  1.00 28.59 ? 69  LYS A N   1 
ATOM   407  C CA  . LYS A 1 63  ? -3.288  -6.362  -7.671  1.00 29.80 ? 69  LYS A CA  1 
ATOM   408  C C   . LYS A 1 63  ? -3.090  -7.848  -7.482  1.00 28.10 ? 69  LYS A C   1 
ATOM   409  O O   . LYS A 1 63  ? -3.193  -8.598  -8.431  1.00 27.56 ? 69  LYS A O   1 
ATOM   410  C CB  . LYS A 1 63  ? -2.011  -5.666  -8.133  1.00 29.08 ? 69  LYS A CB  1 
ATOM   411  C CG  . LYS A 1 63  ? -2.268  -4.765  -9.391  1.00 35.04 ? 69  LYS A CG  1 
ATOM   412  C CD  . LYS A 1 63  ? -2.427  -5.570  -10.833 1.00 40.50 ? 69  LYS A CD  1 
ATOM   413  C CE  . LYS A 1 63  ? -1.547  -6.934  -11.049 1.00 41.40 ? 69  LYS A CE  1 
ATOM   414  N NZ  . LYS A 1 63  ? -2.299  -8.268  -11.168 1.00 37.18 ? 69  LYS A NZ  1 
ATOM   415  N N   . LEU A 1 64  ? -2.841  -8.281  -6.262  1.00 27.69 ? 70  LEU A N   1 
ATOM   416  C CA  . LEU A 1 64  ? -2.596  -9.693  -6.044  1.00 27.94 ? 70  LEU A CA  1 
ATOM   417  C C   . LEU A 1 64  ? -3.904  -10.460 -6.184  1.00 29.15 ? 70  LEU A C   1 
ATOM   418  O O   . LEU A 1 64  ? -3.946  -11.589 -6.703  1.00 29.49 ? 70  LEU A O   1 
ATOM   419  C CB  . LEU A 1 64  ? -1.979  -9.896  -4.678  1.00 28.08 ? 70  LEU A CB  1 
ATOM   420  C CG  . LEU A 1 64  ? -0.616  -9.238  -4.460  1.00 26.76 ? 70  LEU A CG  1 
ATOM   421  C CD1 . LEU A 1 64  ? -0.247  -9.466  -3.017  1.00 28.08 ? 70  LEU A CD1 1 
ATOM   422  C CD2 . LEU A 1 64  ? 0.483   -9.825  -5.433  1.00 23.34 ? 70  LEU A CD2 1 
ATOM   423  N N   . LYS A 1 65  ? -4.988  -9.820  -5.747  1.00 28.63 ? 71  LYS A N   1 
ATOM   424  C CA  . LYS A 1 65  ? -6.304  -10.374 -5.921  1.00 28.63 ? 71  LYS A CA  1 
ATOM   425  C C   . LYS A 1 65  ? -6.572  -10.651 -7.397  1.00 28.91 ? 71  LYS A C   1 
ATOM   426  O O   . LYS A 1 65  ? -7.040  -11.724 -7.733  1.00 30.18 ? 71  LYS A O   1 
ATOM   427  C CB  . LYS A 1 65  ? -7.350  -9.418  -5.379  1.00 28.68 ? 71  LYS A CB  1 
ATOM   428  C CG  . LYS A 1 65  ? -7.497  -9.433  -3.868  1.00 29.57 ? 71  LYS A CG  1 
ATOM   429  C CD  . LYS A 1 65  ? -8.752  -8.584  -3.437  1.00 27.17 ? 71  LYS A CD  1 
ATOM   430  C CE  . LYS A 1 65  ? -8.553  -8.107  -2.048  1.00 26.49 ? 71  LYS A CE  1 
ATOM   431  N NZ  . LYS A 1 65  ? -9.685  -7.296  -1.601  1.00 28.62 ? 71  LYS A NZ  1 
ATOM   432  N N   . GLU A 1 66  ? -6.272  -9.694  -8.263  1.00 28.27 ? 72  GLU A N   1 
ATOM   433  C CA  . GLU A 1 66  ? -6.404  -9.897  -9.706  1.00 29.20 ? 72  GLU A CA  1 
ATOM   434  C C   . GLU A 1 66  ? -5.597  -11.045 -10.283 1.00 28.41 ? 72  GLU A C   1 
ATOM   435  O O   . GLU A 1 66  ? -6.100  -11.802 -11.085 1.00 27.33 ? 72  GLU A O   1 
ATOM   436  C CB  . GLU A 1 66  ? -6.095  -8.613  -10.451 1.00 29.93 ? 72  GLU A CB  1 
ATOM   437  C CG  . GLU A 1 66  ? -7.192  -7.566  -10.178 1.00 32.53 ? 72  GLU A CG  1 
ATOM   438  C CD  . GLU A 1 66  ? -6.828  -6.194  -10.668 1.00 37.38 ? 72  GLU A CD  1 
ATOM   439  O OE1 . GLU A 1 66  ? -7.742  -5.422  -10.957 1.00 41.84 ? 72  GLU A OE1 1 
ATOM   440  O OE2 . GLU A 1 66  ? -5.631  -5.874  -10.748 1.00 43.73 ? 72  GLU A OE2 1 
ATOM   441  N N   . ALA A 1 67  ? -4.363  -11.188 -9.832  1.00 28.39 ? 73  ALA A N   1 
ATOM   442  C CA  . ALA A 1 67  ? -3.507  -12.299 -10.224 1.00 26.54 ? 73  ALA A CA  1 
ATOM   443  C C   . ALA A 1 67  ? -4.048  -13.640 -9.817  1.00 26.90 ? 73  ALA A C   1 
ATOM   444  O O   . ALA A 1 67  ? -4.031  -14.636 -10.591 1.00 24.84 ? 73  ALA A O   1 
ATOM   445  C CB  . ALA A 1 67  ? -2.128  -12.100 -9.582  1.00 26.88 ? 73  ALA A CB  1 
ATOM   446  N N   . TYR A 1 68  ? -4.509  -13.728 -8.568  1.00 28.37 ? 74  TYR A N   1 
ATOM   447  C CA  . TYR A 1 68  ? -4.973  -15.029 -8.047  1.00 28.03 ? 74  TYR A CA  1 
ATOM   448  C C   . TYR A 1 68  ? -6.225  -15.429 -8.787  1.00 27.24 ? 74  TYR A C   1 
ATOM   449  O O   . TYR A 1 68  ? -6.465  -16.572 -9.103  1.00 26.39 ? 74  TYR A O   1 
ATOM   450  C CB  . TYR A 1 68  ? -5.262  -14.920 -6.556  1.00 29.45 ? 74  TYR A CB  1 
ATOM   451  C CG  . TYR A 1 68  ? -5.936  -16.124 -5.910  1.00 30.08 ? 74  TYR A CG  1 
ATOM   452  C CD1 . TYR A 1 68  ? -7.292  -16.125 -5.670  1.00 31.18 ? 74  TYR A CD1 1 
ATOM   453  C CD2 . TYR A 1 68  ? -5.189  -17.250 -5.532  1.00 33.00 ? 74  TYR A CD2 1 
ATOM   454  C CE1 . TYR A 1 68  ? -7.897  -17.180 -5.013  1.00 33.36 ? 74  TYR A CE1 1 
ATOM   455  C CE2 . TYR A 1 68  ? -5.783  -18.322 -4.901  1.00 32.66 ? 74  TYR A CE2 1 
ATOM   456  C CZ  . TYR A 1 68  ? -7.142  -18.279 -4.677  1.00 33.28 ? 74  TYR A CZ  1 
ATOM   457  O OH  . TYR A 1 68  ? -7.767  -19.311 -4.097  1.00 37.47 ? 74  TYR A OH  1 
ATOM   458  N N   . LEU A 1 69  ? -7.037  -14.453 -9.082  1.00 28.64 ? 75  LEU A N   1 
ATOM   459  C CA  . LEU A 1 69  ? -8.294  -14.715 -9.795  1.00 29.78 ? 75  LEU A CA  1 
ATOM   460  C C   . LEU A 1 69  ? -8.054  -15.111 -11.255 1.00 29.71 ? 75  LEU A C   1 
ATOM   461  O O   . LEU A 1 69  ? -8.928  -15.688 -11.886 1.00 28.57 ? 75  LEU A O   1 
ATOM   462  C CB  . LEU A 1 69  ? -9.161  -13.467 -9.770  1.00 29.81 ? 75  LEU A CB  1 
ATOM   463  C CG  . LEU A 1 69  ? -10.392 -13.412 -8.892  1.00 33.57 ? 75  LEU A CG  1 
ATOM   464  C CD1 . LEU A 1 69  ? -10.752 -14.721 -8.083  1.00 30.28 ? 75  LEU A CD1 1 
ATOM   465  C CD2 . LEU A 1 69  ? -10.267 -12.209 -8.034  1.00 34.77 ? 75  LEU A CD2 1 
ATOM   466  N N   . SER A 1 70  ? -6.896  -14.741 -11.801 1.00 30.56 ? 76  SER A N   1 
ATOM   467  C CA  . SER A 1 70  ? -6.630  -14.896 -13.223 1.00 32.23 ? 76  SER A CA  1 
ATOM   468  C C   . SER A 1 70  ? -6.664  -16.387 -13.620 1.00 32.74 ? 76  SER A C   1 
ATOM   469  O O   . SER A 1 70  ? -6.334  -17.258 -12.807 1.00 32.03 ? 76  SER A O   1 
ATOM   470  C CB  . SER A 1 70  ? -5.299  -14.203 -13.589 1.00 31.99 ? 76  SER A CB  1 
ATOM   471  O OG  . SER A 1 70  ? -4.979  -14.393 -14.953 1.00 34.48 ? 76  SER A OG  1 
ATOM   472  N N   . LYS A 1 71  ? -7.140  -16.654 -14.836 1.00 34.09 ? 77  LYS A N   1 
ATOM   473  C CA  . LYS A 1 71  ? -7.144  -18.013 -15.452 1.00 35.66 ? 77  LYS A CA  1 
ATOM   474  C C   . LYS A 1 71  ? -5.751  -18.592 -15.386 1.00 36.01 ? 77  LYS A C   1 
ATOM   475  O O   . LYS A 1 71  ? -5.553  -19.784 -15.412 1.00 37.39 ? 77  LYS A O   1 
ATOM   476  C CB  . LYS A 1 71  ? -7.542  -17.937 -16.943 1.00 35.68 ? 77  LYS A CB  1 
ATOM   477  C CG  . LYS A 1 71  ? -7.669  -19.310 -17.726 1.00 39.08 ? 77  LYS A CG  1 
ATOM   478  C CD  . LYS A 1 71  ? -9.053  -20.044 -17.583 1.00 42.51 ? 77  LYS A CD  1 
ATOM   479  C CE  . LYS A 1 71  ? -9.625  -20.533 -18.917 1.00 43.99 ? 77  LYS A CE  1 
ATOM   480  N NZ  . LYS A 1 71  ? -9.126  -21.899 -19.313 1.00 46.73 ? 77  LYS A NZ  1 
ATOM   481  N N   . THR A 1 72  ? -4.778  -17.717 -15.334 1.00 36.31 ? 78  THR A N   1 
ATOM   482  C CA  . THR A 1 72  ? -3.374  -18.084 -15.337 1.00 36.42 ? 78  THR A CA  1 
ATOM   483  C C   . THR A 1 72  ? -2.826  -18.501 -13.963 1.00 35.91 ? 78  THR A C   1 
ATOM   484  O O   . THR A 1 72  ? -1.818  -19.226 -13.896 1.00 36.12 ? 78  THR A O   1 
ATOM   485  C CB  . THR A 1 72  ? -2.637  -16.852 -15.846 1.00 36.03 ? 78  THR A CB  1 
ATOM   486  O OG1 . THR A 1 72  ? -1.922  -17.190 -17.009 1.00 39.51 ? 78  THR A OG1 1 
ATOM   487  C CG2 . THR A 1 72  ? -1.608  -16.346 -14.893 1.00 37.30 ? 78  THR A CG2 1 
ATOM   488  N N   . ASN A 1 73  ? -3.424  -17.981 -12.883 1.00 34.05 ? 79  ASN A N   1 
ATOM   489  C CA  . ASN A 1 73  ? -2.928  -18.210 -11.517 1.00 33.37 ? 79  ASN A CA  1 
ATOM   490  C C   . ASN A 1 73  ? -2.338  -19.603 -11.223 1.00 33.92 ? 79  ASN A C   1 
ATOM   491  O O   . ASN A 1 73  ? -2.970  -20.608 -11.501 1.00 33.76 ? 79  ASN A O   1 
ATOM   492  C CB  . ASN A 1 73  ? -4.065  -17.945 -10.553 1.00 32.44 ? 79  ASN A CB  1 
ATOM   493  C CG  . ASN A 1 73  ? -3.844  -18.528 -9.206  1.00 31.11 ? 79  ASN A CG  1 
ATOM   494  O OD1 . ASN A 1 73  ? -4.588  -19.411 -8.818  1.00 32.72 ? 79  ASN A OD1 1 
ATOM   495  N ND2 . ASN A 1 73  ? -2.841  -18.025 -8.450  1.00 22.30 ? 79  ASN A ND2 1 
ATOM   496  N N   . ARG A 1 74  ? -1.147  -19.654 -10.632 1.00 34.09 ? 80  ARG A N   1 
ATOM   497  C CA  . ARG A 1 74  ? -0.518  -20.927 -10.295 1.00 34.41 ? 80  ARG A CA  1 
ATOM   498  C C   . ARG A 1 74  ? -0.758  -21.352 -8.843  1.00 34.00 ? 80  ARG A C   1 
ATOM   499  O O   . ARG A 1 74  ? -0.541  -22.522 -8.479  1.00 33.79 ? 80  ARG A O   1 
ATOM   500  C CB  . ARG A 1 74  ? 0.990   -20.819 -10.447 1.00 35.04 ? 80  ARG A CB  1 
ATOM   501  C CG  . ARG A 1 74  ? 1.529   -20.422 -11.787 1.00 38.78 ? 80  ARG A CG  1 
ATOM   502  C CD  . ARG A 1 74  ? 3.075   -20.365 -11.773 1.00 42.51 ? 80  ARG A CD  1 
ATOM   503  N NE  . ARG A 1 74  ? 3.614   -19.959 -13.065 1.00 46.00 ? 80  ARG A NE  1 
ATOM   504  C CZ  . ARG A 1 74  ? 3.691   -20.741 -14.131 1.00 47.85 ? 80  ARG A CZ  1 
ATOM   505  N NH1 . ARG A 1 74  ? 3.275   -22.002 -14.072 1.00 49.76 ? 80  ARG A NH1 1 
ATOM   506  N NH2 . ARG A 1 74  ? 4.197   -20.260 -15.258 1.00 47.90 ? 80  ARG A NH2 1 
ATOM   507  N N   . ILE A 1 75  ? -1.116  -20.391 -8.003  1.00 33.20 ? 81  ILE A N   1 
ATOM   508  C CA  . ILE A 1 75  ? -1.360  -20.643 -6.589  1.00 33.50 ? 81  ILE A CA  1 
ATOM   509  C C   . ILE A 1 75  ? -2.483  -21.651 -6.370  1.00 34.08 ? 81  ILE A C   1 
ATOM   510  O O   . ILE A 1 75  ? -3.592  -21.453 -6.822  1.00 34.14 ? 81  ILE A O   1 
ATOM   511  C CB  . ILE A 1 75  ? -1.739  -19.351 -5.842  1.00 32.69 ? 81  ILE A CB  1 
ATOM   512  C CG1 . ILE A 1 75  ? -0.667  -18.273 -6.029  1.00 30.34 ? 81  ILE A CG1 1 
ATOM   513  C CG2 . ILE A 1 75  ? -1.998  -19.663 -4.379  1.00 32.92 ? 81  ILE A CG2 1 
ATOM   514  C CD1 . ILE A 1 75  ? -1.180  -16.864 -5.800  1.00 27.03 ? 81  ILE A CD1 1 
ATOM   515  N N   . LYS A 1 76  ? -2.181  -22.673 -5.592  1.00 34.89 ? 82  LYS A N   1 
ATOM   516  C CA  . LYS A 1 76  ? -3.036  -23.849 -5.426  1.00 35.66 ? 82  LYS A CA  1 
ATOM   517  C C   . LYS A 1 76  ? -3.979  -23.660 -4.235  1.00 35.16 ? 82  LYS A C   1 
ATOM   518  O O   . LYS A 1 76  ? -5.161  -24.040 -4.287  1.00 35.43 ? 82  LYS A O   1 
ATOM   519  C CB  . LYS A 1 76  ? -2.168  -25.115 -5.226  1.00 36.05 ? 82  LYS A CB  1 
ATOM   520  C CG  . LYS A 1 76  ? -2.063  -26.047 -6.429  1.00 38.84 ? 82  LYS A CG  1 
ATOM   521  C CD  . LYS A 1 76  ? -1.043  -25.572 -7.482  1.00 43.42 ? 82  LYS A CD  1 
ATOM   522  C CE  . LYS A 1 76  ? -1.556  -25.731 -8.982  1.00 46.17 ? 82  LYS A CE  1 
ATOM   523  N NZ  . LYS A 1 76  ? -0.883  -24.812 -10.000 1.00 45.85 ? 82  LYS A NZ  1 
ATOM   524  N N   . GLN A 1 77  ? -3.440  -23.062 -3.175  1.00 34.71 ? 83  GLN A N   1 
ATOM   525  C CA  . GLN A 1 77  ? -4.169  -22.755 -1.932  1.00 33.98 ? 83  GLN A CA  1 
ATOM   526  C C   . GLN A 1 77  ? -5.416  -21.887 -2.153  1.00 33.82 ? 83  GLN A C   1 
ATOM   527  O O   . GLN A 1 77  ? -5.506  -21.089 -3.075  1.00 33.64 ? 83  GLN A O   1 
ATOM   528  C CB  . GLN A 1 77  ? -3.202  -22.043 -0.935  1.00 33.43 ? 83  GLN A CB  1 
ATOM   529  C CG  . GLN A 1 77  ? -3.693  -21.819 0.490   1.00 30.75 ? 83  GLN A CG  1 
ATOM   530  C CD  . GLN A 1 77  ? -2.599  -21.269 1.400   1.00 32.20 ? 83  GLN A CD  1 
ATOM   531  O OE1 . GLN A 1 77  ? -1.443  -21.091 0.956   1.00 30.56 ? 83  GLN A OE1 1 
ATOM   532  N NE2 . GLN A 1 77  ? -2.941  -21.014 2.692   1.00 30.22 ? 83  GLN A NE2 1 
ATOM   533  N N   . LYS A 1 78  ? -6.388  -22.070 -1.279  1.00 34.78 ? 84  LYS A N   1 
ATOM   534  C CA  . LYS A 1 78  ? -7.542  -21.187 -1.222  1.00 34.99 ? 84  LYS A CA  1 
ATOM   535  C C   . LYS A 1 78  ? -7.173  -19.950 -0.447  1.00 33.77 ? 84  LYS A C   1 
ATOM   536  O O   . LYS A 1 78  ? -6.781  -20.051 0.706   1.00 33.02 ? 84  LYS A O   1 
ATOM   537  C CB  . LYS A 1 78  ? -8.728  -21.863 -0.530  1.00 35.67 ? 84  LYS A CB  1 
ATOM   538  C CG  . LYS A 1 78  ? -10.059 -21.566 -1.209  1.00 39.52 ? 84  LYS A CG  1 
ATOM   539  C CD  . LYS A 1 78  ? -10.050 -22.114 -2.691  1.00 43.38 ? 84  LYS A CD  1 
ATOM   540  C CE  . LYS A 1 78  ? -10.585 -23.551 -2.799  1.00 44.43 ? 84  LYS A CE  1 
ATOM   541  N NZ  . LYS A 1 78  ? -9.838  -24.568 -1.962  1.00 45.50 ? 84  LYS A NZ  1 
ATOM   542  N N   . ILE A 1 79  ? -7.340  -18.787 -1.078  1.00 32.27 ? 85  ILE A N   1 
ATOM   543  C CA  . ILE A 1 79  ? -7.090  -17.513 -0.421  1.00 32.33 ? 85  ILE A CA  1 
ATOM   544  C C   . ILE A 1 79  ? -8.396  -16.740 -0.497  1.00 32.42 ? 85  ILE A C   1 
ATOM   545  O O   . ILE A 1 79  ? -8.952  -16.560 -1.588  1.00 35.07 ? 85  ILE A O   1 
ATOM   546  C CB  . ILE A 1 79  ? -5.878  -16.766 -1.066  1.00 31.47 ? 85  ILE A CB  1 
ATOM   547  C CG1 . ILE A 1 79  ? -4.632  -17.666 -1.060  1.00 31.24 ? 85  ILE A CG1 1 
ATOM   548  C CG2 . ILE A 1 79  ? -5.519  -15.539 -0.298  1.00 32.73 ? 85  ILE A CG2 1 
ATOM   549  C CD1 . ILE A 1 79  ? -3.364  -17.084 -1.749  1.00 29.79 ? 85  ILE A CD1 1 
ATOM   550  N N   . THR A 1 80  ? -8.904  -16.335 0.661   1.00 31.24 ? 86  THR A N   1 
ATOM   551  C CA  . THR A 1 80  ? -10.188 -15.674 0.777   1.00 30.40 ? 86  THR A CA  1 
ATOM   552  C C   . THR A 1 80  ? -9.918  -14.193 0.742   1.00 30.54 ? 86  THR A C   1 
ATOM   553  O O   . THR A 1 80  ? -8.784  -13.743 0.967   1.00 30.69 ? 86  THR A O   1 
ATOM   554  C CB  . THR A 1 80  ? -10.851 -15.968 2.145   1.00 29.93 ? 86  THR A CB  1 
ATOM   555  O OG1 . THR A 1 80  ? -9.988  -15.546 3.188   1.00 28.03 ? 86  THR A OG1 1 
ATOM   556  C CG2 . THR A 1 80  ? -11.003 -17.463 2.400   1.00 30.53 ? 86  THR A CG2 1 
ATOM   557  N N   . ASN A 1 81  ? -10.966 -13.418 0.512   1.00 29.70 ? 87  ASN A N   1 
ATOM   558  C CA  . ASN A 1 81  ? -10.793 -11.978 0.502   1.00 28.47 ? 87  ASN A CA  1 
ATOM   559  C C   . ASN A 1 81  ? -10.287 -11.561 1.880   1.00 27.63 ? 87  ASN A C   1 
ATOM   560  O O   . ASN A 1 81  ? -9.459  -10.687 2.005   1.00 26.32 ? 87  ASN A O   1 
ATOM   561  C CB  . ASN A 1 81  ? -12.095 -11.312 0.151   1.00 27.59 ? 87  ASN A CB  1 
ATOM   562  C CG  . ASN A 1 81  ? -11.947 -9.816  -0.016  1.00 28.53 ? 87  ASN A CG  1 
ATOM   563  O OD1 . ASN A 1 81  ? -11.221 -9.340  -0.896  1.00 26.77 ? 87  ASN A OD1 1 
ATOM   564  N ND2 . ASN A 1 81  ? -12.614 -9.053  0.862   1.00 26.76 ? 87  ASN A ND2 1 
ATOM   565  N N   . GLU A 1 82  ? -10.796 -12.204 2.929   1.00 27.54 ? 88  GLU A N   1 
ATOM   566  C CA  . GLU A 1 82  ? -10.376 -11.900 4.304   1.00 26.86 ? 88  GLU A CA  1 
ATOM   567  C C   . GLU A 1 82  ? -8.871  -12.201 4.507   1.00 26.58 ? 88  GLU A C   1 
ATOM   568  O O   . GLU A 1 82  ? -8.113  -11.427 5.102   1.00 26.27 ? 88  GLU A O   1 
ATOM   569  C CB  . GLU A 1 82  ? -11.225 -12.712 5.271   1.00 27.36 ? 88  GLU A CB  1 
ATOM   570  C CG  . GLU A 1 82  ? -12.704 -12.300 5.293   1.00 29.70 ? 88  GLU A CG  1 
ATOM   571  C CD  . GLU A 1 82  ? -13.531 -12.780 4.074   1.00 31.13 ? 88  GLU A CD  1 
ATOM   572  O OE1 . GLU A 1 82  ? -14.602 -12.194 3.801   1.00 33.59 ? 88  GLU A OE1 1 
ATOM   573  O OE2 . GLU A 1 82  ? -13.143 -13.743 3.400   1.00 29.95 ? 88  GLU A OE2 1 
ATOM   574  N N   . MET A 1 83  ? -8.411  -13.298 3.950   1.00 26.45 ? 89  MET A N   1 
ATOM   575  C CA  . MET A 1 83  ? -6.978  -13.527 3.913   1.00 27.65 ? 89  MET A CA  1 
ATOM   576  C C   . MET A 1 83  ? -6.222  -12.460 3.143   1.00 27.46 ? 89  MET A C   1 
ATOM   577  O O   . MET A 1 83  ? -5.156  -12.033 3.562   1.00 28.35 ? 89  MET A O   1 
ATOM   578  C CB  . MET A 1 83  ? -6.696  -14.891 3.318   1.00 28.27 ? 89  MET A CB  1 
ATOM   579  C CG  . MET A 1 83  ? -7.077  -16.015 4.285   1.00 29.20 ? 89  MET A CG  1 
ATOM   580  S SD  . MET A 1 83  ? -7.149  -17.614 3.478   1.00 31.67 ? 89  MET A SD  1 
ATOM   581  C CE  . MET A 1 83  ? -5.403  -18.020 3.219   1.00 34.63 ? 89  MET A CE  1 
ATOM   582  N N   . PHE A 1 84  ? -6.730  -12.035 2.012   1.00 26.56 ? 90  PHE A N   1 
ATOM   583  C CA  . PHE A 1 84  ? -6.032  -10.990 1.286   1.00 28.06 ? 90  PHE A CA  1 
ATOM   584  C C   . PHE A 1 84  ? -5.925  -9.686  2.089   1.00 28.49 ? 90  PHE A C   1 
ATOM   585  O O   . PHE A 1 84  ? -4.862  -9.078  2.181   1.00 28.55 ? 90  PHE A O   1 
ATOM   586  C CB  . PHE A 1 84  ? -6.746  -10.658 -0.022  1.00 27.66 ? 90  PHE A CB  1 
ATOM   587  C CG  . PHE A 1 84  ? -6.372  -11.551 -1.127  1.00 28.49 ? 90  PHE A CG  1 
ATOM   588  C CD1 . PHE A 1 84  ? -7.235  -12.540 -1.562  1.00 25.74 ? 90  PHE A CD1 1 
ATOM   589  C CD2 . PHE A 1 84  ? -5.115  -11.437 -1.727  1.00 29.31 ? 90  PHE A CD2 1 
ATOM   590  C CE1 . PHE A 1 84  ? -6.873  -13.380 -2.605  1.00 21.07 ? 90  PHE A CE1 1 
ATOM   591  C CE2 . PHE A 1 84  ? -4.771  -12.258 -2.750  1.00 26.57 ? 90  PHE A CE2 1 
ATOM   592  C CZ  . PHE A 1 84  ? -5.665  -13.248 -3.174  1.00 24.98 ? 90  PHE A CZ  1 
ATOM   593  N N   . ILE A 1 85  ? -7.038  -9.249  2.655   1.00 29.21 ? 91  ILE A N   1 
ATOM   594  C CA  . ILE A 1 85  ? -7.011  -8.120  3.592   1.00 29.82 ? 91  ILE A CA  1 
ATOM   595  C C   . ILE A 1 85  ? -5.986  -8.320  4.710   1.00 29.55 ? 91  ILE A C   1 
ATOM   596  O O   . ILE A 1 85  ? -5.341  -7.374  5.114   1.00 30.11 ? 91  ILE A O   1 
ATOM   597  C CB  . ILE A 1 85  ? -8.346  -7.933  4.200   1.00 29.83 ? 91  ILE A CB  1 
ATOM   598  C CG1 . ILE A 1 85  ? -9.265  -7.292  3.154   1.00 31.43 ? 91  ILE A CG1 1 
ATOM   599  C CG2 . ILE A 1 85  ? -8.240  -7.027  5.448   1.00 30.67 ? 91  ILE A CG2 1 
ATOM   600  C CD1 . ILE A 1 85  ? -10.754 -7.348  3.554   1.00 33.08 ? 91  ILE A CD1 1 
ATOM   601  N N   . GLN A 1 86  ? -5.867  -9.539  5.189   1.00 29.48 ? 92  GLN A N   1 
ATOM   602  C CA  . GLN A 1 86  ? -4.838  -9.914  6.142   1.00 31.23 ? 92  GLN A CA  1 
ATOM   603  C C   . GLN A 1 86  ? -3.419  -9.700  5.607   1.00 31.53 ? 92  GLN A C   1 
ATOM   604  O O   . GLN A 1 86  ? -2.530  -9.369  6.376   1.00 31.77 ? 92  GLN A O   1 
ATOM   605  C CB  . GLN A 1 86  ? -4.981  -11.386 6.503   1.00 32.11 ? 92  GLN A CB  1 
ATOM   606  C CG  . GLN A 1 86  ? -5.394  -11.755 7.922   1.00 34.19 ? 92  GLN A CG  1 
ATOM   607  C CD  . GLN A 1 86  ? -4.987  -13.244 8.291   1.00 35.49 ? 92  GLN A CD  1 
ATOM   608  O OE1 . GLN A 1 86  ? -5.528  -14.212 7.700   1.00 33.83 ? 92  GLN A OE1 1 
ATOM   609  N NE2 . GLN A 1 86  ? -4.034  -13.399 9.259   1.00 31.32 ? 92  GLN A NE2 1 
ATOM   610  N N   . MET A 1 87  ? -3.179  -9.913  4.313   1.00 32.43 ? 93  MET A N   1 
ATOM   611  C CA  . MET A 1 87  ? -1.830  -9.670  3.741   1.00 32.84 ? 93  MET A CA  1 
ATOM   612  C C   . MET A 1 87  ? -1.392  -8.230  3.795   1.00 32.98 ? 93  MET A C   1 
ATOM   613  O O   . MET A 1 87  ? -0.213  -7.969  3.542   1.00 33.53 ? 93  MET A O   1 
ATOM   614  C CB  . MET A 1 87  ? -1.722  -10.048 2.253   1.00 32.41 ? 93  MET A CB  1 
ATOM   615  C CG  . MET A 1 87  ? -1.828  -11.485 1.978   1.00 32.76 ? 93  MET A CG  1 
ATOM   616  S SD  . MET A 1 87  ? -1.817  -11.799 0.240   1.00 32.81 ? 93  MET A SD  1 
ATOM   617  C CE  . MET A 1 87  ? -2.720  -13.378 0.313   1.00 31.62 ? 93  MET A CE  1 
ATOM   618  N N   . THR A 1 88  ? -2.320  -7.304  4.057   1.00 32.54 ? 94  THR A N   1 
ATOM   619  C CA  . THR A 1 88  ? -2.017  -5.863  4.021   1.00 32.50 ? 94  THR A CA  1 
ATOM   620  C C   . THR A 1 88  ? -0.932  -5.471  5.009   1.00 32.66 ? 94  THR A C   1 
ATOM   621  O O   . THR A 1 88  ? -0.026  -4.712  4.694   1.00 32.68 ? 94  THR A O   1 
ATOM   622  C CB  . THR A 1 88  ? -3.273  -5.020  4.326   1.00 33.63 ? 94  THR A CB  1 
ATOM   623  O OG1 . THR A 1 88  ? -4.481  -5.647  3.818   1.00 31.72 ? 94  THR A OG1 1 
ATOM   624  C CG2 . THR A 1 88  ? -3.182  -3.652  3.640   1.00 34.72 ? 94  THR A CG2 1 
ATOM   625  N N   . GLN A 1 89  ? -0.991  -5.997  6.207   1.00 33.30 ? 95  GLN A N   1 
ATOM   626  C CA  . GLN A 1 89  ? 0.002   -5.647  7.214   1.00 34.34 ? 95  GLN A CA  1 
ATOM   627  C C   . GLN A 1 89  ? 1.416   -6.050  6.848   1.00 34.05 ? 95  GLN A C   1 
ATOM   628  O O   . GLN A 1 89  ? 2.304   -5.215  6.818   1.00 34.75 ? 95  GLN A O   1 
ATOM   629  C CB  . GLN A 1 89  ? -0.375  -6.198  8.597   1.00 34.69 ? 95  GLN A CB  1 
ATOM   630  C CG  . GLN A 1 89  ? -0.716  -5.085  9.553   1.00 37.55 ? 95  GLN A CG  1 
ATOM   631  C CD  . GLN A 1 89  ? 0.478   -4.594  10.289  1.00 40.01 ? 95  GLN A CD  1 
ATOM   632  O OE1 . GLN A 1 89  ? 1.020   -3.518  10.000  1.00 42.45 ? 95  GLN A OE1 1 
ATOM   633  N NE2 . GLN A 1 89  ? 0.899   -5.373  11.272  1.00 46.80 ? 95  GLN A NE2 1 
ATOM   634  N N   . PRO A 1 90  ? 1.641   -7.316  6.561   1.00 34.05 ? 96  PRO A N   1 
ATOM   635  C CA  . PRO A 1 90  ? 2.961   -7.734  6.113   1.00 33.98 ? 96  PRO A CA  1 
ATOM   636  C C   . PRO A 1 90  ? 3.422   -7.012  4.846   1.00 34.65 ? 96  PRO A C   1 
ATOM   637  O O   . PRO A 1 90  ? 4.628   -6.765  4.764   1.00 34.98 ? 96  PRO A O   1 
ATOM   638  C CB  . PRO A 1 90  ? 2.826   -9.239  5.851   1.00 33.88 ? 96  PRO A CB  1 
ATOM   639  C CG  . PRO A 1 90  ? 1.494   -9.634  6.247   1.00 34.63 ? 96  PRO A CG  1 
ATOM   640  C CD  . PRO A 1 90  ? 0.700   -8.433  6.673   1.00 34.93 ? 96  PRO A CD  1 
ATOM   641  N N   . ILE A 1 91  ? 2.551   -6.690  3.887   1.00 33.31 ? 97  ILE A N   1 
ATOM   642  C CA  . ILE A 1 91  ? 3.041   -5.913  2.738   1.00 34.23 ? 97  ILE A CA  1 
ATOM   643  C C   . ILE A 1 91  ? 3.584   -4.554  3.191   1.00 34.08 ? 97  ILE A C   1 
ATOM   644  O O   . ILE A 1 91  ? 4.700   -4.206  2.835   1.00 32.42 ? 97  ILE A O   1 
ATOM   645  C CB  . ILE A 1 91  ? 1.966   -5.766  1.603   1.00 34.37 ? 97  ILE A CB  1 
ATOM   646  C CG1 . ILE A 1 91  ? 1.750   -7.146  0.973   1.00 33.57 ? 97  ILE A CG1 1 
ATOM   647  C CG2 . ILE A 1 91  ? 2.414   -4.733  0.581   1.00 34.02 ? 97  ILE A CG2 1 
ATOM   648  C CD1 . ILE A 1 91  ? 0.653   -7.223  -0.031  1.00 34.83 ? 97  ILE A CD1 1 
ATOM   649  N N   . TYR A 1 92  ? 2.777   -3.826  3.981   1.00 34.78 ? 98  TYR A N   1 
ATOM   650  C CA  . TYR A 1 92  ? 3.150   -2.560  4.602   1.00 35.01 ? 98  TYR A CA  1 
ATOM   651  C C   . TYR A 1 92  ? 4.486   -2.674  5.308   1.00 35.85 ? 98  TYR A C   1 
ATOM   652  O O   . TYR A 1 92  ? 5.398   -1.870  5.068   1.00 35.86 ? 98  TYR A O   1 
ATOM   653  C CB  . TYR A 1 92  ? 2.097   -2.165  5.653   1.00 35.38 ? 98  TYR A CB  1 
ATOM   654  C CG  . TYR A 1 92  ? 2.410   -0.941  6.511   1.00 35.77 ? 98  TYR A CG  1 
ATOM   655  C CD1 . TYR A 1 92  ? 2.940   -1.065  7.789   1.00 39.95 ? 98  TYR A CD1 1 
ATOM   656  C CD2 . TYR A 1 92  ? 2.149   0.335   6.039   1.00 37.64 ? 98  TYR A CD2 1 
ATOM   657  C CE1 . TYR A 1 92  ? 3.201   0.083   8.574   1.00 39.49 ? 98  TYR A CE1 1 
ATOM   658  C CE2 . TYR A 1 92  ? 2.414   1.449   6.777   1.00 38.37 ? 98  TYR A CE2 1 
ATOM   659  C CZ  . TYR A 1 92  ? 2.937   1.340   8.042   1.00 38.99 ? 98  TYR A CZ  1 
ATOM   660  O OH  . TYR A 1 92  ? 3.159   2.506   8.746   1.00 37.49 ? 98  TYR A OH  1 
ATOM   661  N N   . ASP A 1 93  ? 4.560   -3.655  6.207   1.00 36.23 ? 99  ASP A N   1 
ATOM   662  C CA  . ASP A 1 93  ? 5.761   -3.943  6.983   1.00 36.98 ? 99  ASP A CA  1 
ATOM   663  C C   . ASP A 1 93  ? 6.966   -4.145  6.112   1.00 37.31 ? 99  ASP A C   1 
ATOM   664  O O   . ASP A 1 93  ? 8.064   -3.912  6.570   1.00 38.73 ? 99  ASP A O   1 
ATOM   665  C CB  . ASP A 1 93  ? 5.587   -5.228  7.811   1.00 37.22 ? 99  ASP A CB  1 
ATOM   666  C CG  . ASP A 1 93  ? 4.662   -5.049  9.018   1.00 38.24 ? 99  ASP A CG  1 
ATOM   667  O OD1 . ASP A 1 93  ? 4.201   -6.088  9.565   1.00 40.28 ? 99  ASP A OD1 1 
ATOM   668  O OD2 . ASP A 1 93  ? 4.349   -3.931  9.483   1.00 38.53 ? 99  ASP A OD2 1 
ATOM   669  N N   . SER A 1 94  ? 6.761   -4.615  4.877   1.00 37.81 ? 100 SER A N   1 
ATOM   670  C CA  . SER A 1 94  ? 7.833   -4.926  3.927   1.00 37.77 ? 100 SER A CA  1 
ATOM   671  C C   . SER A 1 94  ? 8.264   -3.749  3.081   1.00 38.91 ? 100 SER A C   1 
ATOM   672  O O   . SER A 1 94  ? 9.344   -3.798  2.478   1.00 39.40 ? 100 SER A O   1 
ATOM   673  C CB  . SER A 1 94  ? 7.449   -6.115  3.007   1.00 37.84 ? 100 SER A CB  1 
ATOM   674  O OG  . SER A 1 94  ? 6.691   -5.748  1.852   1.00 35.53 ? 100 SER A OG  1 
ATOM   675  N N   . LEU A 1 95  ? 7.447   -2.699  3.036   1.00 39.65 ? 101 LEU A N   1 
ATOM   676  C CA  . LEU A 1 95  ? 7.760   -1.520  2.252   1.00 40.66 ? 101 LEU A CA  1 
ATOM   677  C C   . LEU A 1 95  ? 9.074   -0.888  2.680   1.00 41.97 ? 101 LEU A C   1 
ATOM   678  O O   . LEU A 1 95  ? 9.314   -0.671  3.866   1.00 41.08 ? 101 LEU A O   1 
ATOM   679  C CB  . LEU A 1 95  ? 6.641   -0.503  2.391   1.00 41.00 ? 101 LEU A CB  1 
ATOM   680  C CG  . LEU A 1 95  ? 5.289   -0.988  1.804   1.00 41.37 ? 101 LEU A CG  1 
ATOM   681  C CD1 . LEU A 1 95  ? 4.266   0.119   1.937   1.00 42.23 ? 101 LEU A CD1 1 
ATOM   682  C CD2 . LEU A 1 95  ? 5.413   -1.483  0.334   1.00 40.75 ? 101 LEU A CD2 1 
ATOM   683  N N   . MET A 1 96  ? 9.939   -0.629  1.708   1.00 43.37 ? 102 MET A N   1 
ATOM   684  C CA  . MET A 1 96  ? 11.188  0.090   1.973   1.00 45.13 ? 102 MET A CA  1 
ATOM   685  C C   . MET A 1 96  ? 11.233  1.419   1.212   1.00 45.09 ? 102 MET A C   1 
ATOM   686  O O   . MET A 1 96  ? 10.691  1.560   0.094   1.00 45.03 ? 102 MET A O   1 
ATOM   687  C CB  . MET A 1 96  ? 12.411  -0.784  1.634   1.00 45.65 ? 102 MET A CB  1 
ATOM   688  C CG  . MET A 1 96  ? 12.526  -2.066  2.498   1.00 48.69 ? 102 MET A CG  1 
ATOM   689  S SD  . MET A 1 96  ? 13.277  -1.922  4.173   1.00 55.62 ? 102 MET A SD  1 
ATOM   690  C CE  . MET A 1 96  ? 14.798  -3.106  4.112   1.00 54.94 ? 102 MET A CE  1 
ATOM   691  N N   . ASN A 1 97  ? 11.861  2.409   1.844   1.00 45.41 ? 103 ASN A N   1 
ATOM   692  C CA  . ASN A 1 97  ? 12.188  3.657   1.166   1.00 45.09 ? 103 ASN A CA  1 
ATOM   693  C C   . ASN A 1 97  ? 10.950  4.379   0.660   1.00 44.86 ? 103 ASN A C   1 
ATOM   694  O O   . ASN A 1 97  ? 10.841  4.676   -0.532  1.00 44.07 ? 103 ASN A O   1 
ATOM   695  C CB  . ASN A 1 97  ? 13.149  3.385   -0.028  1.00 45.23 ? 103 ASN A CB  1 
ATOM   696  C CG  . ASN A 1 97  ? 14.563  3.019   0.409   1.00 44.99 ? 103 ASN A CG  1 
ATOM   697  O OD1 . ASN A 1 97  ? 15.183  2.168   -0.200  1.00 45.76 ? 103 ASN A OD1 1 
ATOM   698  N ND2 . ASN A 1 97  ? 15.084  3.686   1.440   1.00 43.97 ? 103 ASN A ND2 1 
ATOM   699  N N   . VAL A 1 98  ? 10.021  4.674   1.563   1.00 45.13 ? 104 VAL A N   1 
ATOM   700  C CA  . VAL A 1 98  ? 8.823   5.379   1.160   1.00 44.69 ? 104 VAL A CA  1 
ATOM   701  C C   . VAL A 1 98  ? 9.019   6.838   1.530   1.00 45.13 ? 104 VAL A C   1 
ATOM   702  O O   . VAL A 1 98  ? 9.242   7.155   2.678   1.00 44.11 ? 104 VAL A O   1 
ATOM   703  C CB  . VAL A 1 98  ? 7.509   4.688   1.668   1.00 44.73 ? 104 VAL A CB  1 
ATOM   704  C CG1 . VAL A 1 98  ? 7.800   3.267   2.227   1.00 44.75 ? 104 VAL A CG1 1 
ATOM   705  C CG2 . VAL A 1 98  ? 6.759   5.518   2.643   1.00 44.44 ? 104 VAL A CG2 1 
ATOM   706  N N   . ASP A 1 99  ? 9.023   7.693   0.504   1.00 46.12 ? 105 ASP A N   1 
ATOM   707  C CA  . ASP A 1 99  ? 9.198   9.138   0.646   1.00 46.84 ? 105 ASP A CA  1 
ATOM   708  C C   . ASP A 1 99  ? 7.854   9.847   0.692   1.00 46.92 ? 105 ASP A C   1 
ATOM   709  O O   . ASP A 1 99  ? 6.937   9.528   -0.055  1.00 46.80 ? 105 ASP A O   1 
ATOM   710  C CB  . ASP A 1 99  ? 9.947   9.752   -0.559  1.00 47.24 ? 105 ASP A CB  1 
ATOM   711  C CG  . ASP A 1 99  ? 11.196  8.989   -0.966  1.00 49.11 ? 105 ASP A CG  1 
ATOM   712  O OD1 . ASP A 1 99  ? 11.302  8.656   -2.163  1.00 52.54 ? 105 ASP A OD1 1 
ATOM   713  O OD2 . ASP A 1 99  ? 12.134  8.702   -0.191  1.00 50.19 ? 105 ASP A OD2 1 
ATOM   714  N N   . ARG A 1 100 ? 7.762   10.857  1.532   1.00 47.26 ? 106 ARG A N   1 
ATOM   715  C CA  . ARG A 1 100 ? 6.621   11.721  1.521   1.00 47.61 ? 106 ARG A CA  1 
ATOM   716  C C   . ARG A 1 100 ? 6.945   12.720  0.403   1.00 47.31 ? 106 ARG A C   1 
ATOM   717  O O   . ARG A 1 100 ? 7.934   13.429  0.481   1.00 47.61 ? 106 ARG A O   1 
ATOM   718  C CB  . ARG A 1 100 ? 6.481   12.381  2.889   1.00 47.91 ? 106 ARG A CB  1 
ATOM   719  C CG  . ARG A 1 100 ? 5.077   12.786  3.263   1.00 49.59 ? 106 ARG A CG  1 
ATOM   720  C CD  . ARG A 1 100 ? 4.884   14.229  3.695   1.00 52.31 ? 106 ARG A CD  1 
ATOM   721  N NE  . ARG A 1 100 ? 6.111   15.022  3.866   1.00 56.04 ? 106 ARG A NE  1 
ATOM   722  C CZ  . ARG A 1 100 ? 6.415   15.769  4.942   1.00 57.99 ? 106 ARG A CZ  1 
ATOM   723  N NH1 . ARG A 1 100 ? 7.555   16.437  4.957   1.00 58.95 ? 106 ARG A NH1 1 
ATOM   724  N NH2 . ARG A 1 100 ? 5.599   15.868  5.996   1.00 59.05 ? 106 ARG A NH2 1 
ATOM   725  N N   . LEU A 1 101 ? 6.165   12.689  -0.670  1.00 47.17 ? 107 LEU A N   1 
ATOM   726  C CA  . LEU A 1 101 ? 6.350   13.537  -1.846  1.00 46.93 ? 107 LEU A CA  1 
ATOM   727  C C   . LEU A 1 101 ? 5.560   14.851  -1.811  1.00 47.09 ? 107 LEU A C   1 
ATOM   728  O O   . LEU A 1 101 ? 5.713   15.685  -2.711  1.00 46.74 ? 107 LEU A O   1 
ATOM   729  C CB  . LEU A 1 101 ? 5.910   12.762  -3.096  1.00 47.02 ? 107 LEU A CB  1 
ATOM   730  C CG  . LEU A 1 101 ? 6.574   11.407  -3.391  1.00 48.48 ? 107 LEU A CG  1 
ATOM   731  C CD1 . LEU A 1 101 ? 6.505   11.025  -4.891  1.00 47.56 ? 107 LEU A CD1 1 
ATOM   732  C CD2 . LEU A 1 101 ? 8.041   11.419  -2.921  1.00 49.07 ? 107 LEU A CD2 1 
ATOM   733  N N   . GLY A 1 102 ? 4.704   15.027  -0.802  1.00 47.38 ? 108 GLY A N   1 
ATOM   734  C CA  . GLY A 1 102 ? 3.912   16.247  -0.665  1.00 47.65 ? 108 GLY A CA  1 
ATOM   735  C C   . GLY A 1 102 ? 2.758   16.160  0.333   1.00 48.09 ? 108 GLY A C   1 
ATOM   736  O O   . GLY A 1 102 ? 2.152   15.109  0.526   1.00 47.14 ? 108 GLY A O   1 
ATOM   737  N N   . ILE A 1 103 ? 2.438   17.293  0.954   1.00 48.76 ? 109 ILE A N   1 
ATOM   738  C CA  . ILE A 1 103 ? 1.320   17.383  1.917   1.00 49.48 ? 109 ILE A CA  1 
ATOM   739  C C   . ILE A 1 103 ? 0.361   18.452  1.430   1.00 50.10 ? 109 ILE A C   1 
ATOM   740  O O   . ILE A 1 103 ? 0.789   19.545  1.024   1.00 51.33 ? 109 ILE A O   1 
ATOM   741  C CB  . ILE A 1 103 ? 1.867   17.785  3.334   1.00 49.18 ? 109 ILE A CB  1 
ATOM   742  C CG1 . ILE A 1 103 ? 2.577   16.618  4.007   1.00 49.55 ? 109 ILE A CG1 1 
ATOM   743  C CG2 . ILE A 1 103 ? 0.784   18.338  4.255   1.00 49.01 ? 109 ILE A CG2 1 
ATOM   744  C CD1 . ILE A 1 103 ? 1.739   15.356  4.250   1.00 49.98 ? 109 ILE A CD1 1 
ATOM   745  N N   . TYR A 1 104 ? -0.929  18.177  1.499   1.00 50.20 ? 110 TYR A N   1 
ATOM   746  C CA  . TYR A 1 104 ? -1.924  19.190  1.174   1.00 49.82 ? 110 TYR A CA  1 
ATOM   747  C C   . TYR A 1 104 ? -3.046  19.290  2.199   1.00 49.75 ? 110 TYR A C   1 
ATOM   748  O O   . TYR A 1 104 ? -3.753  18.332  2.434   1.00 49.25 ? 110 TYR A O   1 
ATOM   749  C CB  . TYR A 1 104 ? -2.560  18.841  -0.158  1.00 49.75 ? 110 TYR A CB  1 
ATOM   750  C CG  . TYR A 1 104 ? -3.616  19.829  -0.545  1.00 48.21 ? 110 TYR A CG  1 
ATOM   751  C CD1 . TYR A 1 104 ? -3.284  21.159  -0.884  1.00 46.86 ? 110 TYR A CD1 1 
ATOM   752  C CD2 . TYR A 1 104 ? -4.946  19.452  -0.545  1.00 46.80 ? 110 TYR A CD2 1 
ATOM   753  C CE1 . TYR A 1 104 ? -4.290  22.085  -1.254  1.00 47.40 ? 110 TYR A CE1 1 
ATOM   754  C CE2 . TYR A 1 104 ? -5.945  20.343  -0.890  1.00 47.43 ? 110 TYR A CE2 1 
ATOM   755  C CZ  . TYR A 1 104 ? -5.628  21.649  -1.248  1.00 47.95 ? 110 TYR A CZ  1 
ATOM   756  O OH  . TYR A 1 104 ? -6.670  22.464  -1.583  1.00 47.26 ? 110 TYR A OH  1 
ATOM   757  N N   . ILE A 1 105 ? -3.263  20.475  2.746   1.00 50.06 ? 111 ILE A N   1 
ATOM   758  C CA  . ILE A 1 105 ? -4.351  20.694  3.682   1.00 50.16 ? 111 ILE A CA  1 
ATOM   759  C C   . ILE A 1 105 ? -5.527  21.403  2.988   1.00 50.15 ? 111 ILE A C   1 
ATOM   760  O O   . ILE A 1 105 ? -5.391  22.554  2.541   1.00 50.22 ? 111 ILE A O   1 
ATOM   761  C CB  . ILE A 1 105 ? -3.837  21.558  4.846   1.00 50.83 ? 111 ILE A CB  1 
ATOM   762  C CG1 . ILE A 1 105 ? -2.606  20.897  5.495   1.00 52.46 ? 111 ILE A CG1 1 
ATOM   763  C CG2 . ILE A 1 105 ? -4.976  21.856  5.872   1.00 50.04 ? 111 ILE A CG2 1 
ATOM   764  C CD1 . ILE A 1 105 ? -1.261  21.516  5.080   1.00 53.02 ? 111 ILE A CD1 1 
ATOM   765  N N   . ASN A 1 106 ? -6.671  20.730  2.903   1.00 49.76 ? 112 ASN A N   1 
ATOM   766  C CA  . ASN A 1 106 ? -7.920  21.382  2.507   1.00 50.01 ? 112 ASN A CA  1 
ATOM   767  C C   . ASN A 1 106 ? -8.354  22.390  3.604   1.00 50.82 ? 112 ASN A C   1 
ATOM   768  O O   . ASN A 1 106 ? -8.667  21.993  4.747   1.00 50.75 ? 112 ASN A O   1 
ATOM   769  C CB  . ASN A 1 106 ? -9.002  20.329  2.245   1.00 49.87 ? 112 ASN A CB  1 
ATOM   770  C CG  . ASN A 1 106 ? -10.264 20.897  1.615   1.00 49.19 ? 112 ASN A CG  1 
ATOM   771  O OD1 . ASN A 1 106 ? -10.838 20.297  0.709   1.00 49.00 ? 112 ASN A OD1 1 
ATOM   772  N ND2 . ASN A 1 106 ? -10.709 22.034  2.100   1.00 49.10 ? 112 ASN A ND2 1 
ATOM   773  N N   . PRO A 1 107 ? -8.353  23.687  3.279   1.00 51.06 ? 113 PRO A N   1 
ATOM   774  C CA  . PRO A 1 107 ? -8.725  24.723  4.261   1.00 51.14 ? 113 PRO A CA  1 
ATOM   775  C C   . PRO A 1 107 ? -10.192 24.667  4.681   1.00 51.41 ? 113 PRO A C   1 
ATOM   776  O O   . PRO A 1 107 ? -10.530 25.007  5.814   1.00 51.58 ? 113 PRO A O   1 
ATOM   777  C CB  . PRO A 1 107 ? -8.462  26.039  3.518   1.00 50.88 ? 113 PRO A CB  1 
ATOM   778  C CG  . PRO A 1 107 ? -7.636  25.688  2.352   1.00 51.59 ? 113 PRO A CG  1 
ATOM   779  C CD  . PRO A 1 107 ? -8.001  24.272  1.969   1.00 50.99 ? 113 PRO A CD  1 
ATOM   780  N N   . ASN A 1 108 ? -11.049 24.250  3.762   1.00 51.65 ? 114 ASN A N   1 
ATOM   781  C CA  . ASN A 1 108 ? -12.473 24.112  4.025   1.00 51.80 ? 114 ASN A CA  1 
ATOM   782  C C   . ASN A 1 108 ? -12.780 22.979  5.008   1.00 52.02 ? 114 ASN A C   1 
ATOM   783  O O   . ASN A 1 108 ? -13.668 23.106  5.838   1.00 51.90 ? 114 ASN A O   1 
ATOM   784  C CB  . ASN A 1 108 ? -13.224 23.860  2.716   1.00 51.66 ? 114 ASN A CB  1 
ATOM   785  C CG  . ASN A 1 108 ? -13.066 24.995  1.715   1.00 51.61 ? 114 ASN A CG  1 
ATOM   786  O OD1 . ASN A 1 108 ? -14.031 25.404  1.085   1.00 51.66 ? 114 ASN A OD1 1 
ATOM   787  N ND2 . ASN A 1 108 ? -11.849 25.502  1.558   1.00 51.25 ? 114 ASN A ND2 1 
ATOM   788  N N   . ASN A 1 109 ? -12.013 21.895  4.909   1.00 52.30 ? 115 ASN A N   1 
ATOM   789  C CA  . ASN A 1 109 ? -12.234 20.640  5.641   1.00 52.49 ? 115 ASN A CA  1 
ATOM   790  C C   . ASN A 1 109 ? -11.350 20.465  6.897   1.00 51.78 ? 115 ASN A C   1 
ATOM   791  O O   . ASN A 1 109 ? -11.650 19.647  7.772   1.00 51.74 ? 115 ASN A O   1 
ATOM   792  C CB  . ASN A 1 109 ? -11.887 19.499  4.655   1.00 53.13 ? 115 ASN A CB  1 
ATOM   793  C CG  . ASN A 1 109 ? -12.554 18.160  4.998   1.00 55.11 ? 115 ASN A CG  1 
ATOM   794  O OD1 . ASN A 1 109 ? -12.650 17.291  4.124   1.00 58.29 ? 115 ASN A OD1 1 
ATOM   795  N ND2 . ASN A 1 109 ? -13.013 17.986  6.250   1.00 56.19 ? 115 ASN A ND2 1 
ATOM   796  N N   . GLU A 1 110 ? -10.259 21.234  6.961   1.00 51.00 ? 116 GLU A N   1 
ATOM   797  C CA  . GLU A 1 110 ? -9.069  20.899  7.749   1.00 50.22 ? 116 GLU A CA  1 
ATOM   798  C C   . GLU A 1 110 ? -8.573  19.437  7.502   1.00 48.75 ? 116 GLU A C   1 
ATOM   799  O O   . GLU A 1 110 ? -8.109  18.744  8.409   1.00 49.37 ? 116 GLU A O   1 
ATOM   800  C CB  . GLU A 1 110 ? -9.322  21.212  9.233   1.00 50.52 ? 116 GLU A CB  1 
ATOM   801  C CG  . GLU A 1 110 ? -9.033  22.664  9.626   1.00 51.45 ? 116 GLU A CG  1 
ATOM   802  C CD  . GLU A 1 110 ? -9.440  22.989  11.050  1.00 54.24 ? 116 GLU A CD  1 
ATOM   803  O OE1 . GLU A 1 110 ? -9.427  24.185  11.419  1.00 56.76 ? 116 GLU A OE1 1 
ATOM   804  O OE2 . GLU A 1 110 ? -9.782  22.064  11.823  1.00 56.57 ? 116 GLU A OE2 1 
ATOM   805  N N   . GLU A 1 111 ? -8.668  18.990  6.259   1.00 46.66 ? 117 GLU A N   1 
ATOM   806  C CA  . GLU A 1 111 ? -8.286  17.640  5.872   1.00 45.18 ? 117 GLU A CA  1 
ATOM   807  C C   . GLU A 1 111 ? -6.882  17.653  5.244   1.00 44.34 ? 117 GLU A C   1 
ATOM   808  O O   . GLU A 1 111 ? -6.623  18.393  4.305   1.00 44.07 ? 117 GLU A O   1 
ATOM   809  C CB  . GLU A 1 111 ? -9.305  17.058  4.875   1.00 44.81 ? 117 GLU A CB  1 
ATOM   810  C CG  . GLU A 1 111 ? -9.201  15.555  4.650   1.00 41.84 ? 117 GLU A CG  1 
ATOM   811  C CD  . GLU A 1 111 ? -10.121 15.039  3.559   1.00 38.37 ? 117 GLU A CD  1 
ATOM   812  O OE1 . GLU A 1 111 ? -10.026 13.840  3.198   1.00 35.75 ? 117 GLU A OE1 1 
ATOM   813  O OE2 . GLU A 1 111 ? -10.910 15.830  3.038   1.00 33.72 ? 117 GLU A OE2 1 
ATOM   814  N N   . VAL A 1 112 ? -5.997  16.832  5.791   1.00 42.94 ? 118 VAL A N   1 
ATOM   815  C CA  . VAL A 1 112 ? -4.615  16.783  5.391   1.00 42.53 ? 118 VAL A CA  1 
ATOM   816  C C   . VAL A 1 112 ? -4.368  15.513  4.567   1.00 42.12 ? 118 VAL A C   1 
ATOM   817  O O   . VAL A 1 112 ? -4.546  14.407  5.075   1.00 42.54 ? 118 VAL A O   1 
ATOM   818  C CB  . VAL A 1 112 ? -3.699  16.757  6.642   1.00 42.54 ? 118 VAL A CB  1 
ATOM   819  C CG1 . VAL A 1 112 ? -2.235  16.640  6.240   1.00 43.17 ? 118 VAL A CG1 1 
ATOM   820  C CG2 . VAL A 1 112 ? -3.932  17.970  7.488   1.00 42.08 ? 118 VAL A CG2 1 
ATOM   821  N N   . PHE A 1 113 ? -3.986  15.687  3.304   1.00 40.78 ? 119 PHE A N   1 
ATOM   822  C CA  . PHE A 1 113 ? -3.598  14.590  2.441   1.00 40.62 ? 119 PHE A CA  1 
ATOM   823  C C   . PHE A 1 113 ? -2.104  14.457  2.383   1.00 40.62 ? 119 PHE A C   1 
ATOM   824  O O   . PHE A 1 113 ? -1.371  15.425  2.522   1.00 41.74 ? 119 PHE A O   1 
ATOM   825  C CB  . PHE A 1 113 ? -4.064  14.829  1.000   1.00 40.18 ? 119 PHE A CB  1 
ATOM   826  C CG  . PHE A 1 113 ? -5.540  14.950  0.844   1.00 41.15 ? 119 PHE A CG  1 
ATOM   827  C CD1 . PHE A 1 113 ? -6.291  13.890  0.366   1.00 37.20 ? 119 PHE A CD1 1 
ATOM   828  C CD2 . PHE A 1 113 ? -6.203  16.157  1.145   1.00 42.38 ? 119 PHE A CD2 1 
ATOM   829  C CE1 . PHE A 1 113 ? -7.673  14.016  0.226   1.00 39.19 ? 119 PHE A CE1 1 
ATOM   830  C CE2 . PHE A 1 113 ? -7.627  16.276  0.984   1.00 40.00 ? 119 PHE A CE2 1 
ATOM   831  C CZ  . PHE A 1 113 ? -8.339  15.238  0.542   1.00 36.28 ? 119 PHE A CZ  1 
ATOM   832  N N   . ALA A 1 114 ? -1.664  13.256  2.054   1.00 41.06 ? 120 ALA A N   1 
ATOM   833  C CA  . ALA A 1 114 ? -0.251  12.933  1.860   1.00 40.34 ? 120 ALA A CA  1 
ATOM   834  C C   . ALA A 1 114 ? -0.086  12.102  0.587   1.00 40.56 ? 120 ALA A C   1 
ATOM   835  O O   . ALA A 1 114 ? -0.919  11.200  0.286   1.00 40.60 ? 120 ALA A O   1 
ATOM   836  C CB  . ALA A 1 114 ? 0.269   12.158  3.047   1.00 40.49 ? 120 ALA A CB  1 
ATOM   837  N N   . LEU A 1 115 ? 0.965   12.446  -0.153  1.00 39.48 ? 121 LEU A N   1 
ATOM   838  C CA  . LEU A 1 115 ? 1.471   11.687  -1.269  1.00 39.91 ? 121 LEU A CA  1 
ATOM   839  C C   . LEU A 1 115 ? 2.713   11.017  -0.765  1.00 39.86 ? 121 LEU A C   1 
ATOM   840  O O   . LEU A 1 115 ? 3.665   11.671  -0.295  1.00 39.50 ? 121 LEU A O   1 
ATOM   841  C CB  . LEU A 1 115 ? 1.876   12.593  -2.454  1.00 40.23 ? 121 LEU A CB  1 
ATOM   842  C CG  . LEU A 1 115 ? 1.771   12.127  -3.915  1.00 38.35 ? 121 LEU A CG  1 
ATOM   843  C CD1 . LEU A 1 115 ? 2.792   12.891  -4.804  1.00 39.26 ? 121 LEU A CD1 1 
ATOM   844  C CD2 . LEU A 1 115 ? 1.902   10.662  -4.094  1.00 37.44 ? 121 LEU A CD2 1 
ATOM   845  N N   . VAL A 1 116 ? 2.698   9.713   -0.903  1.00 40.01 ? 122 VAL A N   1 
ATOM   846  C CA  . VAL A 1 116 ? 3.769   8.847   -0.469  1.00 40.66 ? 122 VAL A CA  1 
ATOM   847  C C   . VAL A 1 116 ? 4.066   7.965   -1.677  1.00 41.46 ? 122 VAL A C   1 
ATOM   848  O O   . VAL A 1 116 ? 3.244   7.828   -2.586  1.00 41.85 ? 122 VAL A O   1 
ATOM   849  C CB  . VAL A 1 116 ? 3.278   8.047   0.726   1.00 41.26 ? 122 VAL A CB  1 
ATOM   850  C CG1 . VAL A 1 116 ? 3.502   6.569   0.556   1.00 42.76 ? 122 VAL A CG1 1 
ATOM   851  C CG2 . VAL A 1 116 ? 3.868   8.574   2.012   1.00 41.05 ? 122 VAL A CG2 1 
ATOM   852  N N   . ARG A 1 117 ? 5.258   7.395   -1.691  1.00 42.38 ? 123 ARG A N   1 
ATOM   853  C CA  . ARG A 1 117 ? 5.789   6.681   -2.835  1.00 42.42 ? 123 ARG A CA  1 
ATOM   854  C C   . ARG A 1 117 ? 6.780   5.711   -2.251  1.00 41.99 ? 123 ARG A C   1 
ATOM   855  O O   . ARG A 1 117 ? 7.702   6.124   -1.588  1.00 41.43 ? 123 ARG A O   1 
ATOM   856  C CB  . ARG A 1 117 ? 6.487   7.669   -3.748  1.00 43.15 ? 123 ARG A CB  1 
ATOM   857  C CG  . ARG A 1 117 ? 6.717   7.267   -5.197  1.00 45.64 ? 123 ARG A CG  1 
ATOM   858  C CD  . ARG A 1 117 ? 6.799   5.784   -5.475  1.00 49.08 ? 123 ARG A CD  1 
ATOM   859  N NE  . ARG A 1 117 ? 7.606   5.509   -6.664  1.00 51.52 ? 123 ARG A NE  1 
ATOM   860  C CZ  . ARG A 1 117 ? 7.157   5.470   -7.925  1.00 53.82 ? 123 ARG A CZ  1 
ATOM   861  N NH1 . ARG A 1 117 ? 8.014   5.187   -8.905  1.00 54.34 ? 123 ARG A NH1 1 
ATOM   862  N NH2 . ARG A 1 117 ? 5.874   5.696   -8.223  1.00 53.73 ? 123 ARG A NH2 1 
ATOM   863  N N   . ALA A 1 118 ? 6.543   4.421   -2.457  1.00 41.90 ? 124 ALA A N   1 
ATOM   864  C CA  . ALA A 1 118 ? 7.403   3.381   -1.957  1.00 41.61 ? 124 ALA A CA  1 
ATOM   865  C C   . ALA A 1 118 ? 8.429   3.049   -3.042  1.00 42.04 ? 124 ALA A C   1 
ATOM   866  O O   . ALA A 1 118 ? 8.058   2.650   -4.140  1.00 41.53 ? 124 ALA A O   1 
ATOM   867  C CB  . ALA A 1 118 ? 6.590   2.179   -1.617  1.00 40.99 ? 124 ALA A CB  1 
ATOM   868  N N   . ARG A 1 119 ? 9.711   3.209   -2.719  1.00 42.64 ? 125 ARG A N   1 
ATOM   869  C CA  . ARG A 1 119 ? 10.792  2.984   -3.683  1.00 43.83 ? 125 ARG A CA  1 
ATOM   870  C C   . ARG A 1 119 ? 11.038  1.478   -3.938  1.00 43.41 ? 125 ARG A C   1 
ATOM   871  O O   . ARG A 1 119 ? 11.405  1.090   -5.051  1.00 43.68 ? 125 ARG A O   1 
ATOM   872  C CB  . ARG A 1 119 ? 12.112  3.651   -3.221  1.00 44.26 ? 125 ARG A CB  1 
ATOM   873  C CG  . ARG A 1 119 ? 12.238  5.152   -3.462  1.00 46.60 ? 125 ARG A CG  1 
ATOM   874  C CD  . ARG A 1 119 ? 13.676  5.656   -3.383  1.00 49.68 ? 125 ARG A CD  1 
ATOM   875  N NE  . ARG A 1 119 ? 13.799  7.119   -3.293  1.00 53.15 ? 125 ARG A NE  1 
ATOM   876  C CZ  . ARG A 1 119 ? 14.720  7.871   -3.951  1.00 54.11 ? 125 ARG A CZ  1 
ATOM   877  N NH1 . ARG A 1 119 ? 15.622  7.325   -4.757  1.00 54.68 ? 125 ARG A NH1 1 
ATOM   878  N NH2 . ARG A 1 119 ? 14.734  9.192   -3.809  1.00 54.20 ? 125 ARG A NH2 1 
ATOM   879  N N   . GLY A 1 120 ? 10.846  0.654   -2.910  1.00 42.83 ? 126 GLY A N   1 
ATOM   880  C CA  . GLY A 1 120 ? 11.044  -0.781  -3.030  1.00 42.48 ? 126 GLY A CA  1 
ATOM   881  C C   . GLY A 1 120 ? 10.370  -1.553  -1.908  1.00 42.34 ? 126 GLY A C   1 
ATOM   882  O O   . GLY A 1 120 ? 9.500   -1.015  -1.225  1.00 41.05 ? 126 GLY A O   1 
ATOM   883  N N   . PHE A 1 121 ? 10.763  -2.816  -1.727  1.00 42.16 ? 127 PHE A N   1 
ATOM   884  C CA  . PHE A 1 121 ? 10.269  -3.642  -0.617  1.00 42.72 ? 127 PHE A CA  1 
ATOM   885  C C   . PHE A 1 121 ? 11.225  -4.787  -0.293  1.00 43.11 ? 127 PHE A C   1 
ATOM   886  O O   . PHE A 1 121 ? 11.958  -5.235  -1.153  1.00 44.50 ? 127 PHE A O   1 
ATOM   887  C CB  . PHE A 1 121 ? 8.895   -4.229  -0.945  1.00 42.46 ? 127 PHE A CB  1 
ATOM   888  C CG  . PHE A 1 121 ? 8.966   -5.507  -1.712  1.00 41.41 ? 127 PHE A CG  1 
ATOM   889  C CD1 . PHE A 1 121 ? 9.572   -5.540  -2.946  1.00 40.76 ? 127 PHE A CD1 1 
ATOM   890  C CD2 . PHE A 1 121 ? 8.456   -6.673  -1.187  1.00 42.04 ? 127 PHE A CD2 1 
ATOM   891  C CE1 . PHE A 1 121 ? 9.670   -6.700  -3.655  1.00 41.83 ? 127 PHE A CE1 1 
ATOM   892  C CE2 . PHE A 1 121 ? 8.526   -7.840  -1.898  1.00 42.58 ? 127 PHE A CE2 1 
ATOM   893  C CZ  . PHE A 1 121 ? 9.138   -7.860  -3.142  1.00 42.32 ? 127 PHE A CZ  1 
ATOM   894  N N   . ASP A 1 122 ? 11.168  -5.291  0.928   1.00 43.41 ? 128 ASP A N   1 
ATOM   895  C CA  . ASP A 1 122 ? 12.130  -6.278  1.425   1.00 43.84 ? 128 ASP A CA  1 
ATOM   896  C C   . ASP A 1 122 ? 11.478  -7.616  1.162   1.00 43.68 ? 128 ASP A C   1 
ATOM   897  O O   . ASP A 1 122 ? 10.448  -7.896  1.761   1.00 44.01 ? 128 ASP A O   1 
ATOM   898  C CB  . ASP A 1 122 ? 12.343  -6.043  2.934   1.00 43.97 ? 128 ASP A CB  1 
ATOM   899  C CG  . ASP A 1 122 ? 13.337  -6.994  3.565   1.00 44.53 ? 128 ASP A CG  1 
ATOM   900  O OD1 . ASP A 1 122 ? 13.810  -7.943  2.899   1.00 47.26 ? 128 ASP A OD1 1 
ATOM   901  O OD2 . ASP A 1 122 ? 13.711  -6.851  4.752   1.00 44.54 ? 128 ASP A OD2 1 
ATOM   902  N N   . LYS A 1 123 ? 12.025  -8.416  0.251   1.00 43.38 ? 129 LYS A N   1 
ATOM   903  C CA  . LYS A 1 123 ? 11.336  -9.656  -0.140  1.00 43.82 ? 129 LYS A CA  1 
ATOM   904  C C   . LYS A 1 123 ? 11.318  -10.670 1.002   1.00 43.01 ? 129 LYS A C   1 
ATOM   905  O O   . LYS A 1 123 ? 10.382  -11.437 1.134   1.00 42.52 ? 129 LYS A O   1 
ATOM   906  C CB  . LYS A 1 123 ? 11.905  -10.317 -1.423  1.00 44.29 ? 129 LYS A CB  1 
ATOM   907  C CG  . LYS A 1 123 ? 13.216  -9.761  -1.964  1.00 46.57 ? 129 LYS A CG  1 
ATOM   908  C CD  . LYS A 1 123 ? 13.709  -10.529 -3.201  1.00 48.25 ? 129 LYS A CD  1 
ATOM   909  C CE  . LYS A 1 123 ? 15.166  -10.138 -3.571  1.00 49.70 ? 129 LYS A CE  1 
ATOM   910  N NZ  . LYS A 1 123 ? 16.107  -11.312 -3.770  1.00 49.55 ? 129 LYS A NZ  1 
ATOM   911  N N   . ASP A 1 124 ? 12.376  -10.683 1.806   1.00 43.45 ? 130 ASP A N   1 
ATOM   912  C CA  . ASP A 1 124 ? 12.557  -11.696 2.858   1.00 42.76 ? 130 ASP A CA  1 
ATOM   913  C C   . ASP A 1 124 ? 11.681  -11.409 4.071   1.00 42.94 ? 130 ASP A C   1 
ATOM   914  O O   . ASP A 1 124 ? 11.099  -12.323 4.659   1.00 42.18 ? 130 ASP A O   1 
ATOM   915  C CB  . ASP A 1 124 ? 14.015  -11.768 3.274   1.00 43.21 ? 130 ASP A CB  1 
ATOM   916  C CG  . ASP A 1 124 ? 14.931  -12.156 2.131   1.00 41.74 ? 130 ASP A CG  1 
ATOM   917  O OD1 . ASP A 1 124 ? 14.465  -12.839 1.203   1.00 40.86 ? 130 ASP A OD1 1 
ATOM   918  O OD2 . ASP A 1 124 ? 16.120  -11.814 2.077   1.00 38.08 ? 130 ASP A OD2 1 
ATOM   919  N N   . ALA A 1 125 ? 11.563  -10.131 4.429   1.00 43.09 ? 131 ALA A N   1 
ATOM   920  C CA  . ALA A 1 125 ? 10.514  -9.694  5.365   1.00 42.77 ? 131 ALA A CA  1 
ATOM   921  C C   . ALA A 1 125 ? 9.133   -10.024 4.825   1.00 41.52 ? 131 ALA A C   1 
ATOM   922  O O   . ALA A 1 125 ? 8.259   -10.420 5.574   1.00 41.02 ? 131 ALA A O   1 
ATOM   923  C CB  . ALA A 1 125 ? 10.624  -8.203  5.662   1.00 42.54 ? 131 ALA A CB  1 
ATOM   924  N N   . LEU A 1 126 ? 8.907   -9.884  3.526   1.00 41.75 ? 132 LEU A N   1 
ATOM   925  C CA  . LEU A 1 126 ? 7.532   -10.157 3.034   1.00 40.73 ? 132 LEU A CA  1 
ATOM   926  C C   . LEU A 1 126 ? 7.307   -11.647 3.093   1.00 40.91 ? 132 LEU A C   1 
ATOM   927  O O   . LEU A 1 126 ? 6.305   -12.091 3.627   1.00 41.13 ? 132 LEU A O   1 
ATOM   928  C CB  . LEU A 1 126 ? 7.243   -9.619  1.644   1.00 40.78 ? 132 LEU A CB  1 
ATOM   929  C CG  . LEU A 1 126 ? 5.767   -9.851  1.196   1.00 39.87 ? 132 LEU A CG  1 
ATOM   930  C CD1 . LEU A 1 126 ? 4.762   -9.218  2.106   1.00 40.41 ? 132 LEU A CD1 1 
ATOM   931  C CD2 . LEU A 1 126 ? 5.589   -9.344  -0.148  1.00 40.83 ? 132 LEU A CD2 1 
ATOM   932  N N   . SER A 1 127 ? 8.263   -12.419 2.583   1.00 40.64 ? 133 SER A N   1 
ATOM   933  C CA  . SER A 1 127 ? 8.174   -13.870 2.672   1.00 41.05 ? 133 SER A CA  1 
ATOM   934  C C   . SER A 1 127 ? 7.895   -14.304 4.090   1.00 40.34 ? 133 SER A C   1 
ATOM   935  O O   . SER A 1 127 ? 7.093   -15.189 4.291   1.00 40.07 ? 133 SER A O   1 
ATOM   936  C CB  . SER A 1 127 ? 9.426   -14.567 2.151   1.00 40.65 ? 133 SER A CB  1 
ATOM   937  O OG  . SER A 1 127 ? 9.717   -14.129 0.835   1.00 43.74 ? 133 SER A OG  1 
ATOM   938  N N   . GLU A 1 128 ? 8.518   -13.659 5.068   1.00 40.54 ? 134 GLU A N   1 
ATOM   939  C CA  . GLU A 1 128 ? 8.368   -14.094 6.455   1.00 41.11 ? 134 GLU A CA  1 
ATOM   940  C C   . GLU A 1 128 ? 6.977   -13.765 6.971   1.00 40.76 ? 134 GLU A C   1 
ATOM   941  O O   . GLU A 1 128 ? 6.354   -14.613 7.595   1.00 40.67 ? 134 GLU A O   1 
ATOM   942  C CB  . GLU A 1 128 ? 9.436   -13.511 7.366   1.00 40.96 ? 134 GLU A CB  1 
ATOM   943  C CG  . GLU A 1 128 ? 9.597   -14.290 8.666   1.00 44.75 ? 134 GLU A CG  1 
ATOM   944  C CD  . GLU A 1 128 ? 10.214  -15.696 8.498   1.00 47.54 ? 134 GLU A CD  1 
ATOM   945  O OE1 . GLU A 1 128 ? 10.702  -16.266 9.494   1.00 45.49 ? 134 GLU A OE1 1 
ATOM   946  O OE2 . GLU A 1 128 ? 10.201  -16.254 7.376   1.00 50.75 ? 134 GLU A OE2 1 
ATOM   947  N N   . GLY A 1 129 ? 6.485   -12.557 6.687   1.00 40.42 ? 135 GLY A N   1 
ATOM   948  C CA  . GLY A 1 129 ? 5.186   -12.136 7.164   1.00 40.41 ? 135 GLY A CA  1 
ATOM   949  C C   . GLY A 1 129 ? 4.077   -13.023 6.597   1.00 41.07 ? 135 GLY A C   1 
ATOM   950  O O   . GLY A 1 129 ? 3.080   -13.336 7.314   1.00 41.13 ? 135 GLY A O   1 
ATOM   951  N N   . LEU A 1 130 ? 4.261   -13.441 5.333   1.00 39.71 ? 136 LEU A N   1 
ATOM   952  C CA  . LEU A 1 130 ? 3.254   -14.192 4.616   1.00 40.12 ? 136 LEU A CA  1 
ATOM   953  C C   . LEU A 1 130 ? 3.204   -15.610 5.175   1.00 40.34 ? 136 LEU A C   1 
ATOM   954  O O   . LEU A 1 130 ? 2.134   -16.164 5.392   1.00 39.59 ? 136 LEU A O   1 
ATOM   955  C CB  . LEU A 1 130 ? 3.501   -14.160 3.078   1.00 39.77 ? 136 LEU A CB  1 
ATOM   956  C CG  . LEU A 1 130 ? 3.273   -12.822 2.337   1.00 38.47 ? 136 LEU A CG  1 
ATOM   957  C CD1 . LEU A 1 130 ? 3.336   -12.957 0.841   1.00 38.44 ? 136 LEU A CD1 1 
ATOM   958  C CD2 . LEU A 1 130 ? 1.940   -12.152 2.688   1.00 38.75 ? 136 LEU A CD2 1 
ATOM   959  N N   . HIS A 1 131 ? 4.368   -16.190 5.428   1.00 42.11 ? 137 HIS A N   1 
ATOM   960  C CA  . HIS A 1 131 ? 4.423   -17.505 6.039   1.00 43.80 ? 137 HIS A CA  1 
ATOM   961  C C   . HIS A 1 131 ? 3.737   -17.490 7.421   1.00 43.91 ? 137 HIS A C   1 
ATOM   962  O O   . HIS A 1 131 ? 3.038   -18.426 7.751   1.00 44.23 ? 137 HIS A O   1 
ATOM   963  C CB  . HIS A 1 131 ? 5.873   -17.985 6.176   1.00 45.27 ? 137 HIS A CB  1 
ATOM   964  C CG  . HIS A 1 131 ? 6.423   -18.657 4.949   1.00 49.65 ? 137 HIS A CG  1 
ATOM   965  N ND1 . HIS A 1 131 ? 7.524   -18.171 4.265   1.00 55.85 ? 137 HIS A ND1 1 
ATOM   966  C CD2 . HIS A 1 131 ? 6.060   -19.801 4.308   1.00 54.05 ? 137 HIS A CD2 1 
ATOM   967  C CE1 . HIS A 1 131 ? 7.801   -18.975 3.245   1.00 57.70 ? 137 HIS A CE1 1 
ATOM   968  N NE2 . HIS A 1 131 ? 6.930   -19.972 3.249   1.00 56.04 ? 137 HIS A NE2 1 
ATOM   969  N N   . LYS A 1 132 ? 3.934   -16.427 8.214   1.00 44.07 ? 138 LYS A N   1 
ATOM   970  C CA  . LYS A 1 132 ? 3.291   -16.286 9.534   1.00 44.53 ? 138 LYS A CA  1 
ATOM   971  C C   . LYS A 1 132 ? 1.754   -16.225 9.466   1.00 43.62 ? 138 LYS A C   1 
ATOM   972  O O   . LYS A 1 132 ? 1.093   -16.462 10.455  1.00 43.85 ? 138 LYS A O   1 
ATOM   973  C CB  . LYS A 1 132 ? 3.792   -15.025 10.288  1.00 44.88 ? 138 LYS A CB  1 
ATOM   974  C CG  . LYS A 1 132 ? 5.220   -15.083 10.862  1.00 48.90 ? 138 LYS A CG  1 
ATOM   975  C CD  . LYS A 1 132 ? 5.553   -13.796 11.712  1.00 53.79 ? 138 LYS A CD  1 
ATOM   976  C CE  . LYS A 1 132 ? 7.009   -13.283 11.511  1.00 55.61 ? 138 LYS A CE  1 
ATOM   977  N NZ  . LYS A 1 132 ? 7.145   -12.402 10.272  1.00 58.47 ? 138 LYS A NZ  1 
ATOM   978  N N   . MET A 1 133 ? 1.184   -15.863 8.321   1.00 43.30 ? 139 MET A N   1 
ATOM   979  C CA  . MET A 1 133 ? -0.268  -15.808 8.210   1.00 42.39 ? 139 MET A CA  1 
ATOM   980  C C   . MET A 1 133 ? -0.849  -17.010 7.488   1.00 42.04 ? 139 MET A C   1 
ATOM   981  O O   . MET A 1 133 ? -1.985  -16.959 7.035   1.00 42.42 ? 139 MET A O   1 
ATOM   982  C CB  . MET A 1 133 ? -0.722  -14.492 7.570   1.00 41.99 ? 139 MET A CB  1 
ATOM   983  C CG  . MET A 1 133 ? -0.299  -14.255 6.171   1.00 40.18 ? 139 MET A CG  1 
ATOM   984  S SD  . MET A 1 133 ? -1.203  -12.812 5.564   1.00 41.03 ? 139 MET A SD  1 
ATOM   985  C CE  . MET A 1 133 ? -2.700  -13.702 4.987   1.00 36.11 ? 139 MET A CE  1 
ATOM   986  N N   . SER A 1 134 ? -0.062  -18.077 7.387   1.00 41.21 ? 140 SER A N   1 
ATOM   987  C CA  . SER A 1 134 ? -0.558  -19.407 7.026   1.00 41.11 ? 140 SER A CA  1 
ATOM   988  C C   . SER A 1 134 ? -0.696  -19.649 5.526   1.00 40.73 ? 140 SER A C   1 
ATOM   989  O O   . SER A 1 134 ? -1.505  -20.463 5.072   1.00 40.08 ? 140 SER A O   1 
ATOM   990  C CB  . SER A 1 134 ? -1.865  -19.721 7.738   1.00 40.86 ? 140 SER A CB  1 
ATOM   991  O OG  . SER A 1 134 ? -1.718  -19.458 9.100   1.00 42.76 ? 140 SER A OG  1 
ATOM   992  N N   . LEU A 1 135 ? 0.153   -18.965 4.773   1.00 40.85 ? 141 LEU A N   1 
ATOM   993  C CA  . LEU A 1 135 ? 0.372   -19.279 3.361   1.00 40.68 ? 141 LEU A CA  1 
ATOM   994  C C   . LEU A 1 135 ? 1.461   -20.351 3.213   1.00 40.26 ? 141 LEU A C   1 
ATOM   995  O O   . LEU A 1 135 ? 2.511   -20.245 3.853   1.00 39.43 ? 141 LEU A O   1 
ATOM   996  C CB  . LEU A 1 135 ? 0.775   -18.004 2.620   1.00 40.01 ? 141 LEU A CB  1 
ATOM   997  C CG  . LEU A 1 135 ? -0.334  -17.080 2.089   1.00 41.60 ? 141 LEU A CG  1 
ATOM   998  C CD1 . LEU A 1 135 ? -1.737  -17.534 2.462   1.00 42.89 ? 141 LEU A CD1 1 
ATOM   999  C CD2 . LEU A 1 135 ? -0.145  -15.624 2.479   1.00 39.54 ? 141 LEU A CD2 1 
ATOM   1000 N N   . ASP A 1 136 ? 1.130   -21.409 2.459   1.00 40.60 ? 142 ASP A N   1 
ATOM   1001 C CA  . ASP A 1 136 ? 2.050   -22.245 1.647   1.00 40.40 ? 142 ASP A CA  1 
ATOM   1002 C C   . ASP A 1 136 ? 3.299   -21.539 1.270   1.00 40.11 ? 142 ASP A C   1 
ATOM   1003 O O   . ASP A 1 136 ? 3.265   -20.343 0.926   1.00 39.55 ? 142 ASP A O   1 
ATOM   1004 C CB  . ASP A 1 136 ? 1.514   -22.372 0.188   1.00 41.56 ? 142 ASP A CB  1 
ATOM   1005 C CG  . ASP A 1 136 ? 0.616   -23.490 -0.021  1.00 43.02 ? 142 ASP A CG  1 
ATOM   1006 O OD1 . ASP A 1 136 ? 0.252   -24.147 0.957   1.00 47.27 ? 142 ASP A OD1 1 
ATOM   1007 O OD2 . ASP A 1 136 ? 0.224   -23.788 -1.161  1.00 48.44 ? 142 ASP A OD2 1 
ATOM   1008 N N   . ASN A 1 137 ? 4.329   -22.342 1.080   1.00 38.97 ? 143 ASN A N   1 
ATOM   1009 C CA  . ASN A 1 137 ? 5.512   -21.926 0.372   1.00 38.59 ? 143 ASN A CA  1 
ATOM   1010 C C   . ASN A 1 137 ? 5.247   -21.527 -1.061  1.00 37.80 ? 143 ASN A C   1 
ATOM   1011 O O   . ASN A 1 137 ? 5.745   -20.493 -1.496  1.00 37.77 ? 143 ASN A O   1 
ATOM   1012 C CB  . ASN A 1 137 ? 6.484   -23.059 0.419   1.00 39.23 ? 143 ASN A CB  1 
ATOM   1013 C CG  . ASN A 1 137 ? 6.711   -23.524 1.844   1.00 41.45 ? 143 ASN A CG  1 
ATOM   1014 O OD1 . ASN A 1 137 ? 7.162   -22.742 2.674   1.00 42.76 ? 143 ASN A OD1 1 
ATOM   1015 N ND2 . ASN A 1 137 ? 6.319   -24.766 2.156   1.00 45.17 ? 143 ASN A ND2 1 
ATOM   1016 N N   . GLN A 1 138 ? 4.488   -22.355 -1.785  1.00 36.58 ? 144 GLN A N   1 
ATOM   1017 C CA  . GLN A 1 138 ? 4.054   -22.069 -3.156  1.00 36.02 ? 144 GLN A CA  1 
ATOM   1018 C C   . GLN A 1 138 ? 3.368   -20.673 -3.252  1.00 35.86 ? 144 GLN A C   1 
ATOM   1019 O O   . GLN A 1 138 ? 3.879   -19.788 -3.903  1.00 36.34 ? 144 GLN A O   1 
ATOM   1020 C CB  . GLN A 1 138 ? 3.107   -23.170 -3.681  1.00 36.13 ? 144 GLN A CB  1 
ATOM   1021 C CG  . GLN A 1 138 ? 3.227   -23.499 -5.212  1.00 35.63 ? 144 GLN A CG  1 
ATOM   1022 C CD  . GLN A 1 138 ? 1.905   -23.350 -5.987  1.00 35.23 ? 144 GLN A CD  1 
ATOM   1023 O OE1 . GLN A 1 138 ? 1.896   -23.351 -7.216  1.00 37.45 ? 144 GLN A OE1 1 
ATOM   1024 N NE2 . GLN A 1 138 ? 0.809   -23.243 -5.279  1.00 32.21 ? 144 GLN A NE2 1 
ATOM   1025 N N   . ALA A 1 139 ? 2.245   -20.474 -2.568  1.00 35.26 ? 145 ALA A N   1 
ATOM   1026 C CA  . ALA A 1 139 ? 1.619   -19.147 -2.437  1.00 34.44 ? 145 ALA A CA  1 
ATOM   1027 C C   . ALA A 1 139 ? 2.579   -17.969 -2.135  1.00 33.42 ? 145 ALA A C   1 
ATOM   1028 O O   . ALA A 1 139 ? 2.450   -16.939 -2.742  1.00 32.22 ? 145 ALA A O   1 
ATOM   1029 C CB  . ALA A 1 139 ? 0.480   -19.194 -1.371  1.00 33.94 ? 145 ALA A CB  1 
ATOM   1030 N N   . VAL A 1 140 ? 3.502   -18.092 -1.177  1.00 33.28 ? 146 VAL A N   1 
ATOM   1031 C CA  . VAL A 1 140 ? 4.340   -16.940 -0.880  1.00 33.04 ? 146 VAL A CA  1 
ATOM   1032 C C   . VAL A 1 140 ? 5.355   -16.708 -1.998  1.00 33.05 ? 146 VAL A C   1 
ATOM   1033 O O   . VAL A 1 140 ? 5.648   -15.560 -2.316  1.00 33.06 ? 146 VAL A O   1 
ATOM   1034 C CB  . VAL A 1 140 ? 5.004   -16.882 0.532   1.00 32.81 ? 146 VAL A CB  1 
ATOM   1035 C CG1 . VAL A 1 140 ? 4.478   -17.929 1.486   1.00 33.64 ? 146 VAL A CG1 1 
ATOM   1036 C CG2 . VAL A 1 140 ? 6.511   -16.865 0.471   1.00 32.20 ? 146 VAL A CG2 1 
ATOM   1037 N N   . SER A 1 141 ? 5.872   -17.791 -2.584  1.00 32.25 ? 147 SER A N   1 
ATOM   1038 C CA  . SER A 1 141 ? 6.813   -17.688 -3.681  1.00 31.68 ? 147 SER A CA  1 
ATOM   1039 C C   . SER A 1 141 ? 6.128   -16.895 -4.797  1.00 30.11 ? 147 SER A C   1 
ATOM   1040 O O   . SER A 1 141 ? 6.680   -15.950 -5.329  1.00 28.76 ? 147 SER A O   1 
ATOM   1041 C CB  . SER A 1 141 ? 7.257   -19.079 -4.154  1.00 31.69 ? 147 SER A CB  1 
ATOM   1042 O OG  . SER A 1 141 ? 8.291   -19.586 -3.325  1.00 34.07 ? 147 SER A OG  1 
ATOM   1043 N N   . ILE A 1 142 ? 4.892   -17.252 -5.101  1.00 29.85 ? 148 ILE A N   1 
ATOM   1044 C CA  . ILE A 1 142 ? 4.139   -16.579 -6.175  1.00 29.95 ? 148 ILE A CA  1 
ATOM   1045 C C   . ILE A 1 142 ? 3.759   -15.148 -5.795  1.00 28.96 ? 148 ILE A C   1 
ATOM   1046 O O   . ILE A 1 142 ? 3.978   -14.245 -6.582  1.00 28.23 ? 148 ILE A O   1 
ATOM   1047 C CB  . ILE A 1 142 ? 2.919   -17.432 -6.603  1.00 30.26 ? 148 ILE A CB  1 
ATOM   1048 C CG1 . ILE A 1 142 ? 3.434   -18.728 -7.239  1.00 30.74 ? 148 ILE A CG1 1 
ATOM   1049 C CG2 . ILE A 1 142 ? 2.001   -16.670 -7.604  1.00 28.66 ? 148 ILE A CG2 1 
ATOM   1050 C CD1 . ILE A 1 142 ? 2.416   -19.835 -7.224  1.00 31.06 ? 148 ILE A CD1 1 
ATOM   1051 N N   . LEU A 1 143 ? 3.280   -14.944 -4.574  1.00 28.77 ? 149 LEU A N   1 
ATOM   1052 C CA  . LEU A 1 143 ? 2.844   -13.605 -4.129  1.00 28.83 ? 149 LEU A CA  1 
ATOM   1053 C C   . LEU A 1 143 ? 4.025   -12.677 -4.096  1.00 29.51 ? 149 LEU A C   1 
ATOM   1054 O O   . LEU A 1 143 ? 3.977   -11.549 -4.631  1.00 30.62 ? 149 LEU A O   1 
ATOM   1055 C CB  . LEU A 1 143 ? 2.146   -13.613 -2.780  1.00 27.74 ? 149 LEU A CB  1 
ATOM   1056 C CG  . LEU A 1 143 ? 0.900   -14.468 -2.788  1.00 28.69 ? 149 LEU A CG  1 
ATOM   1057 C CD1 . LEU A 1 143 ? 0.550   -14.930 -1.371  1.00 29.12 ? 149 LEU A CD1 1 
ATOM   1058 C CD2 . LEU A 1 143 ? -0.307  -13.795 -3.459  1.00 27.54 ? 149 LEU A CD2 1 
ATOM   1059 N N   . VAL A 1 144 ? 5.107   -13.141 -3.542  1.00 29.60 ? 150 VAL A N   1 
ATOM   1060 C CA  . VAL A 1 144 ? 6.285   -12.293 -3.461  1.00 31.17 ? 150 VAL A CA  1 
ATOM   1061 C C   . VAL A 1 144 ? 6.821   -12.015 -4.866  1.00 32.44 ? 150 VAL A C   1 
ATOM   1062 O O   . VAL A 1 144 ? 7.339   -10.913 -5.174  1.00 33.01 ? 150 VAL A O   1 
ATOM   1063 C CB  . VAL A 1 144 ? 7.396   -12.953 -2.635  1.00 30.63 ? 150 VAL A CB  1 
ATOM   1064 C CG1 . VAL A 1 144 ? 8.698   -12.182 -2.817  1.00 32.02 ? 150 VAL A CG1 1 
ATOM   1065 C CG2 . VAL A 1 144 ? 7.008   -13.009 -1.167  1.00 30.95 ? 150 VAL A CG2 1 
ATOM   1066 N N   . ALA A 1 145 ? 6.745   -13.020 -5.718  1.00 32.16 ? 151 ALA A N   1 
ATOM   1067 C CA  . ALA A 1 145 ? 7.174   -12.775 -7.053  1.00 33.01 ? 151 ALA A CA  1 
ATOM   1068 C C   . ALA A 1 145 ? 6.261   -11.726 -7.791  1.00 33.78 ? 151 ALA A C   1 
ATOM   1069 O O   . ALA A 1 145 ? 6.764   -10.928 -8.620  1.00 33.92 ? 151 ALA A O   1 
ATOM   1070 C CB  . ALA A 1 145 ? 7.323   -14.090 -7.813  1.00 32.86 ? 151 ALA A CB  1 
ATOM   1071 N N   . LYS A 1 146 ? 4.967   -11.666 -7.474  1.00 34.22 ? 152 LYS A N   1 
ATOM   1072 C CA  . LYS A 1 146 ? 4.089   -10.675 -8.107  1.00 34.90 ? 152 LYS A CA  1 
ATOM   1073 C C   . LYS A 1 146 ? 4.368   -9.279  -7.637  1.00 35.30 ? 152 LYS A C   1 
ATOM   1074 O O   . LYS A 1 146 ? 4.282   -8.326  -8.414  1.00 36.23 ? 152 LYS A O   1 
ATOM   1075 C CB  . LYS A 1 146 ? 2.622   -10.975 -7.829  1.00 35.18 ? 152 LYS A CB  1 
ATOM   1076 C CG  . LYS A 1 146 ? 2.170   -12.286 -8.430  1.00 37.80 ? 152 LYS A CG  1 
ATOM   1077 C CD  . LYS A 1 146 ? 2.412   -12.334 -9.903  1.00 40.08 ? 152 LYS A CD  1 
ATOM   1078 C CE  . LYS A 1 146 ? 1.334   -13.110 -10.594 1.00 43.13 ? 152 LYS A CE  1 
ATOM   1079 N NZ  . LYS A 1 146 ? 1.855   -14.346 -11.193 1.00 48.61 ? 152 LYS A NZ  1 
ATOM   1080 N N   . VAL A 1 147 ? 4.702   -9.146  -6.371  1.00 35.51 ? 153 VAL A N   1 
ATOM   1081 C CA  . VAL A 1 147 ? 5.073   -7.854  -5.835  1.00 36.25 ? 153 VAL A CA  1 
ATOM   1082 C C   . VAL A 1 147 ? 6.362   -7.355  -6.462  1.00 36.55 ? 153 VAL A C   1 
ATOM   1083 O O   . VAL A 1 147 ? 6.486   -6.189  -6.771  1.00 37.67 ? 153 VAL A O   1 
ATOM   1084 C CB  . VAL A 1 147 ? 5.184   -7.867  -4.283  1.00 36.03 ? 153 VAL A CB  1 
ATOM   1085 C CG1 . VAL A 1 147 ? 5.488   -6.455  -3.765  1.00 37.22 ? 153 VAL A CG1 1 
ATOM   1086 C CG2 . VAL A 1 147 ? 3.918   -8.446  -3.646  1.00 34.31 ? 153 VAL A CG2 1 
ATOM   1087 N N   . GLU A 1 148 ? 7.315   -8.236  -6.674  1.00 38.21 ? 154 GLU A N   1 
ATOM   1088 C CA  . GLU A 1 148 ? 8.530   -7.879  -7.388  1.00 39.26 ? 154 GLU A CA  1 
ATOM   1089 C C   . GLU A 1 148 ? 8.196   -7.353  -8.789  1.00 39.41 ? 154 GLU A C   1 
ATOM   1090 O O   . GLU A 1 148 ? 8.744   -6.326  -9.192  1.00 40.02 ? 154 GLU A O   1 
ATOM   1091 C CB  . GLU A 1 148 ? 9.460   -9.062  -7.474  1.00 39.36 ? 154 GLU A CB  1 
ATOM   1092 C CG  . GLU A 1 148 ? 10.856  -8.747  -7.993  1.00 44.15 ? 154 GLU A CG  1 
ATOM   1093 C CD  . GLU A 1 148 ? 11.455  -9.851  -8.908  1.00 50.24 ? 154 GLU A CD  1 
ATOM   1094 O OE1 . GLU A 1 148 ? 12.575  -10.387 -8.623  1.00 49.70 ? 154 GLU A OE1 1 
ATOM   1095 O OE2 . GLU A 1 148 ? 10.800  -10.180 -9.940  1.00 53.57 ? 154 GLU A OE2 1 
ATOM   1096 N N   . GLU A 1 149 ? 7.310   -8.038  -9.525  1.00 39.48 ? 155 GLU A N   1 
ATOM   1097 C CA  . GLU A 1 149 ? 6.853   -7.525  -10.822 1.00 39.89 ? 155 GLU A CA  1 
ATOM   1098 C C   . GLU A 1 149 ? 6.281   -6.128  -10.594 1.00 40.05 ? 155 GLU A C   1 
ATOM   1099 O O   . GLU A 1 149 ? 6.540   -5.227  -11.375 1.00 40.81 ? 155 GLU A O   1 
ATOM   1100 C CB  . GLU A 1 149 ? 5.758   -8.377  -11.502 1.00 39.87 ? 155 GLU A CB  1 
ATOM   1101 C CG  . GLU A 1 149 ? 6.162   -9.730  -12.021 1.00 40.16 ? 155 GLU A CG  1 
ATOM   1102 C CD  . GLU A 1 149 ? 5.040   -10.408 -12.820 1.00 42.99 ? 155 GLU A CD  1 
ATOM   1103 O OE1 . GLU A 1 149 ? 4.574   -9.815  -13.826 1.00 45.90 ? 155 GLU A OE1 1 
ATOM   1104 O OE2 . GLU A 1 149 ? 4.629   -11.545 -12.474 1.00 41.68 ? 155 GLU A OE2 1 
ATOM   1105 N N   . ILE A 1 150 ? 5.511   -5.937  -9.524  1.00 39.75 ? 156 ILE A N   1 
ATOM   1106 C CA  . ILE A 1 150 ? 4.868   -4.657  -9.346  1.00 39.53 ? 156 ILE A CA  1 
ATOM   1107 C C   . ILE A 1 150 ? 5.919   -3.562  -9.228  1.00 39.82 ? 156 ILE A C   1 
ATOM   1108 O O   . ILE A 1 150 ? 5.748   -2.493  -9.805  1.00 38.69 ? 156 ILE A O   1 
ATOM   1109 C CB  . ILE A 1 150 ? 3.903   -4.639  -8.152  1.00 39.39 ? 156 ILE A CB  1 
ATOM   1110 C CG1 . ILE A 1 150 ? 2.636   -5.429  -8.499  1.00 38.59 ? 156 ILE A CG1 1 
ATOM   1111 C CG2 . ILE A 1 150 ? 3.557   -3.174  -7.803  1.00 37.39 ? 156 ILE A CG2 1 
ATOM   1112 C CD1 . ILE A 1 150 ? 1.813   -5.853  -7.318  1.00 36.82 ? 156 ILE A CD1 1 
ATOM   1113 N N   . PHE A 1 151 ? 6.999   -3.835  -8.512  1.00 40.57 ? 157 PHE A N   1 
ATOM   1114 C CA  . PHE A 1 151 ? 7.964   -2.783  -8.208  1.00 41.88 ? 157 PHE A CA  1 
ATOM   1115 C C   . PHE A 1 151 ? 8.856   -2.506  -9.423  1.00 43.94 ? 157 PHE A C   1 
ATOM   1116 O O   . PHE A 1 151 ? 9.161   -1.350  -9.693  1.00 45.16 ? 157 PHE A O   1 
ATOM   1117 C CB  . PHE A 1 151 ? 8.784   -3.121  -6.953  1.00 41.57 ? 157 PHE A CB  1 
ATOM   1118 C CG  . PHE A 1 151 ? 8.110   -2.705  -5.672  1.00 40.43 ? 157 PHE A CG  1 
ATOM   1119 C CD1 . PHE A 1 151 ? 7.158   -3.519  -5.074  1.00 39.58 ? 157 PHE A CD1 1 
ATOM   1120 C CD2 . PHE A 1 151 ? 8.386   -1.472  -5.101  1.00 39.12 ? 157 PHE A CD2 1 
ATOM   1121 C CE1 . PHE A 1 151 ? 6.529   -3.123  -3.915  1.00 38.42 ? 157 PHE A CE1 1 
ATOM   1122 C CE2 . PHE A 1 151 ? 7.756   -1.067  -3.969  1.00 37.98 ? 157 PHE A CE2 1 
ATOM   1123 C CZ  . PHE A 1 151 ? 6.828   -1.887  -3.366  1.00 37.01 ? 157 PHE A CZ  1 
ATOM   1124 N N   . LYS A 1 152 ? 9.224   -3.538  -10.181 1.00 45.49 ? 158 LYS A N   1 
ATOM   1125 C CA  . LYS A 1 152 ? 9.969   -3.339  -11.421 1.00 47.53 ? 158 LYS A CA  1 
ATOM   1126 C C   . LYS A 1 152 ? 9.124   -2.628  -12.481 1.00 48.53 ? 158 LYS A C   1 
ATOM   1127 O O   . LYS A 1 152 ? 9.643   -1.815  -13.242 1.00 48.10 ? 158 LYS A O   1 
ATOM   1128 C CB  . LYS A 1 152 ? 10.532  -4.650  -11.964 1.00 47.63 ? 158 LYS A CB  1 
ATOM   1129 C CG  . LYS A 1 152 ? 11.453  -5.366  -10.947 1.00 49.57 ? 158 LYS A CG  1 
ATOM   1130 C CD  . LYS A 1 152 ? 12.871  -5.616  -11.482 1.00 50.47 ? 158 LYS A CD  1 
ATOM   1131 C CE  . LYS A 1 152 ? 13.697  -4.315  -11.514 1.00 51.01 ? 158 LYS A CE  1 
ATOM   1132 N NZ  . LYS A 1 152 ? 14.732  -4.332  -12.585 1.00 48.24 ? 158 LYS A NZ  1 
ATOM   1133 N N   . ASP A 1 153 ? 7.817   -2.869  -12.478 1.00 49.87 ? 159 ASP A N   1 
ATOM   1134 C CA  . ASP A 1 153 ? 6.926   -2.183  -13.414 1.00 51.54 ? 159 ASP A CA  1 
ATOM   1135 C C   . ASP A 1 153 ? 6.871   -0.651  -13.220 1.00 52.26 ? 159 ASP A C   1 
ATOM   1136 O O   . ASP A 1 153 ? 6.329   0.052   -14.075 1.00 52.72 ? 159 ASP A O   1 
ATOM   1137 C CB  . ASP A 1 153 ? 5.526   -2.811  -13.396 1.00 51.86 ? 159 ASP A CB  1 
ATOM   1138 C CG  . ASP A 1 153 ? 5.404   -3.960  -14.373 1.00 54.97 ? 159 ASP A CG  1 
ATOM   1139 O OD1 . ASP A 1 153 ? 5.471   -3.682  -15.602 1.00 57.58 ? 159 ASP A OD1 1 
ATOM   1140 O OD2 . ASP A 1 153 ? 5.297   -5.168  -14.018 1.00 57.57 ? 159 ASP A OD2 1 
ATOM   1141 N N   . SER A 1 154 ? 7.414   -0.147  -12.102 1.00 53.08 ? 160 SER A N   1 
ATOM   1142 C CA  . SER A 1 154 ? 7.917   1.238   -12.023 1.00 53.31 ? 160 SER A CA  1 
ATOM   1143 C C   . SER A 1 154 ? 9.428   1.303   -12.322 1.00 53.68 ? 160 SER A C   1 
ATOM   1144 C CB  . SER A 1 154 ? 7.644   1.810   -10.651 1.00 53.80 ? 160 SER A CB  1 
ATOM   1145 O OG  . SER A 1 154 ? 6.275   1.606   -10.270 1.00 53.96 ? 160 SER A OG  1 
HETATM 1146 O O   . HOH B 2 .   ? 4.349   -14.817 -9.280  1.00 53.39 ? 1   HOH A O   1 
HETATM 1147 O O   . HOH B 2 .   ? -0.590  -22.850 -3.169  1.00 54.95 ? 2   HOH A O   1 
HETATM 1148 O O   . HOH B 2 .   ? -5.208  3.751   4.295   1.00 66.75 ? 3   HOH A O   1 
HETATM 1149 O O   . HOH B 2 .   ? 5.389   5.875   5.430   1.00 63.85 ? 4   HOH A O   1 
HETATM 1150 O O   . HOH B 2 .   ? -10.870 -16.377 5.373   1.00 56.53 ? 5   HOH A O   1 
HETATM 1151 O O   . HOH B 2 .   ? -11.880 16.978  17.397  1.00 56.06 ? 6   HOH A O   1 
HETATM 1152 O O   . HOH B 2 .   ? -14.286 -9.893  2.958   1.00 49.13 ? 173 HOH A O   1 
HETATM 1153 O O   . HOH B 2 .   ? -12.862 22.126  18.455  1.00 51.08 ? 174 HOH A O   1 
HETATM 1154 O O   . HOH B 2 .   ? -3.784  -23.311 -9.721  1.00 69.44 ? 175 HOH A O   1 
HETATM 1155 O O   . HOH B 2 .   ? -13.815 -8.520  5.484   1.00 80.40 ? 176 HOH A O   1 
HETATM 1156 O O   . HOH B 2 .   ? -10.553 -5.882  -6.258  0.50 46.30 ? 177 HOH A O   1 
HETATM 1157 O O   . HOH B 2 .   ? 11.369  -10.809 -5.894  1.00 71.81 ? 178 HOH A O   1 
HETATM 1158 O O   . HOH B 2 .   ? 0.687   -17.263 -10.786 1.00 55.40 ? 179 HOH A O   1 
HETATM 1159 O O   . HOH B 2 .   ? -7.950  21.821  19.600  1.00 77.62 ? 180 HOH A O   1 
HETATM 1160 O O   . HOH B 2 .   ? 9.452   -15.489 -4.795  1.00 62.29 ? 181 HOH A O   1 
HETATM 1161 O O   . HOH B 2 .   ? 10.457  7.233   -4.165  1.00 92.94 ? 182 HOH A O   1 
HETATM 1162 O O   . HOH B 2 .   ? 9.716   -9.235  -11.767 1.00 64.77 ? 183 HOH A O   1 
HETATM 1163 O O   . HOH B 2 .   ? 8.828   2.888   -14.583 1.00 88.02 ? 184 HOH A O   1 
HETATM 1164 O O   . HOH B 2 .   ? 10.950  -19.534 -3.510  1.00 69.77 ? 185 HOH A O   1 
HETATM 1165 O O   . HOH B 2 .   ? -10.376 6.968   -10.643 1.00 67.79 ? 186 HOH A O   1 
HETATM 1166 O O   . HOH B 2 .   ? 12.629  -3.295  -4.030  1.00 65.54 ? 187 HOH A O   1 
HETATM 1167 O O   . HOH B 2 .   ? 14.642  -1.871  -2.336  1.00 78.15 ? 188 HOH A O   1 
HETATM 1168 O O   . HOH B 2 .   ? 6.432   -8.757  6.592   1.00 64.75 ? 189 HOH A O   1 
HETATM 1169 O O   . HOH B 2 .   ? 6.170   -13.293 -11.164 1.00 73.12 ? 190 HOH A O   1 
HETATM 1170 O O   . HOH B 2 .   ? -11.556 -9.107  6.877   1.00 63.70 ? 191 HOH A O   1 
HETATM 1171 O O   . HOH B 2 .   ? 8.302   -19.770 0.117   1.00 78.49 ? 192 HOH A O   1 
HETATM 1172 O O   . HOH B 2 .   ? 8.250   2.527   -6.782  1.00 73.49 ? 193 HOH A O   1 
HETATM 1173 O O   . HOH B 2 .   ? 8.922   -22.095 -1.919  1.00 82.03 ? 194 HOH A O   1 
HETATM 1174 O O   . HOH B 2 .   ? 10.724  -12.670 -7.998  1.00 84.40 ? 195 HOH A O   1 
HETATM 1175 O O   . HOH B 2 .   ? 13.974  -3.151  0.547   1.00 80.91 ? 196 HOH A O   1 
HETATM 1176 O O   . HOH B 2 .   ? 7.047   16.754  -5.340  1.00 87.93 ? 197 HOH A O   1 
HETATM 1177 O O   . HOH B 2 .   ? 8.940   -11.701 -10.724 1.00 60.32 ? 198 HOH A O   1 
HETATM 1178 O O   . HOH B 2 .   ? 2.324   -13.139 -12.941 1.00 68.28 ? 199 HOH A O   1 
HETATM 1179 O O   . HOH B 2 .   ? -7.011  -20.129 -11.291 1.00 68.24 ? 200 HOH A O   1 
# 
